data_9NXO
#
_entry.id   9NXO
#
_cell.length_a   1.00
_cell.length_b   1.00
_cell.length_c   1.00
_cell.angle_alpha   90.00
_cell.angle_beta   90.00
_cell.angle_gamma   90.00
#
_symmetry.space_group_name_H-M   'P 1'
#
_entity_poly.entity_id   1
_entity_poly.type   'polypeptide(L)'
_entity_poly.pdbx_seq_one_letter_code
;MASMAYEGSPIRPSILRAAQNELDMARIARNKLPLAVEGSGLPDRVRRAAQAALENPDRWSRAAQEVAPAAEATGRGALG
RIAGILGGPVSVGIQAAVTPGELGDAERTRAEEMAQASQAVENMGPEVAQEANQWAQGVGQRAAQNATGGPTGAELLSYG
VTPNQPSIEPEITPEVASEAGAAVADEEEANRQVIQQGAAEGLRTGAVSRPEMAQAVVEADAQREGVELKPQELKNRVNE
ELTQMRTMDNDDLSRYVSYALIGTGLLASAIDKTGKAGDMFAASYERQLDRNLQAGINQQKMAAAAADRQIKEKDLERKV
AKDAADVRLGEGNLEVKKGTLEETSRKNTGLLDRWAEEAARGRANLALTQRGQDMANQRAQLQAETTRRGQDMSQENAQL
SSAVRLKTAKISAQARQAAAKAARGEPVTTKDALGILSEVSGSQALGGKKLGKTAQQAIAQTLRNEMRANPGANPIGIIQ
REAAKLQPTGNWFFGGDLDYPAPTR
;
_entity_poly.pdbx_strand_id   A,B,C,D,E,F,G,H,I,J,K,L
#
# COMPACT_ATOMS: atom_id res chain seq x y z
N PRO A 174 -61.87 -16.59 -65.83
CA PRO A 174 -60.63 -17.35 -65.64
C PRO A 174 -60.42 -17.80 -64.20
N GLU A 175 -59.53 -17.11 -63.48
CA GLU A 175 -59.22 -17.41 -62.10
C GLU A 175 -60.15 -16.70 -61.12
N VAL A 176 -61.35 -16.32 -61.57
CA VAL A 176 -62.25 -15.52 -60.74
C VAL A 176 -62.64 -16.29 -59.48
N ALA A 177 -62.99 -17.57 -59.64
CA ALA A 177 -63.36 -18.38 -58.49
C ALA A 177 -62.19 -18.56 -57.53
N SER A 178 -61.00 -18.82 -58.07
CA SER A 178 -59.82 -18.99 -57.23
C SER A 178 -59.50 -17.70 -56.47
N GLU A 179 -59.58 -16.56 -57.16
CA GLU A 179 -59.34 -15.28 -56.49
C GLU A 179 -60.37 -15.03 -55.40
N ALA A 180 -61.64 -15.34 -55.67
CA ALA A 180 -62.68 -15.16 -54.66
C ALA A 180 -62.42 -16.05 -53.45
N GLY A 181 -62.07 -17.31 -53.67
CA GLY A 181 -61.78 -18.19 -52.55
C GLY A 181 -60.57 -17.73 -51.74
N ALA A 182 -59.52 -17.29 -52.42
CA ALA A 182 -58.32 -16.83 -51.72
C ALA A 182 -58.57 -15.53 -50.98
N ALA A 183 -59.47 -14.70 -51.46
CA ALA A 183 -59.78 -13.43 -50.82
C ALA A 183 -60.93 -13.54 -49.82
N VAL A 184 -61.57 -14.71 -49.71
CA VAL A 184 -62.65 -14.85 -48.75
C VAL A 184 -62.33 -15.96 -47.76
N ALA A 185 -62.21 -17.20 -48.25
CA ALA A 185 -62.08 -18.33 -47.34
C ALA A 185 -60.75 -18.31 -46.59
N ASP A 186 -59.73 -17.68 -47.17
CA ASP A 186 -58.40 -17.70 -46.56
C ASP A 186 -58.32 -16.79 -45.35
N GLU A 187 -58.55 -15.49 -45.54
CA GLU A 187 -58.27 -14.51 -44.50
C GLU A 187 -59.50 -13.69 -44.13
N GLU A 188 -60.69 -14.30 -44.16
CA GLU A 188 -61.87 -13.66 -43.60
C GLU A 188 -62.43 -14.44 -42.43
N GLU A 189 -62.75 -15.73 -42.61
CA GLU A 189 -63.26 -16.51 -41.49
C GLU A 189 -62.16 -16.93 -40.53
N ALA A 190 -60.92 -17.08 -41.00
CA ALA A 190 -59.85 -17.51 -40.11
C ALA A 190 -59.60 -16.48 -39.02
N ASN A 191 -59.41 -15.21 -39.42
CA ASN A 191 -59.26 -14.16 -38.44
C ASN A 191 -60.51 -14.01 -37.59
N ARG A 192 -61.68 -14.16 -38.20
CA ARG A 192 -62.93 -14.07 -37.45
C ARG A 192 -62.96 -15.08 -36.31
N GLN A 193 -62.58 -16.32 -36.60
CA GLN A 193 -62.63 -17.35 -35.58
C GLN A 193 -61.51 -17.19 -34.57
N VAL A 194 -60.37 -16.61 -34.99
CA VAL A 194 -59.34 -16.27 -34.02
C VAL A 194 -59.86 -15.25 -33.01
N ILE A 195 -60.56 -14.22 -33.50
CA ILE A 195 -61.16 -13.25 -32.57
C ILE A 195 -62.24 -13.92 -31.74
N GLN A 196 -62.99 -14.87 -32.30
CA GLN A 196 -63.96 -15.59 -31.50
C GLN A 196 -63.30 -16.29 -30.32
N GLN A 197 -62.23 -17.03 -30.59
CA GLN A 197 -61.52 -17.72 -29.52
C GLN A 197 -60.96 -16.73 -28.50
N GLY A 198 -60.38 -15.63 -28.98
CA GLY A 198 -59.83 -14.66 -28.06
C GLY A 198 -60.88 -14.02 -27.17
N ALA A 199 -62.01 -13.66 -27.74
CA ALA A 199 -63.09 -13.08 -26.95
C ALA A 199 -63.65 -14.07 -25.95
N ALA A 200 -63.81 -15.32 -26.36
CA ALA A 200 -64.29 -16.34 -25.43
C ALA A 200 -63.34 -16.48 -24.25
N GLU A 201 -62.04 -16.56 -24.53
CA GLU A 201 -61.06 -16.68 -23.45
C GLU A 201 -61.07 -15.44 -22.56
N GLY A 202 -61.17 -14.25 -23.16
CA GLY A 202 -61.15 -13.04 -22.37
C GLY A 202 -62.35 -12.93 -21.44
N LEU A 203 -63.54 -13.27 -21.93
CA LEU A 203 -64.71 -13.31 -21.06
C LEU A 203 -64.56 -14.38 -20.00
N ARG A 204 -64.02 -15.54 -20.36
CA ARG A 204 -63.89 -16.63 -19.39
C ARG A 204 -62.98 -16.24 -18.24
N THR A 205 -61.83 -15.62 -18.54
CA THR A 205 -60.89 -15.24 -17.51
C THR A 205 -61.13 -13.84 -16.97
N GLY A 206 -62.06 -13.08 -17.55
CA GLY A 206 -62.31 -11.74 -17.07
C GLY A 206 -61.25 -10.72 -17.43
N ALA A 207 -60.32 -11.07 -18.33
CA ALA A 207 -59.28 -10.12 -18.72
C ALA A 207 -59.87 -8.89 -19.39
N VAL A 208 -60.86 -9.10 -20.26
CA VAL A 208 -61.52 -8.01 -20.98
C VAL A 208 -63.00 -8.05 -20.63
N SER A 209 -63.54 -6.91 -20.22
CA SER A 209 -64.93 -6.82 -19.78
C SER A 209 -65.84 -6.48 -20.95
N ARG A 210 -67.15 -6.61 -20.69
CA ARG A 210 -68.15 -6.32 -21.72
C ARG A 210 -68.09 -4.88 -22.24
N PRO A 211 -68.00 -3.84 -21.39
CA PRO A 211 -68.00 -2.48 -21.94
C PRO A 211 -66.88 -2.22 -22.92
N GLU A 212 -65.71 -2.86 -22.74
CA GLU A 212 -64.62 -2.65 -23.70
C GLU A 212 -65.04 -3.13 -25.09
N MET A 213 -65.63 -4.32 -25.18
CA MET A 213 -66.09 -4.80 -26.48
C MET A 213 -67.27 -3.99 -27.01
N ALA A 214 -68.13 -3.50 -26.13
CA ALA A 214 -69.20 -2.63 -26.61
C ALA A 214 -68.63 -1.37 -27.26
N GLN A 215 -67.65 -0.76 -26.60
CA GLN A 215 -67.01 0.42 -27.17
C GLN A 215 -66.30 0.09 -28.48
N ALA A 216 -65.62 -1.05 -28.53
CA ALA A 216 -64.92 -1.44 -29.76
C ALA A 216 -65.90 -1.64 -30.90
N VAL A 217 -67.03 -2.29 -30.63
CA VAL A 217 -68.04 -2.50 -31.66
C VAL A 217 -68.61 -1.17 -32.15
N VAL A 218 -68.88 -0.25 -31.21
CA VAL A 218 -69.42 1.04 -31.61
C VAL A 218 -68.42 1.79 -32.48
N GLU A 219 -67.14 1.78 -32.09
CA GLU A 219 -66.13 2.46 -32.88
C GLU A 219 -65.99 1.83 -34.26
N ALA A 220 -66.03 0.50 -34.33
CA ALA A 220 -65.92 -0.17 -35.62
C ALA A 220 -67.08 0.19 -36.53
N ASP A 221 -68.29 0.21 -35.97
CA ASP A 221 -69.46 0.58 -36.77
C ASP A 221 -69.33 2.02 -37.26
N ALA A 222 -68.90 2.93 -36.38
CA ALA A 222 -68.73 4.32 -36.78
C ALA A 222 -67.70 4.46 -37.89
N GLN A 223 -66.58 3.75 -37.77
CA GLN A 223 -65.56 3.79 -38.82
C GLN A 223 -66.10 3.23 -40.12
N ARG A 224 -66.92 2.17 -40.04
CA ARG A 224 -67.54 1.63 -41.25
C ARG A 224 -68.44 2.67 -41.90
N GLU A 225 -69.21 3.42 -41.09
CA GLU A 225 -70.00 4.51 -41.63
C GLU A 225 -69.17 5.74 -41.98
N GLY A 226 -67.92 5.80 -41.55
CA GLY A 226 -67.04 6.90 -41.90
C GLY A 226 -67.50 8.25 -41.36
N VAL A 227 -68.05 8.26 -40.14
CA VAL A 227 -68.50 9.48 -39.50
C VAL A 227 -67.81 9.62 -38.15
N GLU A 228 -67.26 10.79 -37.88
CA GLU A 228 -66.61 11.05 -36.61
C GLU A 228 -67.66 11.07 -35.50
N LEU A 229 -67.37 10.42 -34.39
CA LEU A 229 -68.35 10.22 -33.33
C LEU A 229 -68.18 11.30 -32.26
N LYS A 230 -69.24 12.04 -32.01
CA LYS A 230 -69.23 13.04 -30.94
C LYS A 230 -69.27 12.31 -29.60
N PRO A 231 -68.46 12.70 -28.62
CA PRO A 231 -68.27 11.85 -27.43
C PRO A 231 -69.54 11.52 -26.65
N GLN A 232 -70.46 12.48 -26.49
CA GLN A 232 -71.55 12.26 -25.56
C GLN A 232 -72.54 11.22 -26.11
N GLU A 233 -73.03 11.43 -27.33
CA GLU A 233 -73.86 10.37 -27.89
C GLU A 233 -73.06 9.12 -28.22
N LEU A 234 -71.73 9.22 -28.29
CA LEU A 234 -70.92 8.00 -28.30
C LEU A 234 -71.17 7.19 -27.03
N LYS A 235 -71.16 7.86 -25.88
CA LYS A 235 -71.53 7.19 -24.64
C LYS A 235 -72.96 6.66 -24.71
N ASN A 236 -73.86 7.42 -25.33
CA ASN A 236 -75.24 6.96 -25.45
C ASN A 236 -75.33 5.65 -26.24
N ARG A 237 -74.66 5.58 -27.39
CA ARG A 237 -74.67 4.35 -28.17
C ARG A 237 -73.99 3.22 -27.41
N VAL A 238 -72.92 3.52 -26.68
CA VAL A 238 -72.28 2.48 -25.89
C VAL A 238 -73.26 1.91 -24.86
N ASN A 239 -74.02 2.78 -24.20
CA ASN A 239 -74.97 2.33 -23.20
C ASN A 239 -76.07 1.49 -23.82
N GLU A 240 -76.63 1.94 -24.94
CA GLU A 240 -77.71 1.17 -25.54
C GLU A 240 -77.20 -0.15 -26.09
N GLU A 241 -75.95 -0.17 -26.57
CA GLU A 241 -75.36 -1.41 -27.06
C GLU A 241 -75.17 -2.37 -25.90
N LEU A 242 -74.75 -1.86 -24.74
CA LEU A 242 -74.61 -2.69 -23.55
C LEU A 242 -75.96 -3.28 -23.13
N THR A 243 -77.01 -2.47 -23.18
CA THR A 243 -78.34 -2.98 -22.89
C THR A 243 -78.72 -4.08 -23.87
N GLN A 244 -78.34 -3.92 -25.14
CA GLN A 244 -78.61 -4.96 -26.13
C GLN A 244 -77.85 -6.24 -25.79
N MET A 245 -76.60 -6.13 -25.37
CA MET A 245 -75.78 -7.30 -25.09
C MET A 245 -76.11 -7.99 -23.77
N ARG A 246 -76.78 -7.30 -22.84
CA ARG A 246 -77.07 -7.92 -21.56
C ARG A 246 -77.94 -9.17 -21.69
N THR A 247 -78.66 -9.32 -22.80
CA THR A 247 -79.56 -10.45 -22.98
C THR A 247 -78.91 -11.62 -23.71
N MET A 248 -77.59 -11.67 -23.77
CA MET A 248 -76.88 -12.75 -24.46
C MET A 248 -75.81 -13.33 -23.55
N ASP A 249 -75.56 -14.62 -23.72
CA ASP A 249 -74.56 -15.32 -22.93
C ASP A 249 -73.17 -15.07 -23.50
N ASN A 250 -72.17 -15.72 -22.89
CA ASN A 250 -70.78 -15.45 -23.25
C ASN A 250 -70.45 -15.92 -24.66
N ASP A 251 -70.85 -17.14 -25.01
CA ASP A 251 -70.52 -17.66 -26.33
C ASP A 251 -71.30 -16.93 -27.44
N ASP A 252 -72.57 -16.64 -27.20
CA ASP A 252 -73.29 -15.81 -28.17
C ASP A 252 -72.64 -14.44 -28.29
N LEU A 253 -72.15 -13.91 -27.17
CA LEU A 253 -71.44 -12.64 -27.21
C LEU A 253 -70.20 -12.74 -28.08
N SER A 254 -69.44 -13.83 -27.97
CA SER A 254 -68.26 -14.00 -28.79
C SER A 254 -68.63 -14.07 -30.27
N ARG A 255 -69.69 -14.82 -30.59
CA ARG A 255 -70.19 -14.83 -31.97
C ARG A 255 -70.49 -13.42 -32.46
N TYR A 256 -71.22 -12.65 -31.65
CA TYR A 256 -71.66 -11.32 -32.07
C TYR A 256 -70.46 -10.42 -32.29
N VAL A 257 -69.50 -10.42 -31.35
CA VAL A 257 -68.33 -9.56 -31.48
C VAL A 257 -67.50 -9.95 -32.69
N SER A 258 -67.31 -11.24 -32.92
CA SER A 258 -66.56 -11.67 -34.10
C SER A 258 -67.22 -11.18 -35.38
N TYR A 259 -68.53 -11.38 -35.50
CA TYR A 259 -69.23 -10.94 -36.69
C TYR A 259 -69.15 -9.44 -36.86
N ALA A 260 -69.34 -8.68 -35.78
CA ALA A 260 -69.34 -7.23 -35.88
C ALA A 260 -67.96 -6.70 -36.27
N LEU A 261 -66.91 -7.24 -35.66
CA LEU A 261 -65.57 -6.75 -35.94
C LEU A 261 -65.04 -7.24 -37.29
N ILE A 262 -65.61 -8.29 -37.85
CA ILE A 262 -65.17 -8.76 -39.16
C ILE A 262 -66.17 -8.50 -40.27
N GLY A 263 -67.42 -8.14 -39.94
CA GLY A 263 -68.45 -7.93 -40.94
C GLY A 263 -68.08 -6.93 -42.01
N THR A 264 -67.90 -7.41 -43.24
CA THR A 264 -67.54 -6.58 -44.38
C THR A 264 -68.25 -7.16 -45.60
N GLY A 265 -67.92 -6.65 -46.78
CA GLY A 265 -68.52 -7.13 -48.01
C GLY A 265 -68.90 -6.05 -48.99
N LEU A 266 -70.18 -5.99 -49.34
CA LEU A 266 -70.72 -5.02 -50.31
C LEU A 266 -70.01 -5.27 -51.65
N LEU A 267 -69.70 -4.22 -52.42
CA LEU A 267 -69.08 -4.37 -53.73
C LEU A 267 -67.93 -3.40 -53.87
N ALA A 268 -66.93 -3.81 -54.65
CA ALA A 268 -65.77 -2.97 -54.95
C ALA A 268 -65.50 -3.01 -56.44
N SER A 269 -65.01 -1.88 -56.96
CA SER A 269 -64.68 -1.71 -58.38
C SER A 269 -65.95 -1.97 -59.21
N ALA A 270 -65.77 -2.43 -60.44
CA ALA A 270 -66.89 -2.73 -61.33
C ALA A 270 -66.63 -4.04 -62.08
N ILE A 271 -66.17 -5.06 -61.34
CA ILE A 271 -65.74 -6.32 -61.93
C ILE A 271 -66.52 -7.48 -61.32
N ASP A 272 -66.23 -8.69 -61.76
CA ASP A 272 -66.87 -9.91 -61.29
C ASP A 272 -66.30 -10.31 -59.93
N LYS A 273 -66.52 -11.57 -59.53
CA LYS A 273 -66.04 -12.21 -58.30
C LYS A 273 -66.96 -11.86 -57.12
N THR A 274 -67.96 -11.01 -57.31
CA THR A 274 -68.86 -10.69 -56.21
C THR A 274 -69.84 -11.82 -55.94
N GLY A 275 -70.38 -12.44 -56.99
CA GLY A 275 -71.38 -13.48 -56.80
C GLY A 275 -70.83 -14.72 -56.11
N LYS A 276 -69.64 -15.17 -56.52
CA LYS A 276 -69.01 -16.31 -55.88
C LYS A 276 -68.71 -16.03 -54.43
N ALA A 277 -68.19 -14.84 -54.14
CA ALA A 277 -67.93 -14.45 -52.75
C ALA A 277 -69.22 -14.48 -51.94
N GLY A 278 -70.30 -13.95 -52.51
CA GLY A 278 -71.56 -13.94 -51.78
C GLY A 278 -72.10 -15.33 -51.51
N ASP A 279 -72.03 -16.21 -52.52
CA ASP A 279 -72.58 -17.55 -52.31
C ASP A 279 -71.73 -18.35 -51.32
N MET A 280 -70.42 -18.13 -51.30
CA MET A 280 -69.63 -18.84 -50.29
C MET A 280 -69.77 -18.22 -48.91
N PHE A 281 -70.03 -16.90 -48.82
CA PHE A 281 -70.51 -16.33 -47.56
C PHE A 281 -71.74 -17.06 -47.06
N ALA A 282 -72.72 -17.25 -47.95
CA ALA A 282 -73.95 -17.93 -47.56
C ALA A 282 -73.66 -19.37 -47.14
N ALA A 283 -72.77 -20.06 -47.86
CA ALA A 283 -72.43 -21.43 -47.52
C ALA A 283 -71.79 -21.51 -46.14
N SER A 284 -70.83 -20.64 -45.86
CA SER A 284 -70.18 -20.63 -44.55
C SER A 284 -71.17 -20.26 -43.45
N TYR A 285 -72.08 -19.33 -43.73
CA TYR A 285 -73.07 -18.94 -42.74
C TYR A 285 -73.95 -20.13 -42.39
N GLU A 286 -74.50 -20.80 -43.42
CA GLU A 286 -75.34 -21.97 -43.19
C GLU A 286 -74.57 -23.08 -42.47
N ARG A 287 -73.28 -23.22 -42.78
CA ARG A 287 -72.44 -24.16 -42.06
C ARG A 287 -72.37 -23.79 -40.59
N GLN A 288 -72.26 -22.50 -40.28
CA GLN A 288 -72.24 -22.10 -38.87
C GLN A 288 -73.56 -22.43 -38.18
N LEU A 289 -74.69 -22.10 -38.81
CA LEU A 289 -75.98 -22.42 -38.16
C LEU A 289 -76.18 -23.93 -37.99
N ASP A 290 -75.87 -24.73 -39.01
CA ASP A 290 -76.18 -26.15 -38.86
C ASP A 290 -75.21 -26.83 -37.91
N ARG A 291 -73.97 -26.34 -37.83
CA ARG A 291 -73.08 -26.79 -36.76
C ARG A 291 -73.65 -26.41 -35.39
N ASN A 292 -74.22 -25.20 -35.28
CA ASN A 292 -74.83 -24.80 -34.02
C ASN A 292 -75.96 -25.74 -33.62
N LEU A 293 -76.82 -26.10 -34.59
CA LEU A 293 -77.91 -27.02 -34.28
C LEU A 293 -77.38 -28.41 -33.91
N GLN A 294 -76.38 -28.91 -34.66
CA GLN A 294 -75.85 -30.23 -34.35
C GLN A 294 -75.14 -30.26 -33.01
N ALA A 295 -74.62 -29.12 -32.56
CA ALA A 295 -74.08 -29.04 -31.20
C ALA A 295 -75.19 -28.93 -30.16
N GLY A 296 -76.28 -28.25 -30.51
CA GLY A 296 -77.40 -28.04 -29.62
C GLY A 296 -78.42 -29.16 -29.60
N ILE A 297 -78.16 -30.27 -30.30
CA ILE A 297 -79.04 -31.43 -30.22
C ILE A 297 -79.15 -31.95 -28.79
N ASN A 298 -78.22 -31.56 -27.91
CA ASN A 298 -78.27 -31.82 -26.47
C ASN A 298 -78.03 -33.29 -26.16
N GLN A 299 -77.61 -33.57 -24.93
CA GLN A 299 -77.38 -34.92 -24.47
C GLN A 299 -78.68 -35.55 -23.95
N GLN A 300 -78.67 -36.87 -23.83
CA GLN A 300 -79.82 -37.64 -23.39
C GLN A 300 -79.45 -38.42 -22.13
N LYS A 301 -80.36 -39.32 -21.73
CA LYS A 301 -80.19 -40.21 -20.58
C LYS A 301 -80.25 -39.46 -19.25
N MET A 302 -80.70 -40.15 -18.21
CA MET A 302 -80.85 -39.60 -16.87
C MET A 302 -79.63 -39.82 -15.98
N ALA A 303 -78.57 -40.43 -16.51
CA ALA A 303 -77.28 -40.60 -15.84
C ALA A 303 -77.35 -41.57 -14.67
N ALA A 304 -78.37 -42.41 -14.62
CA ALA A 304 -78.43 -43.52 -13.67
C ALA A 304 -78.50 -44.88 -14.34
N ALA A 305 -79.09 -44.97 -15.54
CA ALA A 305 -79.05 -46.21 -16.30
C ALA A 305 -77.66 -46.45 -16.89
N ALA A 306 -76.93 -45.39 -17.21
CA ALA A 306 -75.57 -45.55 -17.70
C ALA A 306 -74.67 -46.18 -16.66
N ALA A 307 -74.87 -45.84 -15.39
CA ALA A 307 -74.13 -46.49 -14.32
C ALA A 307 -74.43 -47.98 -14.26
N ASP A 308 -75.70 -48.35 -14.41
CA ASP A 308 -76.06 -49.76 -14.45
C ASP A 308 -75.41 -50.46 -15.64
N ARG A 309 -75.39 -49.80 -16.80
CA ARG A 309 -74.75 -50.39 -17.98
C ARG A 309 -73.27 -50.63 -17.73
N GLN A 310 -72.58 -49.63 -17.17
CA GLN A 310 -71.16 -49.79 -16.89
C GLN A 310 -70.92 -50.91 -15.88
N ILE A 311 -71.77 -50.99 -14.85
CA ILE A 311 -71.65 -52.06 -13.87
C ILE A 311 -71.81 -53.41 -14.54
N LYS A 312 -72.78 -53.54 -15.46
CA LYS A 312 -72.98 -54.80 -16.15
C LYS A 312 -71.77 -55.17 -17.00
N GLU A 313 -71.22 -54.21 -17.76
CA GLU A 313 -70.05 -54.53 -18.57
C GLU A 313 -68.88 -54.95 -17.69
N LYS A 314 -68.66 -54.26 -16.57
CA LYS A 314 -67.61 -54.67 -15.65
C LYS A 314 -67.89 -56.07 -15.09
N ASP A 315 -69.16 -56.40 -14.88
CA ASP A 315 -69.52 -57.73 -14.37
C ASP A 315 -69.12 -58.81 -15.36
N LEU A 316 -69.48 -58.64 -16.63
CA LEU A 316 -69.00 -59.60 -17.63
C LEU A 316 -67.49 -59.54 -17.82
N GLU A 317 -66.84 -58.43 -17.47
CA GLU A 317 -65.38 -58.40 -17.53
C GLU A 317 -64.76 -59.29 -16.46
N ARG A 318 -65.21 -59.16 -15.20
CA ARG A 318 -64.67 -60.03 -14.15
C ARG A 318 -65.08 -61.48 -14.40
N LYS A 319 -66.30 -61.71 -14.86
CA LYS A 319 -66.77 -63.06 -15.16
C LYS A 319 -66.11 -63.58 -16.43
N PRO B 174 -33.74 -51.99 -67.72
CA PRO B 174 -32.35 -51.93 -67.28
C PRO B 174 -32.21 -52.02 -65.76
N GLU B 175 -31.75 -50.93 -65.14
CA GLU B 175 -31.61 -50.85 -63.70
C GLU B 175 -32.90 -50.45 -62.99
N VAL B 176 -34.04 -50.59 -63.67
CA VAL B 176 -35.30 -50.06 -63.15
C VAL B 176 -35.74 -50.83 -61.90
N ALA B 177 -35.50 -52.14 -61.86
CA ALA B 177 -35.85 -52.91 -60.67
C ALA B 177 -34.97 -52.51 -59.48
N SER B 178 -33.68 -52.32 -59.72
CA SER B 178 -32.80 -51.87 -58.65
C SER B 178 -33.18 -50.48 -58.17
N GLU B 179 -33.58 -49.60 -59.09
CA GLU B 179 -34.04 -48.28 -58.70
C GLU B 179 -35.29 -48.38 -57.83
N ALA B 180 -36.23 -49.25 -58.19
CA ALA B 180 -37.42 -49.43 -57.37
C ALA B 180 -37.07 -49.94 -55.98
N GLY B 181 -36.18 -50.94 -55.92
CA GLY B 181 -35.77 -51.46 -54.62
C GLY B 181 -35.10 -50.40 -53.76
N ALA B 182 -34.22 -49.61 -54.35
CA ALA B 182 -33.52 -48.59 -53.58
C ALA B 182 -34.43 -47.42 -53.20
N ALA B 183 -35.49 -47.18 -53.98
CA ALA B 183 -36.42 -46.11 -53.67
C ALA B 183 -37.58 -46.55 -52.80
N VAL B 184 -37.72 -47.85 -52.54
CA VAL B 184 -38.82 -48.31 -51.70
C VAL B 184 -38.27 -48.99 -50.44
N ALA B 185 -37.57 -50.10 -50.62
CA ALA B 185 -37.15 -50.90 -49.48
C ALA B 185 -36.14 -50.16 -48.60
N ASP B 186 -35.45 -49.17 -49.15
CA ASP B 186 -34.42 -48.48 -48.39
C ASP B 186 -35.02 -47.44 -47.45
N GLU B 187 -35.83 -46.53 -47.99
CA GLU B 187 -36.27 -45.38 -47.21
C GLU B 187 -37.79 -45.26 -47.15
N GLU B 188 -38.50 -46.39 -47.16
CA GLU B 188 -39.94 -46.37 -46.87
C GLU B 188 -40.26 -47.16 -45.61
N GLU B 189 -39.89 -48.44 -45.56
CA GLU B 189 -40.19 -49.25 -44.38
C GLU B 189 -39.20 -49.02 -43.25
N ALA B 190 -37.98 -48.57 -43.55
CA ALA B 190 -37.04 -48.26 -42.48
C ALA B 190 -37.54 -47.10 -41.63
N ASN B 191 -37.90 -45.98 -42.27
CA ASN B 191 -38.46 -44.87 -41.53
C ASN B 191 -39.80 -45.22 -40.91
N ARG B 192 -40.59 -46.07 -41.58
CA ARG B 192 -41.86 -46.50 -41.02
C ARG B 192 -41.64 -47.25 -39.71
N GLN B 193 -40.67 -48.16 -39.68
CA GLN B 193 -40.41 -48.92 -38.47
C GLN B 193 -39.81 -48.04 -37.38
N VAL B 194 -38.95 -47.10 -37.76
CA VAL B 194 -38.41 -46.17 -36.78
C VAL B 194 -39.51 -45.34 -36.16
N ILE B 195 -40.45 -44.86 -36.98
CA ILE B 195 -41.58 -44.10 -36.47
C ILE B 195 -42.44 -44.96 -35.56
N GLN B 196 -42.64 -46.22 -35.93
CA GLN B 196 -43.40 -47.13 -35.08
C GLN B 196 -42.74 -47.29 -33.72
N GLN B 197 -41.43 -47.49 -33.70
CA GLN B 197 -40.72 -47.62 -32.43
C GLN B 197 -40.85 -46.37 -31.59
N GLY B 198 -40.68 -45.20 -32.23
CA GLY B 198 -40.78 -43.95 -31.49
C GLY B 198 -42.16 -43.73 -30.91
N ALA B 199 -43.21 -44.02 -31.69
CA ALA B 199 -44.57 -43.86 -31.20
C ALA B 199 -44.86 -44.82 -30.06
N ALA B 200 -44.41 -46.06 -30.18
CA ALA B 200 -44.61 -47.03 -29.11
C ALA B 200 -43.93 -46.56 -27.83
N GLU B 201 -42.70 -46.08 -27.93
CA GLU B 201 -42.00 -45.59 -26.74
C GLU B 201 -42.71 -44.39 -26.15
N GLY B 202 -43.16 -43.46 -27.00
CA GLY B 202 -43.84 -42.28 -26.50
C GLY B 202 -45.13 -42.60 -25.76
N LEU B 203 -45.92 -43.52 -26.32
CA LEU B 203 -47.12 -43.96 -25.61
C LEU B 203 -46.76 -44.69 -24.31
N ARG B 204 -45.73 -45.52 -24.35
CA ARG B 204 -45.37 -46.28 -23.16
C ARG B 204 -44.95 -45.37 -22.02
N THR B 205 -44.14 -44.35 -22.31
CA THR B 205 -43.68 -43.43 -21.28
C THR B 205 -44.60 -42.24 -21.08
N GLY B 206 -45.62 -42.09 -21.91
CA GLY B 206 -46.52 -40.96 -21.76
C GLY B 206 -45.95 -39.63 -22.19
N ALA B 207 -44.80 -39.61 -22.86
CA ALA B 207 -44.22 -38.34 -23.30
C ALA B 207 -45.13 -37.63 -24.28
N VAL B 208 -45.71 -38.36 -25.22
CA VAL B 208 -46.61 -37.81 -26.22
C VAL B 208 -47.97 -38.47 -26.08
N SER B 209 -49.01 -37.64 -26.00
CA SER B 209 -50.36 -38.13 -25.78
C SER B 209 -51.06 -38.43 -27.09
N ARG B 210 -52.22 -39.09 -26.98
CA ARG B 210 -53.00 -39.45 -28.16
C ARG B 210 -53.46 -38.24 -28.98
N PRO B 211 -53.99 -37.17 -28.38
CA PRO B 211 -54.45 -36.04 -29.21
C PRO B 211 -53.36 -35.43 -30.05
N GLU B 212 -52.11 -35.46 -29.60
CA GLU B 212 -51.02 -34.93 -30.42
C GLU B 212 -50.90 -35.68 -31.74
N MET B 213 -50.87 -37.02 -31.67
CA MET B 213 -50.81 -37.77 -32.92
C MET B 213 -52.11 -37.70 -33.71
N ALA B 214 -53.25 -37.54 -33.04
CA ALA B 214 -54.48 -37.33 -33.78
C ALA B 214 -54.39 -36.07 -34.64
N GLN B 215 -53.93 -34.98 -34.03
CA GLN B 215 -53.76 -33.73 -34.75
C GLN B 215 -52.71 -33.86 -35.85
N ALA B 216 -51.61 -34.56 -35.57
CA ALA B 216 -50.57 -34.73 -36.58
C ALA B 216 -51.09 -35.51 -37.77
N VAL B 217 -51.86 -36.58 -37.52
CA VAL B 217 -52.44 -37.37 -38.60
C VAL B 217 -53.40 -36.53 -39.41
N VAL B 218 -54.22 -35.71 -38.74
CA VAL B 218 -55.17 -34.87 -39.46
C VAL B 218 -54.43 -33.88 -40.36
N GLU B 219 -53.39 -33.24 -39.83
CA GLU B 219 -52.62 -32.30 -40.65
C GLU B 219 -51.95 -33.01 -41.81
N ALA B 220 -51.40 -34.21 -41.59
CA ALA B 220 -50.75 -34.94 -42.66
C ALA B 220 -51.74 -35.28 -43.77
N ASP B 221 -52.93 -35.73 -43.40
CA ASP B 221 -53.95 -36.05 -44.39
C ASP B 221 -54.35 -34.80 -45.16
N ALA B 222 -54.55 -33.68 -44.45
CA ALA B 222 -54.93 -32.45 -45.12
C ALA B 222 -53.85 -31.98 -46.10
N GLN B 223 -52.58 -32.06 -45.68
CA GLN B 223 -51.49 -31.68 -46.56
C GLN B 223 -51.42 -32.59 -47.78
N ARG B 224 -51.69 -33.89 -47.57
CA ARG B 224 -51.76 -34.81 -48.70
C ARG B 224 -52.86 -34.40 -49.67
N GLU B 225 -54.00 -33.99 -49.15
CA GLU B 225 -55.07 -33.46 -50.00
C GLU B 225 -54.79 -32.04 -50.48
N GLY B 226 -53.81 -31.36 -49.91
CA GLY B 226 -53.45 -30.02 -50.35
C GLY B 226 -54.55 -28.99 -50.17
N VAL B 227 -55.28 -29.06 -49.05
CA VAL B 227 -56.34 -28.11 -48.76
C VAL B 227 -56.12 -27.52 -47.38
N GLU B 228 -56.22 -26.20 -47.27
CA GLU B 228 -56.07 -25.54 -45.99
C GLU B 228 -57.24 -25.90 -45.08
N LEU B 229 -56.95 -26.08 -43.79
CA LEU B 229 -57.92 -26.62 -42.85
C LEU B 229 -58.46 -25.49 -41.96
N LYS B 230 -59.78 -25.38 -41.93
CA LYS B 230 -60.48 -24.35 -41.17
C LYS B 230 -60.59 -24.81 -39.72
N PRO B 231 -60.45 -23.89 -38.74
CA PRO B 231 -60.36 -24.31 -37.33
C PRO B 231 -61.43 -25.25 -36.77
N GLN B 232 -62.71 -24.90 -36.81
CA GLN B 232 -63.71 -25.76 -36.17
C GLN B 232 -63.73 -27.16 -36.77
N GLU B 233 -63.91 -27.27 -38.08
CA GLU B 233 -63.97 -28.63 -38.60
C GLU B 233 -62.62 -29.32 -38.49
N LEU B 234 -61.53 -28.56 -38.35
CA LEU B 234 -60.27 -29.19 -37.95
C LEU B 234 -60.42 -29.88 -36.60
N LYS B 235 -61.01 -29.19 -35.63
CA LYS B 235 -61.30 -29.82 -34.35
C LYS B 235 -62.23 -31.00 -34.50
N ASN B 236 -63.19 -30.92 -35.43
CA ASN B 236 -64.10 -32.03 -35.65
C ASN B 236 -63.38 -33.26 -36.19
N ARG B 237 -62.47 -33.08 -37.15
CA ARG B 237 -61.68 -34.23 -37.60
C ARG B 237 -60.81 -34.76 -36.46
N VAL B 238 -60.24 -33.87 -35.66
CA VAL B 238 -59.44 -34.32 -34.53
C VAL B 238 -60.28 -35.18 -33.60
N ASN B 239 -61.50 -34.73 -33.30
CA ASN B 239 -62.37 -35.45 -32.38
C ASN B 239 -62.81 -36.79 -32.95
N GLU B 240 -63.18 -36.82 -34.24
CA GLU B 240 -63.63 -38.10 -34.79
C GLU B 240 -62.47 -39.08 -34.91
N GLU B 241 -61.26 -38.55 -35.16
CA GLU B 241 -60.08 -39.41 -35.17
C GLU B 241 -59.79 -39.94 -33.78
N LEU B 242 -60.00 -39.12 -32.75
CA LEU B 242 -59.84 -39.60 -31.38
C LEU B 242 -60.85 -40.70 -31.06
N THR B 243 -62.09 -40.53 -31.50
CA THR B 243 -63.09 -41.58 -31.31
C THR B 243 -62.68 -42.85 -32.05
N GLN B 244 -62.12 -42.70 -33.24
CA GLN B 244 -61.62 -43.86 -33.99
C GLN B 244 -60.49 -44.55 -33.24
N MET B 245 -59.60 -43.77 -32.63
CA MET B 245 -58.45 -44.36 -31.95
C MET B 245 -58.83 -45.01 -30.62
N ARG B 246 -59.89 -44.52 -29.97
CA ARG B 246 -60.23 -45.03 -28.65
C ARG B 246 -60.51 -46.53 -28.64
N THR B 247 -60.85 -47.11 -29.79
CA THR B 247 -61.08 -48.54 -29.89
C THR B 247 -59.83 -49.31 -30.32
N MET B 248 -58.65 -48.72 -30.14
CA MET B 248 -57.39 -49.35 -30.52
C MET B 248 -56.41 -49.29 -29.37
N ASP B 249 -55.58 -50.31 -29.25
CA ASP B 249 -54.57 -50.38 -28.20
C ASP B 249 -53.31 -49.65 -28.65
N ASN B 250 -52.32 -49.61 -27.76
CA ASN B 250 -51.12 -48.82 -28.01
C ASN B 250 -50.33 -49.33 -29.20
N ASP B 251 -50.14 -50.65 -29.31
CA ASP B 251 -49.38 -51.20 -30.42
C ASP B 251 -50.10 -50.97 -31.75
N ASP B 252 -51.40 -51.25 -31.79
CA ASP B 252 -52.17 -50.98 -32.99
C ASP B 252 -52.20 -49.49 -33.31
N LEU B 253 -52.23 -48.65 -32.27
CA LEU B 253 -52.16 -47.21 -32.50
C LEU B 253 -50.84 -46.83 -33.15
N SER B 254 -49.74 -47.43 -32.71
CA SER B 254 -48.45 -47.14 -33.34
C SER B 254 -48.43 -47.61 -34.79
N ARG B 255 -48.98 -48.80 -35.06
CA ARG B 255 -49.09 -49.26 -36.44
C ARG B 255 -49.85 -48.27 -37.30
N TYR B 256 -51.04 -47.87 -36.83
CA TYR B 256 -51.88 -46.96 -37.60
C TYR B 256 -51.19 -45.62 -37.81
N VAL B 257 -50.54 -45.10 -36.77
CA VAL B 257 -49.88 -43.80 -36.88
C VAL B 257 -48.75 -43.87 -37.89
N SER B 258 -47.94 -44.92 -37.84
CA SER B 258 -46.84 -45.06 -38.79
C SER B 258 -47.38 -45.15 -40.21
N TYR B 259 -48.40 -45.97 -40.43
CA TYR B 259 -48.95 -46.11 -41.77
C TYR B 259 -49.51 -44.79 -42.29
N ALA B 260 -50.25 -44.07 -41.44
CA ALA B 260 -50.83 -42.80 -41.87
C ALA B 260 -49.75 -41.76 -42.15
N LEU B 261 -48.72 -41.70 -41.31
CA LEU B 261 -47.69 -40.68 -41.47
C LEU B 261 -46.75 -40.97 -42.63
N ILE B 262 -46.61 -42.22 -43.04
CA ILE B 262 -45.71 -42.56 -44.14
C ILE B 262 -46.44 -43.01 -45.39
N GLY B 263 -47.73 -43.31 -45.32
CA GLY B 263 -48.48 -43.80 -46.48
C GLY B 263 -48.42 -42.88 -47.68
N THR B 264 -47.82 -43.36 -48.76
CA THR B 264 -47.66 -42.59 -49.99
C THR B 264 -47.78 -43.57 -51.15
N GLY B 265 -47.45 -43.12 -52.36
CA GLY B 265 -47.53 -43.98 -53.53
C GLY B 265 -48.13 -43.32 -54.75
N LEU B 266 -49.24 -43.87 -55.22
CA LEU B 266 -49.96 -43.40 -56.42
C LEU B 266 -49.00 -43.53 -57.62
N LEU B 267 -49.03 -42.61 -58.58
CA LEU B 267 -48.24 -42.73 -59.80
C LEU B 267 -47.62 -41.38 -60.12
N ALA B 268 -46.50 -41.42 -60.85
CA ALA B 268 -45.80 -40.22 -61.29
C ALA B 268 -45.41 -40.37 -62.75
N SER B 269 -45.58 -39.28 -63.51
CA SER B 269 -45.23 -39.21 -64.93
C SER B 269 -45.99 -40.30 -65.70
N ALA B 270 -45.42 -40.79 -66.79
CA ALA B 270 -46.05 -41.82 -67.62
C ALA B 270 -45.02 -42.90 -67.96
N ILE B 271 -44.31 -43.37 -66.95
CA ILE B 271 -43.17 -44.27 -67.14
C ILE B 271 -43.27 -45.42 -66.14
N ASP B 272 -42.23 -46.26 -66.08
CA ASP B 272 -42.18 -47.40 -65.17
C ASP B 272 -41.91 -46.90 -63.76
N LYS B 273 -41.48 -47.80 -62.86
CA LYS B 273 -41.34 -47.62 -61.41
C LYS B 273 -42.68 -47.85 -60.71
N THR B 274 -43.66 -48.42 -61.40
CA THR B 274 -45.00 -48.58 -60.85
C THR B 274 -45.32 -50.00 -60.41
N GLY B 275 -45.22 -50.98 -61.31
CA GLY B 275 -45.63 -52.33 -60.97
C GLY B 275 -44.75 -52.98 -59.91
N LYS B 276 -43.43 -52.82 -60.06
CA LYS B 276 -42.51 -53.36 -59.07
C LYS B 276 -42.68 -52.69 -57.72
N ALA B 277 -42.84 -51.36 -57.70
CA ALA B 277 -43.11 -50.68 -56.44
C ALA B 277 -44.39 -51.21 -55.81
N GLY B 278 -45.44 -51.38 -56.61
CA GLY B 278 -46.70 -51.84 -56.06
C GLY B 278 -46.64 -53.24 -55.48
N ASP B 279 -46.06 -54.18 -56.22
CA ASP B 279 -46.09 -55.55 -55.71
C ASP B 279 -45.07 -55.76 -54.60
N MET B 280 -44.02 -54.94 -54.52
CA MET B 280 -43.16 -55.05 -53.35
C MET B 280 -43.78 -54.37 -52.13
N PHE B 281 -44.53 -53.28 -52.32
CA PHE B 281 -45.42 -52.80 -51.26
C PHE B 281 -46.30 -53.93 -50.74
N ALA B 282 -46.93 -54.66 -51.66
CA ALA B 282 -47.75 -55.81 -51.25
C ALA B 282 -46.93 -56.80 -50.45
N ALA B 283 -45.80 -57.24 -51.02
CA ALA B 283 -44.96 -58.24 -50.36
C ALA B 283 -44.68 -57.84 -48.92
N SER B 284 -44.24 -56.60 -48.71
CA SER B 284 -44.01 -56.12 -47.35
C SER B 284 -45.31 -56.13 -46.53
N TYR B 285 -46.43 -55.74 -47.14
CA TYR B 285 -47.68 -55.62 -46.42
C TYR B 285 -48.13 -56.98 -45.88
N GLU B 286 -48.48 -57.92 -46.77
CA GLU B 286 -48.89 -59.19 -46.18
C GLU B 286 -47.74 -59.94 -45.51
N ARG B 287 -46.47 -59.55 -45.69
CA ARG B 287 -45.44 -60.06 -44.78
C ARG B 287 -45.69 -59.60 -43.36
N GLN B 288 -46.04 -58.32 -43.20
CA GLN B 288 -46.39 -57.81 -41.87
C GLN B 288 -47.62 -58.52 -41.30
N LEU B 289 -48.66 -58.69 -42.12
CA LEU B 289 -49.83 -59.41 -41.60
C LEU B 289 -49.51 -60.85 -41.24
N ASP B 290 -48.72 -61.56 -42.05
CA ASP B 290 -48.46 -62.96 -41.72
C ASP B 290 -47.60 -63.09 -40.47
N ARG B 291 -46.64 -62.17 -40.28
CA ARG B 291 -45.91 -62.22 -39.02
C ARG B 291 -46.80 -61.83 -37.85
N ASN B 292 -47.79 -60.96 -38.07
CA ASN B 292 -48.73 -60.64 -37.01
C ASN B 292 -49.50 -61.89 -36.61
N LEU B 293 -49.99 -62.65 -37.59
CA LEU B 293 -50.71 -63.89 -37.28
C LEU B 293 -49.80 -64.90 -36.59
N GLN B 294 -48.55 -65.02 -37.04
CA GLN B 294 -47.65 -66.00 -36.43
C GLN B 294 -47.28 -65.60 -35.00
N ALA B 295 -47.22 -64.30 -34.71
CA ALA B 295 -46.98 -63.85 -33.35
C ALA B 295 -48.22 -63.98 -32.48
N GLY B 296 -49.41 -63.91 -33.08
CA GLY B 296 -50.65 -64.02 -32.35
C GLY B 296 -51.07 -65.42 -31.98
N ILE B 297 -50.21 -66.42 -32.24
CA ILE B 297 -50.54 -67.79 -31.85
C ILE B 297 -50.57 -67.96 -30.34
N ASN B 298 -50.03 -66.98 -29.60
CA ASN B 298 -50.10 -66.94 -28.13
C ASN B 298 -49.32 -68.09 -27.51
N GLN B 299 -49.26 -68.12 -26.18
CA GLN B 299 -48.57 -69.16 -25.45
C GLN B 299 -49.55 -70.25 -25.00
N GLN B 300 -49.00 -71.41 -24.70
CA GLN B 300 -49.78 -72.56 -24.27
C GLN B 300 -49.38 -72.95 -22.85
N LYS B 301 -49.89 -74.10 -22.39
CA LYS B 301 -49.62 -74.67 -21.08
C LYS B 301 -50.24 -73.85 -19.96
N MET B 302 -50.59 -74.52 -18.87
CA MET B 302 -51.21 -73.89 -17.71
C MET B 302 -50.21 -73.42 -16.66
N ALA B 303 -48.91 -73.54 -16.94
CA ALA B 303 -47.83 -73.02 -16.11
C ALA B 303 -47.68 -73.74 -14.78
N ALA B 304 -48.28 -74.93 -14.65
CA ALA B 304 -48.02 -75.80 -13.52
C ALA B 304 -47.38 -77.12 -13.90
N ALA B 305 -47.65 -77.62 -15.10
CA ALA B 305 -46.96 -78.81 -15.58
C ALA B 305 -45.51 -78.50 -15.95
N ALA B 306 -45.25 -77.29 -16.45
CA ALA B 306 -43.87 -76.90 -16.76
C ALA B 306 -43.00 -76.90 -15.51
N ALA B 307 -43.57 -76.48 -14.38
CA ALA B 307 -42.84 -76.55 -13.11
C ALA B 307 -42.50 -78.00 -12.76
N ASP B 308 -43.45 -78.91 -12.98
CA ASP B 308 -43.19 -80.33 -12.73
C ASP B 308 -42.07 -80.85 -13.63
N ARG B 309 -42.09 -80.46 -14.91
CA ARG B 309 -41.03 -80.90 -15.81
C ARG B 309 -39.67 -80.37 -15.36
N GLN B 310 -39.61 -79.08 -14.99
CA GLN B 310 -38.34 -78.52 -14.52
C GLN B 310 -37.86 -79.23 -13.25
N ILE B 311 -38.78 -79.53 -12.34
CA ILE B 311 -38.42 -80.26 -11.13
C ILE B 311 -37.85 -81.63 -11.50
N LYS B 312 -38.47 -82.31 -12.46
CA LYS B 312 -37.99 -83.63 -12.86
C LYS B 312 -36.59 -83.56 -13.47
N GLU B 313 -36.35 -82.56 -14.33
CA GLU B 313 -35.01 -82.43 -14.89
C GLU B 313 -33.98 -82.12 -13.82
N LYS B 314 -34.31 -81.24 -12.88
CA LYS B 314 -33.37 -80.93 -11.80
C LYS B 314 -33.10 -82.15 -10.95
N ASP B 315 -34.12 -82.97 -10.69
CA ASP B 315 -33.93 -84.22 -9.95
C ASP B 315 -33.00 -85.15 -10.71
N LEU B 316 -33.16 -85.24 -12.03
CA LEU B 316 -32.23 -86.04 -12.83
C LEU B 316 -30.81 -85.51 -12.75
N GLU B 317 -30.66 -84.18 -12.66
CA GLU B 317 -29.31 -83.61 -12.53
C GLU B 317 -28.68 -83.97 -11.19
N ARG B 318 -29.41 -83.79 -10.08
CA ARG B 318 -28.85 -84.15 -8.79
C ARG B 318 -28.58 -85.65 -8.71
N LYS B 319 -29.49 -86.46 -9.26
CA LYS B 319 -29.30 -87.91 -9.31
C LYS B 319 -28.14 -88.27 -10.23
N PRO C 174 5.98 -70.85 -58.80
CA PRO C 174 7.04 -70.06 -58.16
C PRO C 174 6.82 -69.88 -56.66
N GLU C 175 6.55 -68.65 -56.24
CA GLU C 175 6.35 -68.31 -54.83
C GLU C 175 4.89 -68.51 -54.40
N VAL C 176 4.14 -69.35 -55.09
CA VAL C 176 2.72 -69.52 -54.77
C VAL C 176 2.56 -70.12 -53.39
N ALA C 177 3.43 -71.06 -53.01
CA ALA C 177 3.36 -71.65 -51.68
C ALA C 177 3.61 -70.60 -50.60
N SER C 178 4.62 -69.76 -50.80
CA SER C 178 4.90 -68.71 -49.81
C SER C 178 3.75 -67.71 -49.73
N GLU C 179 3.17 -67.35 -50.88
CA GLU C 179 2.03 -66.44 -50.87
C GLU C 179 0.84 -67.04 -50.14
N ALA C 180 0.56 -68.33 -50.39
CA ALA C 180 -0.54 -68.99 -49.70
C ALA C 180 -0.31 -69.02 -48.19
N GLY C 181 0.91 -69.37 -47.78
CA GLY C 181 1.20 -69.39 -46.35
C GLY C 181 1.08 -68.02 -45.71
N ALA C 182 1.55 -66.99 -46.41
CA ALA C 182 1.54 -65.65 -45.85
C ALA C 182 0.13 -65.07 -45.79
N ALA C 183 -0.69 -65.33 -46.79
CA ALA C 183 -2.03 -64.76 -46.87
C ALA C 183 -3.10 -65.71 -46.36
N VAL C 184 -2.71 -66.85 -45.78
CA VAL C 184 -3.65 -67.84 -45.28
C VAL C 184 -3.40 -68.16 -43.81
N ALA C 185 -2.14 -68.34 -43.43
CA ALA C 185 -1.82 -68.78 -42.07
C ALA C 185 -1.23 -67.68 -41.19
N ASP C 186 -0.90 -66.52 -41.74
CA ASP C 186 -0.20 -65.50 -40.95
C ASP C 186 -1.16 -64.67 -40.10
N GLU C 187 -2.05 -63.93 -40.74
CA GLU C 187 -2.92 -62.99 -40.05
C GLU C 187 -4.39 -63.40 -40.13
N GLU C 188 -4.64 -64.70 -40.11
CA GLU C 188 -5.98 -65.24 -40.23
C GLU C 188 -6.37 -66.10 -39.04
N GLU C 189 -5.49 -67.01 -38.63
CA GLU C 189 -5.70 -67.73 -37.38
C GLU C 189 -5.13 -67.00 -36.18
N ALA C 190 -4.20 -66.08 -36.38
CA ALA C 190 -3.64 -65.32 -35.27
C ALA C 190 -4.68 -64.38 -34.69
N ASN C 191 -5.30 -63.58 -35.56
CA ASN C 191 -6.39 -62.73 -35.11
C ASN C 191 -7.60 -63.56 -34.69
N ARG C 192 -7.77 -64.75 -35.28
CA ARG C 192 -8.83 -65.64 -34.81
C ARG C 192 -8.60 -66.04 -33.36
N GLN C 193 -7.38 -66.40 -33.01
CA GLN C 193 -7.08 -66.77 -31.63
C GLN C 193 -7.14 -65.57 -30.70
N VAL C 194 -6.70 -64.40 -31.17
CA VAL C 194 -6.81 -63.20 -30.35
C VAL C 194 -8.28 -62.88 -30.07
N ILE C 195 -9.13 -63.00 -31.09
CA ILE C 195 -10.56 -62.80 -30.92
C ILE C 195 -11.12 -63.83 -29.95
N GLN C 196 -10.66 -65.07 -30.04
CA GLN C 196 -11.08 -66.10 -29.10
C GLN C 196 -10.76 -65.71 -27.67
N GLN C 197 -9.52 -65.26 -27.44
CA GLN C 197 -9.12 -64.86 -26.10
C GLN C 197 -9.97 -63.70 -25.60
N GLY C 198 -10.19 -62.70 -26.45
CA GLY C 198 -10.99 -61.55 -26.06
C GLY C 198 -12.42 -61.94 -25.72
N ALA C 199 -13.03 -62.79 -26.54
CA ALA C 199 -14.40 -63.23 -26.29
C ALA C 199 -14.49 -64.04 -25.01
N ALA C 200 -13.51 -64.91 -24.77
CA ALA C 200 -13.51 -65.69 -23.54
C ALA C 200 -13.42 -64.78 -22.32
N GLU C 201 -12.53 -63.78 -22.38
CA GLU C 201 -12.40 -62.86 -21.25
C GLU C 201 -13.67 -62.06 -21.07
N GLY C 202 -14.29 -61.60 -22.16
CA GLY C 202 -15.52 -60.83 -22.05
C GLY C 202 -16.66 -61.64 -21.44
N LEU C 203 -16.77 -62.91 -21.85
CA LEU C 203 -17.75 -63.79 -21.21
C LEU C 203 -17.44 -63.98 -19.73
N ARG C 204 -16.16 -64.17 -19.40
CA ARG C 204 -15.79 -64.49 -18.03
C ARG C 204 -16.07 -63.32 -17.09
N THR C 205 -15.70 -62.11 -17.50
CA THR C 205 -15.87 -60.96 -16.64
C THR C 205 -17.23 -60.28 -16.81
N GLY C 206 -18.03 -60.70 -17.78
CA GLY C 206 -19.33 -60.10 -17.98
C GLY C 206 -19.29 -58.71 -18.58
N ALA C 207 -18.14 -58.26 -19.08
CA ALA C 207 -18.07 -56.93 -19.67
C ALA C 207 -18.95 -56.83 -20.91
N VAL C 208 -18.95 -57.86 -21.75
CA VAL C 208 -19.76 -57.90 -22.96
C VAL C 208 -20.65 -59.13 -22.91
N SER C 209 -21.94 -58.92 -23.16
CA SER C 209 -22.94 -59.96 -22.99
C SER C 209 -23.21 -60.71 -24.30
N ARG C 210 -23.97 -61.79 -24.19
CA ARG C 210 -24.28 -62.62 -25.35
C ARG C 210 -25.04 -61.88 -26.44
N PRO C 211 -26.10 -61.10 -26.15
CA PRO C 211 -26.83 -60.46 -27.24
C PRO C 211 -25.98 -59.54 -28.09
N GLU C 212 -24.96 -58.90 -27.52
CA GLU C 212 -24.07 -58.07 -28.30
C GLU C 212 -23.36 -58.88 -29.38
N MET C 213 -22.81 -60.04 -28.99
CA MET C 213 -22.16 -60.89 -29.97
C MET C 213 -23.15 -61.50 -30.95
N ALA C 214 -24.37 -61.81 -30.51
CA ALA C 214 -25.38 -62.29 -31.46
C ALA C 214 -25.64 -61.25 -32.53
N GLN C 215 -25.82 -60.00 -32.12
CA GLN C 215 -26.06 -58.93 -33.08
C GLN C 215 -24.84 -58.71 -33.98
N ALA C 216 -23.65 -58.78 -33.42
CA ALA C 216 -22.44 -58.61 -34.22
C ALA C 216 -22.32 -59.71 -35.27
N VAL C 217 -22.61 -60.95 -34.89
CA VAL C 217 -22.55 -62.06 -35.82
C VAL C 217 -23.58 -61.88 -36.92
N VAL C 218 -24.79 -61.45 -36.56
CA VAL C 218 -25.83 -61.26 -37.56
C VAL C 218 -25.41 -60.17 -38.55
N GLU C 219 -24.88 -59.06 -38.04
CA GLU C 219 -24.42 -57.99 -38.93
C GLU C 219 -23.29 -58.46 -39.83
N ALA C 220 -22.34 -59.24 -39.27
CA ALA C 220 -21.23 -59.73 -40.08
C ALA C 220 -21.73 -60.64 -41.19
N ASP C 221 -22.67 -61.53 -40.89
CA ASP C 221 -23.22 -62.40 -41.91
C ASP C 221 -23.97 -61.60 -42.98
N ALA C 222 -24.73 -60.60 -42.56
CA ALA C 222 -25.44 -59.77 -43.52
C ALA C 222 -24.48 -59.03 -44.43
N GLN C 223 -23.40 -58.48 -43.88
CA GLN C 223 -22.40 -57.82 -44.70
C GLN C 223 -21.73 -58.80 -45.65
N ARG C 224 -21.50 -60.03 -45.17
CA ARG C 224 -20.94 -61.07 -46.05
C ARG C 224 -21.86 -61.34 -47.23
N GLU C 225 -23.18 -61.39 -46.97
CA GLU C 225 -24.14 -61.54 -48.06
C GLU C 225 -24.37 -60.24 -48.81
N GLY C 226 -23.86 -59.12 -48.31
CA GLY C 226 -24.00 -57.85 -49.01
C GLY C 226 -25.42 -57.39 -49.22
N VAL C 227 -26.28 -57.57 -48.22
CA VAL C 227 -27.67 -57.16 -48.27
C VAL C 227 -27.98 -56.32 -47.05
N GLU C 228 -28.63 -55.19 -47.26
CA GLU C 228 -29.04 -54.34 -46.14
C GLU C 228 -30.14 -55.02 -45.34
N LEU C 229 -30.05 -54.93 -44.02
CA LEU C 229 -30.92 -55.67 -43.12
C LEU C 229 -32.00 -54.73 -42.59
N LYS C 230 -33.26 -55.13 -42.75
CA LYS C 230 -34.39 -54.33 -42.28
C LYS C 230 -34.54 -54.53 -40.78
N PRO C 231 -34.78 -53.46 -40.00
CA PRO C 231 -34.63 -53.57 -38.53
C PRO C 231 -35.48 -54.64 -37.87
N GLN C 232 -36.73 -54.85 -38.31
CA GLN C 232 -37.60 -55.74 -37.55
C GLN C 232 -37.16 -57.19 -37.69
N GLU C 233 -37.04 -57.67 -38.93
CA GLU C 233 -36.49 -59.02 -39.05
C GLU C 233 -35.02 -59.07 -38.67
N LEU C 234 -34.33 -57.94 -38.59
CA LEU C 234 -33.03 -57.93 -37.92
C LEU C 234 -33.15 -58.39 -36.48
N LYS C 235 -34.13 -57.84 -35.75
CA LYS C 235 -34.41 -58.34 -34.42
C LYS C 235 -34.79 -59.82 -34.45
N ASN C 236 -35.50 -60.24 -35.48
CA ASN C 236 -35.87 -61.66 -35.60
C ASN C 236 -34.63 -62.55 -35.71
N ARG C 237 -33.68 -62.16 -36.57
CA ARG C 237 -32.44 -62.94 -36.68
C ARG C 237 -31.66 -62.91 -35.38
N VAL C 238 -31.63 -61.76 -34.70
CA VAL C 238 -30.94 -61.71 -33.42
C VAL C 238 -31.56 -62.69 -32.44
N ASN C 239 -32.89 -62.76 -32.40
CA ASN C 239 -33.57 -63.66 -31.49
C ASN C 239 -33.29 -65.12 -31.83
N GLU C 240 -33.35 -65.48 -33.12
CA GLU C 240 -33.11 -66.88 -33.45
C GLU C 240 -31.66 -67.26 -33.23
N GLU C 241 -30.73 -66.32 -33.44
CA GLU C 241 -29.33 -66.58 -33.13
C GLU C 241 -29.15 -66.78 -31.63
N LEU C 242 -29.86 -66.00 -30.82
CA LEU C 242 -29.75 -66.15 -29.37
C LEU C 242 -30.26 -67.50 -28.92
N THR C 243 -31.41 -67.94 -29.42
CA THR C 243 -31.92 -69.24 -29.00
C THR C 243 -31.09 -70.38 -29.59
N GLN C 244 -30.38 -70.13 -30.70
CA GLN C 244 -29.40 -71.12 -31.17
C GLN C 244 -28.22 -71.20 -30.22
N MET C 245 -27.71 -70.05 -29.78
CA MET C 245 -26.50 -70.00 -28.97
C MET C 245 -26.75 -70.44 -27.53
N ARG C 246 -27.99 -70.39 -27.05
CA ARG C 246 -28.24 -70.78 -25.67
C ARG C 246 -27.83 -72.21 -25.37
N THR C 247 -27.71 -73.06 -26.39
CA THR C 247 -27.35 -74.46 -26.21
C THR C 247 -25.84 -74.69 -26.25
N MET C 248 -25.03 -73.67 -25.96
CA MET C 248 -23.58 -73.79 -25.98
C MET C 248 -22.99 -73.09 -24.77
N ASP C 249 -21.85 -73.61 -24.32
CA ASP C 249 -21.16 -73.05 -23.16
C ASP C 249 -20.30 -71.86 -23.60
N ASN C 250 -19.57 -71.30 -22.63
CA ASN C 250 -18.81 -70.08 -22.89
C ASN C 250 -17.68 -70.33 -23.87
N ASP C 251 -16.90 -71.40 -23.67
CA ASP C 251 -15.79 -71.67 -24.57
C ASP C 251 -16.26 -72.05 -25.96
N ASP C 252 -17.31 -72.86 -26.07
CA ASP C 252 -17.87 -73.13 -27.39
C ASP C 252 -18.41 -71.86 -28.02
N LEU C 253 -18.96 -70.96 -27.19
CA LEU C 253 -19.41 -69.68 -27.71
C LEU C 253 -18.25 -68.89 -28.30
N SER C 254 -17.11 -68.90 -27.62
CA SER C 254 -15.94 -68.21 -28.15
C SER C 254 -15.48 -68.83 -29.46
N ARG C 255 -15.46 -70.17 -29.53
CA ARG C 255 -15.14 -70.84 -30.78
C ARG C 255 -16.04 -70.37 -31.91
N TYR C 256 -17.36 -70.43 -31.68
CA TYR C 256 -18.33 -70.08 -32.71
C TYR C 256 -18.20 -68.63 -33.12
N VAL C 257 -18.05 -67.73 -32.13
CA VAL C 257 -17.96 -66.31 -32.44
C VAL C 257 -16.72 -66.00 -33.26
N SER C 258 -15.58 -66.58 -32.88
CA SER C 258 -14.35 -66.35 -33.63
C SER C 258 -14.50 -66.86 -35.06
N TYR C 259 -15.02 -68.08 -35.22
CA TYR C 259 -15.17 -68.63 -36.57
C TYR C 259 -16.11 -67.78 -37.42
N ALA C 260 -17.23 -67.36 -36.85
CA ALA C 260 -18.18 -66.56 -37.61
C ALA C 260 -17.62 -65.20 -37.98
N LEU C 261 -16.92 -64.56 -37.04
CA LEU C 261 -16.41 -63.21 -37.29
C LEU C 261 -15.21 -63.21 -38.21
N ILE C 262 -14.49 -64.33 -38.33
CA ILE C 262 -13.31 -64.39 -39.19
C ILE C 262 -13.50 -65.29 -40.40
N GLY C 263 -14.56 -66.11 -40.43
CA GLY C 263 -14.78 -67.03 -41.53
C GLY C 263 -14.84 -66.38 -42.89
N THR C 264 -13.88 -66.71 -43.75
CA THR C 264 -13.79 -66.17 -45.09
C THR C 264 -13.30 -67.29 -46.00
N GLY C 265 -12.94 -66.95 -47.24
CA GLY C 265 -12.43 -67.93 -48.17
C GLY C 265 -12.99 -67.79 -49.58
N LEU C 266 -13.63 -68.85 -50.06
CA LEU C 266 -14.20 -68.91 -51.42
C LEU C 266 -13.04 -68.74 -52.41
N LEU C 267 -13.25 -68.05 -53.53
CA LEU C 267 -12.23 -67.88 -54.55
C LEU C 267 -12.17 -66.41 -54.98
N ALA C 268 -10.98 -65.99 -55.40
CA ALA C 268 -10.76 -64.63 -55.88
C ALA C 268 -10.00 -64.67 -57.19
N SER C 269 -10.34 -63.73 -58.08
CA SER C 269 -9.72 -63.60 -59.41
C SER C 269 -9.93 -64.92 -60.17
N ALA C 270 -9.03 -65.24 -61.09
CA ALA C 270 -9.09 -66.47 -61.86
C ALA C 270 -7.72 -67.13 -61.92
N ILE C 271 -7.06 -67.21 -60.75
CA ILE C 271 -5.68 -67.68 -60.67
C ILE C 271 -5.58 -68.82 -59.67
N ASP C 272 -4.37 -69.35 -59.49
CA ASP C 272 -4.10 -70.45 -58.57
C ASP C 272 -4.00 -69.95 -57.14
N LYS C 273 -3.40 -70.76 -56.26
CA LYS C 273 -3.17 -70.54 -54.83
C LYS C 273 -4.40 -70.91 -53.98
N THR C 274 -5.51 -71.31 -54.60
CA THR C 274 -6.68 -71.69 -53.81
C THR C 274 -6.54 -73.09 -53.21
N GLY C 275 -5.95 -74.03 -53.95
CA GLY C 275 -5.99 -75.42 -53.53
C GLY C 275 -5.24 -75.70 -52.24
N LYS C 276 -3.97 -75.31 -52.17
CA LYS C 276 -3.20 -75.57 -50.97
C LYS C 276 -3.65 -74.67 -49.82
N ALA C 277 -4.13 -73.47 -50.13
CA ALA C 277 -4.79 -72.65 -49.12
C ALA C 277 -5.92 -73.44 -48.45
N GLY C 278 -6.78 -74.04 -49.26
CA GLY C 278 -7.90 -74.79 -48.71
C GLY C 278 -7.45 -76.03 -47.95
N ASP C 279 -6.48 -76.77 -48.49
CA ASP C 279 -6.09 -77.99 -47.80
C ASP C 279 -5.38 -77.71 -46.48
N MET C 280 -4.64 -76.60 -46.39
CA MET C 280 -4.02 -76.32 -45.10
C MET C 280 -4.98 -75.59 -44.16
N PHE C 281 -6.00 -74.91 -44.68
CA PHE C 281 -7.18 -74.62 -43.87
C PHE C 281 -7.71 -75.89 -43.22
N ALA C 282 -7.90 -76.94 -44.03
CA ALA C 282 -8.39 -78.21 -43.49
C ALA C 282 -7.41 -78.80 -42.49
N ALA C 283 -6.12 -78.64 -42.73
CA ALA C 283 -5.11 -79.14 -41.79
C ALA C 283 -5.23 -78.44 -40.44
N SER C 284 -5.35 -77.11 -40.46
CA SER C 284 -5.51 -76.37 -39.21
C SER C 284 -6.81 -76.74 -38.50
N TYR C 285 -7.89 -76.90 -39.27
CA TYR C 285 -9.16 -77.31 -38.68
C TYR C 285 -9.05 -78.67 -38.02
N GLU C 286 -8.43 -79.63 -38.72
CA GLU C 286 -8.24 -80.96 -38.15
C GLU C 286 -7.35 -80.90 -36.91
N ARG C 287 -6.34 -80.03 -36.92
CA ARG C 287 -5.52 -79.82 -35.73
C ARG C 287 -6.38 -79.38 -34.56
N GLN C 288 -7.28 -78.42 -34.82
CA GLN C 288 -8.15 -77.92 -33.74
C GLN C 288 -9.04 -79.02 -33.18
N LEU C 289 -9.74 -79.75 -34.05
CA LEU C 289 -10.59 -80.82 -33.55
C LEU C 289 -9.80 -81.91 -32.84
N ASP C 290 -8.64 -82.30 -33.36
CA ASP C 290 -7.90 -83.39 -32.71
C ASP C 290 -7.34 -82.94 -31.36
N ARG C 291 -6.93 -81.67 -31.23
CA ARG C 291 -6.49 -81.23 -29.92
C ARG C 291 -7.66 -81.09 -28.94
N ASN C 292 -8.85 -80.76 -29.44
CA ASN C 292 -10.03 -80.82 -28.57
C ASN C 292 -10.28 -82.24 -28.08
N LEU C 293 -10.17 -83.22 -28.97
CA LEU C 293 -10.34 -84.62 -28.52
C LEU C 293 -9.26 -85.01 -27.52
N GLN C 294 -8.02 -84.59 -27.75
CA GLN C 294 -6.93 -84.96 -26.84
C GLN C 294 -7.05 -84.25 -25.50
N ALA C 295 -7.63 -83.05 -25.47
CA ALA C 295 -7.88 -82.36 -24.22
C ALA C 295 -9.11 -82.87 -23.49
N GLY C 296 -10.07 -83.45 -24.22
CA GLY C 296 -11.26 -84.00 -23.62
C GLY C 296 -11.11 -85.39 -23.03
N ILE C 297 -9.88 -85.92 -22.98
CA ILE C 297 -9.66 -87.23 -22.38
C ILE C 297 -9.93 -87.22 -20.88
N ASN C 298 -10.03 -86.03 -20.29
CA ASN C 298 -10.41 -85.84 -18.88
C ASN C 298 -9.34 -86.39 -17.94
N GLN C 299 -9.48 -86.09 -16.65
CA GLN C 299 -8.57 -86.59 -15.64
C GLN C 299 -9.07 -87.92 -15.08
N GLN C 300 -8.17 -88.66 -14.46
CA GLN C 300 -8.46 -89.97 -13.89
C GLN C 300 -8.23 -89.92 -12.38
N LYS C 301 -8.31 -91.10 -11.75
CA LYS C 301 -8.11 -91.30 -10.33
C LYS C 301 -9.22 -90.66 -9.50
N MET C 302 -9.50 -91.25 -8.34
CA MET C 302 -10.54 -90.79 -7.44
C MET C 302 -10.04 -89.76 -6.42
N ALA C 303 -8.78 -89.34 -6.53
CA ALA C 303 -8.18 -88.27 -5.73
C ALA C 303 -8.00 -88.64 -4.26
N ALA C 304 -8.06 -89.92 -3.93
CA ALA C 304 -7.69 -90.40 -2.60
C ALA C 304 -6.50 -91.34 -2.63
N ALA C 305 -6.32 -92.12 -3.70
CA ALA C 305 -5.13 -92.94 -3.84
C ALA C 305 -3.89 -92.09 -4.09
N ALA C 306 -4.03 -90.99 -4.84
CA ALA C 306 -2.91 -90.10 -5.08
C ALA C 306 -2.38 -89.52 -3.77
N ALA C 307 -3.29 -89.21 -2.84
CA ALA C 307 -2.87 -88.77 -1.51
C ALA C 307 -2.05 -89.84 -0.81
N ASP C 308 -2.47 -91.11 -0.95
CA ASP C 308 -1.71 -92.20 -0.35
C ASP C 308 -0.32 -92.31 -0.95
N ARG C 309 -0.22 -92.17 -2.28
CA ARG C 309 1.10 -92.22 -2.92
C ARG C 309 1.98 -91.07 -2.46
N GLN C 310 1.43 -89.86 -2.37
CA GLN C 310 2.20 -88.72 -1.91
C GLN C 310 2.65 -88.92 -0.46
N ILE C 311 1.78 -89.47 0.38
CA ILE C 311 2.16 -89.76 1.76
C ILE C 311 3.29 -90.77 1.80
N LYS C 312 3.23 -91.79 0.95
CA LYS C 312 4.29 -92.79 0.91
C LYS C 312 5.62 -92.18 0.48
N GLU C 313 5.58 -91.28 -0.53
CA GLU C 313 6.81 -90.62 -0.94
C GLU C 313 7.39 -89.77 0.18
N LYS C 314 6.55 -89.01 0.89
CA LYS C 314 7.06 -88.22 2.00
C LYS C 314 7.63 -89.10 3.11
N ASP C 315 7.00 -90.25 3.35
CA ASP C 315 7.52 -91.18 4.34
C ASP C 315 8.88 -91.71 3.93
N LEU C 316 9.05 -92.02 2.64
CA LEU C 316 10.37 -92.41 2.15
C LEU C 316 11.37 -91.28 2.29
N GLU C 317 10.92 -90.03 2.16
CA GLU C 317 11.83 -88.89 2.29
C GLU C 317 12.31 -88.73 3.73
N ARG C 318 11.40 -88.76 4.70
CA ARG C 318 11.81 -88.60 6.09
C ARG C 318 12.68 -89.78 6.53
N LYS C 319 12.34 -90.99 6.10
CA LYS C 319 13.14 -92.16 6.42
C LYS C 319 14.46 -92.16 5.65
N PRO D 174 47.06 -67.54 -40.97
CA PRO D 174 47.67 -66.37 -40.32
C PRO D 174 47.11 -66.11 -38.92
N GLU D 175 46.25 -65.11 -38.81
CA GLU D 175 45.62 -64.75 -37.54
C GLU D 175 44.33 -65.52 -37.28
N VAL D 176 44.18 -66.69 -37.91
CA VAL D 176 42.92 -67.43 -37.81
C VAL D 176 42.64 -67.82 -36.35
N ALA D 177 43.67 -68.33 -35.66
CA ALA D 177 43.49 -68.71 -34.27
C ALA D 177 43.17 -67.50 -33.39
N SER D 178 43.87 -66.39 -33.61
CA SER D 178 43.61 -65.19 -32.83
C SER D 178 42.21 -64.66 -33.07
N GLU D 179 41.77 -64.64 -34.34
CA GLU D 179 40.41 -64.20 -34.64
C GLU D 179 39.37 -65.11 -33.99
N ALA D 180 39.61 -66.42 -34.05
CA ALA D 180 38.66 -67.36 -33.44
C ALA D 180 38.59 -67.16 -31.93
N GLY D 181 39.74 -66.98 -31.28
CA GLY D 181 39.73 -66.75 -29.85
C GLY D 181 39.05 -65.45 -29.47
N ALA D 182 39.31 -64.38 -30.24
CA ALA D 182 38.69 -63.10 -29.94
C ALA D 182 37.19 -63.12 -30.21
N ALA D 183 36.74 -63.93 -31.16
CA ALA D 183 35.32 -64.03 -31.46
C ALA D 183 34.61 -65.09 -30.63
N VAL D 184 35.34 -65.89 -29.85
CA VAL D 184 34.70 -66.91 -29.03
C VAL D 184 34.98 -66.65 -27.55
N ALA D 185 36.25 -66.72 -27.15
CA ALA D 185 36.57 -66.65 -25.75
C ALA D 185 36.23 -65.29 -25.14
N ASP D 186 36.18 -64.24 -25.95
CA ASP D 186 35.94 -62.90 -25.43
C ASP D 186 34.47 -62.68 -25.08
N GLU D 187 33.59 -62.79 -26.07
CA GLU D 187 32.21 -62.37 -25.91
C GLU D 187 31.23 -63.50 -26.19
N GLU D 188 31.61 -64.73 -25.83
CA GLU D 188 30.65 -65.82 -25.83
C GLU D 188 30.43 -66.38 -24.43
N GLU D 189 31.49 -66.79 -23.74
CA GLU D 189 31.33 -67.28 -22.38
C GLU D 189 31.14 -66.16 -21.37
N ALA D 190 31.68 -64.97 -21.64
CA ALA D 190 31.52 -63.87 -20.68
C ALA D 190 30.06 -63.49 -20.54
N ASN D 191 29.39 -63.21 -21.66
CA ASN D 191 27.98 -62.89 -21.60
C ASN D 191 27.18 -64.06 -21.06
N ARG D 192 27.51 -65.28 -21.46
CA ARG D 192 26.78 -66.45 -20.97
C ARG D 192 26.83 -66.53 -19.46
N GLN D 193 28.01 -66.32 -18.88
CA GLN D 193 28.15 -66.44 -17.44
C GLN D 193 27.52 -65.24 -16.72
N VAL D 194 27.52 -64.07 -17.36
CA VAL D 194 26.80 -62.93 -16.80
C VAL D 194 25.31 -63.25 -16.70
N ILE D 195 24.73 -63.82 -17.77
CA ILE D 195 23.33 -64.21 -17.70
C ILE D 195 23.12 -65.32 -16.67
N GLN D 196 24.09 -66.22 -16.53
CA GLN D 196 23.96 -67.26 -15.52
C GLN D 196 23.85 -66.63 -14.12
N GLN D 197 24.74 -65.70 -13.81
CA GLN D 197 24.70 -65.03 -12.52
C GLN D 197 23.40 -64.27 -12.34
N GLY D 198 22.97 -63.54 -13.37
CA GLY D 198 21.73 -62.79 -13.26
C GLY D 198 20.52 -63.67 -13.04
N ALA D 199 20.44 -64.78 -13.77
CA ALA D 199 19.32 -65.70 -13.60
C ALA D 199 19.34 -66.33 -12.22
N ALA D 200 20.53 -66.69 -11.72
CA ALA D 200 20.61 -67.25 -10.37
C ALA D 200 20.10 -66.24 -9.35
N GLU D 201 20.53 -64.98 -9.46
CA GLU D 201 20.08 -63.96 -8.52
C GLU D 201 18.59 -63.74 -8.62
N GLY D 202 18.06 -63.68 -9.85
CA GLY D 202 16.64 -63.43 -10.03
C GLY D 202 15.78 -64.55 -9.47
N LEU D 203 16.20 -65.80 -9.70
CA LEU D 203 15.48 -66.92 -9.11
C LEU D 203 15.58 -66.90 -7.60
N ARG D 204 16.75 -66.55 -7.06
CA ARG D 204 16.93 -66.53 -5.62
C ARG D 204 16.02 -65.50 -4.97
N THR D 205 15.95 -64.30 -5.54
CA THR D 205 15.13 -63.24 -4.96
C THR D 205 13.68 -63.27 -5.44
N GLY D 206 13.35 -64.15 -6.37
CA GLY D 206 11.98 -64.20 -6.87
C GLY D 206 11.58 -63.06 -7.77
N ALA D 207 12.53 -62.24 -8.21
CA ALA D 207 12.18 -61.13 -9.10
C ALA D 207 11.64 -61.63 -10.44
N VAL D 208 12.24 -62.68 -10.98
CA VAL D 208 11.81 -63.28 -12.24
C VAL D 208 11.42 -64.72 -11.98
N SER D 209 10.23 -65.09 -12.43
CA SER D 209 9.70 -66.43 -12.18
C SER D 209 10.07 -67.39 -13.30
N ARG D 210 9.83 -68.67 -13.04
CA ARG D 210 10.14 -69.71 -14.03
C ARG D 210 9.39 -69.54 -15.35
N PRO D 211 8.08 -69.27 -15.36
CA PRO D 211 7.39 -69.15 -16.66
C PRO D 211 7.97 -68.07 -17.56
N GLU D 212 8.47 -66.97 -17.01
CA GLU D 212 9.11 -65.96 -17.83
C GLU D 212 10.32 -66.53 -18.56
N MET D 213 11.17 -67.26 -17.83
CA MET D 213 12.33 -67.87 -18.47
C MET D 213 11.92 -68.92 -19.50
N ALA D 214 10.87 -69.70 -19.20
CA ALA D 214 10.41 -70.68 -20.17
C ALA D 214 9.95 -70.01 -21.45
N GLN D 215 9.18 -68.93 -21.32
CA GLN D 215 8.72 -68.19 -22.50
C GLN D 215 9.88 -67.60 -23.26
N ALA D 216 10.87 -67.04 -22.56
CA ALA D 216 12.03 -66.48 -23.23
C ALA D 216 12.80 -67.55 -23.99
N VAL D 217 12.97 -68.72 -23.39
CA VAL D 217 13.67 -69.81 -24.06
C VAL D 217 12.92 -70.25 -25.29
N VAL D 218 11.60 -70.38 -25.19
CA VAL D 218 10.81 -70.81 -26.34
C VAL D 218 10.91 -69.79 -27.47
N GLU D 219 10.81 -68.49 -27.13
CA GLU D 219 10.93 -67.46 -28.15
C GLU D 219 12.31 -67.48 -28.80
N ALA D 220 13.36 -67.66 -28.01
CA ALA D 220 14.70 -67.70 -28.57
C ALA D 220 14.86 -68.89 -29.51
N ASP D 221 14.35 -70.05 -29.12
CA ASP D 221 14.44 -71.22 -29.99
C ASP D 221 13.68 -70.99 -31.29
N ALA D 222 12.47 -70.41 -31.19
CA ALA D 222 11.69 -70.15 -32.39
C ALA D 222 12.40 -69.17 -33.31
N GLN D 223 12.98 -68.12 -32.74
CA GLN D 223 13.73 -67.16 -33.55
C GLN D 223 14.93 -67.83 -34.21
N ARG D 224 15.60 -68.72 -33.49
CA ARG D 224 16.71 -69.47 -34.07
C ARG D 224 16.24 -70.30 -35.25
N GLU D 225 15.08 -70.94 -35.13
CA GLU D 225 14.50 -71.66 -36.25
C GLU D 225 13.88 -70.74 -37.29
N GLY D 226 13.72 -69.46 -36.98
CA GLY D 226 13.19 -68.51 -37.95
C GLY D 226 11.77 -68.81 -38.38
N VAL D 227 10.92 -69.25 -37.46
CA VAL D 227 9.53 -69.55 -37.75
C VAL D 227 8.66 -68.77 -36.77
N GLU D 228 7.63 -68.11 -37.29
CA GLU D 228 6.73 -67.35 -36.45
C GLU D 228 5.86 -68.33 -35.65
N LEU D 229 5.75 -68.07 -34.35
CA LEU D 229 5.06 -69.00 -33.45
C LEU D 229 3.61 -68.55 -33.27
N LYS D 230 2.69 -69.42 -33.64
CA LYS D 230 1.28 -69.09 -33.54
C LYS D 230 0.89 -69.16 -32.07
N PRO D 231 -0.01 -68.29 -31.59
CA PRO D 231 -0.16 -68.13 -30.13
C PRO D 231 -0.49 -69.39 -29.35
N GLN D 232 -1.38 -70.24 -29.89
CA GLN D 232 -1.89 -71.34 -29.08
C GLN D 232 -0.83 -72.42 -28.88
N GLU D 233 -0.24 -72.92 -29.96
CA GLU D 233 0.84 -73.85 -29.75
C GLU D 233 2.04 -73.20 -29.11
N LEU D 234 2.17 -71.87 -29.18
CA LEU D 234 3.18 -71.20 -28.37
C LEU D 234 2.94 -71.47 -26.88
N LYS D 235 1.69 -71.31 -26.44
CA LYS D 235 1.35 -71.70 -25.07
C LYS D 235 1.67 -73.16 -24.82
N ASN D 236 1.45 -74.01 -25.83
CA ASN D 236 1.78 -75.42 -25.66
C ASN D 236 3.28 -75.63 -25.42
N ARG D 237 4.13 -74.94 -26.19
CA ARG D 237 5.57 -75.05 -25.96
C ARG D 237 5.95 -74.54 -24.58
N VAL D 238 5.37 -73.42 -24.14
CA VAL D 238 5.66 -72.96 -22.79
C VAL D 238 5.25 -74.02 -21.76
N ASN D 239 4.10 -74.66 -21.97
CA ASN D 239 3.60 -75.62 -21.00
C ASN D 239 4.52 -76.82 -20.86
N GLU D 240 4.83 -77.48 -21.98
CA GLU D 240 5.64 -78.68 -21.80
C GLU D 240 7.10 -78.34 -21.53
N GLU D 241 7.55 -77.14 -21.93
CA GLU D 241 8.88 -76.69 -21.56
C GLU D 241 8.96 -76.55 -20.04
N LEU D 242 7.92 -75.97 -19.44
CA LEU D 242 7.86 -75.85 -17.98
C LEU D 242 7.82 -77.22 -17.32
N THR D 243 7.07 -78.16 -17.90
CA THR D 243 7.06 -79.52 -17.34
C THR D 243 8.47 -80.12 -17.38
N GLN D 244 9.21 -79.85 -18.45
CA GLN D 244 10.60 -80.29 -18.51
C GLN D 244 11.44 -79.61 -17.43
N MET D 245 11.21 -78.32 -17.19
CA MET D 245 12.02 -77.58 -16.22
C MET D 245 11.72 -77.95 -14.78
N ARG D 246 10.53 -78.46 -14.49
CA ARG D 246 10.16 -78.71 -13.10
C ARG D 246 11.09 -79.70 -12.41
N THR D 247 11.80 -80.54 -13.17
CA THR D 247 12.66 -81.56 -12.58
C THR D 247 14.10 -81.09 -12.39
N MET D 248 14.34 -79.78 -12.34
CA MET D 248 15.68 -79.24 -12.15
C MET D 248 15.67 -78.18 -11.06
N ASP D 249 16.79 -78.07 -10.36
CA ASP D 249 16.93 -77.09 -9.29
C ASP D 249 17.29 -75.73 -9.85
N ASN D 250 17.48 -74.76 -8.95
CA ASN D 250 17.69 -73.38 -9.38
C ASN D 250 19.00 -73.21 -10.13
N ASP D 251 20.09 -73.79 -9.63
CA ASP D 251 21.38 -73.61 -10.29
C ASP D 251 21.44 -74.37 -11.61
N ASP D 252 20.90 -75.60 -11.66
CA ASP D 252 20.80 -76.27 -12.94
C ASP D 252 19.93 -75.48 -13.89
N LEU D 253 18.88 -74.85 -13.37
CA LEU D 253 18.04 -74.00 -14.21
C LEU D 253 18.83 -72.84 -14.79
N SER D 254 19.69 -72.22 -13.98
CA SER D 254 20.49 -71.12 -14.48
C SER D 254 21.45 -71.60 -15.57
N ARG D 255 22.08 -72.75 -15.36
CA ARG D 255 22.92 -73.33 -16.41
C ARG D 255 22.12 -73.51 -17.69
N TYR D 256 20.94 -74.11 -17.59
CA TYR D 256 20.13 -74.40 -18.77
C TYR D 256 19.75 -73.13 -19.49
N VAL D 257 19.29 -72.12 -18.76
CA VAL D 257 18.85 -70.88 -19.39
C VAL D 257 20.03 -70.18 -20.05
N SER D 258 21.19 -70.15 -19.39
CA SER D 258 22.36 -69.53 -19.99
C SER D 258 22.72 -70.21 -21.30
N TYR D 259 22.78 -71.55 -21.29
CA TYR D 259 23.13 -72.28 -22.50
C TYR D 259 22.12 -72.03 -23.61
N ALA D 260 20.83 -72.09 -23.27
CA ALA D 260 19.80 -71.93 -24.29
C ALA D 260 19.81 -70.53 -24.89
N LEU D 261 19.97 -69.50 -24.05
CA LEU D 261 19.92 -68.14 -24.54
C LEU D 261 21.19 -67.75 -25.27
N ILE D 262 22.31 -68.41 -25.01
CA ILE D 262 23.56 -68.11 -25.69
C ILE D 262 23.94 -69.14 -26.74
N GLY D 263 23.31 -70.30 -26.76
CA GLY D 263 23.66 -71.36 -27.67
C GLY D 263 23.67 -70.95 -29.14
N THR D 264 24.84 -70.93 -29.74
CA THR D 264 25.02 -70.53 -31.13
C THR D 264 26.15 -71.39 -31.70
N GLY D 265 26.52 -71.15 -32.95
CA GLY D 265 27.58 -71.91 -33.58
C GLY D 265 27.33 -72.22 -35.03
N LEU D 266 27.33 -73.50 -35.38
CA LEU D 266 27.16 -74.00 -36.76
C LEU D 266 28.30 -73.41 -37.60
N LEU D 267 28.05 -73.03 -38.85
CA LEU D 267 29.09 -72.53 -39.74
C LEU D 267 28.61 -71.28 -40.45
N ALA D 268 29.55 -70.41 -40.78
CA ALA D 268 29.28 -69.20 -41.53
C ALA D 268 30.29 -69.03 -42.64
N SER D 269 29.83 -68.48 -43.76
CA SER D 269 30.66 -68.25 -44.95
C SER D 269 31.23 -69.58 -45.42
N ALA D 270 32.39 -69.57 -46.07
CA ALA D 270 33.05 -70.77 -46.56
C ALA D 270 34.55 -70.69 -46.27
N ILE D 271 34.90 -70.27 -45.05
CA ILE D 271 36.29 -70.02 -44.69
C ILE D 271 36.67 -70.87 -43.48
N ASP D 272 37.92 -70.73 -43.04
CA ASP D 272 38.45 -71.46 -41.89
C ASP D 272 37.96 -70.85 -40.59
N LYS D 273 38.64 -71.17 -39.48
CA LYS D 273 38.38 -70.70 -38.12
C LYS D 273 37.25 -71.50 -37.46
N THR D 274 36.60 -72.41 -38.20
CA THR D 274 35.53 -73.20 -37.59
C THR D 274 36.08 -74.26 -36.65
N GLY D 275 37.17 -74.94 -37.04
CA GLY D 275 37.69 -76.02 -36.22
C GLY D 275 38.25 -75.55 -34.89
N LYS D 276 38.99 -74.44 -34.91
CA LYS D 276 39.52 -73.88 -33.66
C LYS D 276 38.40 -73.42 -32.75
N ALA D 277 37.37 -72.80 -33.32
CA ALA D 277 36.21 -72.40 -32.53
C ALA D 277 35.56 -73.62 -31.90
N GLY D 278 35.38 -74.68 -32.68
CA GLY D 278 34.76 -75.89 -32.13
C GLY D 278 35.58 -76.50 -31.01
N ASP D 279 36.90 -76.57 -31.18
CA ASP D 279 37.71 -77.20 -30.14
C ASP D 279 37.76 -76.36 -28.88
N MET D 280 37.72 -75.02 -28.99
CA MET D 280 37.67 -74.24 -27.75
C MET D 280 36.28 -74.24 -27.12
N PHE D 281 35.20 -74.33 -27.92
CA PHE D 281 33.90 -74.68 -27.35
C PHE D 281 34.00 -75.95 -26.51
N ALA D 282 34.62 -76.99 -27.07
CA ALA D 282 34.82 -78.21 -26.29
C ALA D 282 35.58 -77.92 -25.01
N ALA D 283 36.75 -77.28 -25.14
CA ALA D 283 37.60 -77.00 -23.98
C ALA D 283 36.80 -76.35 -22.87
N SER D 284 36.05 -75.31 -23.20
CA SER D 284 35.19 -74.66 -22.21
C SER D 284 34.14 -75.62 -21.67
N TYR D 285 33.62 -76.50 -22.54
CA TYR D 285 32.56 -77.41 -22.11
C TYR D 285 33.05 -78.37 -21.03
N GLU D 286 34.02 -79.21 -21.34
CA GLU D 286 34.45 -80.13 -20.28
C GLU D 286 35.21 -79.40 -19.17
N ARG D 287 35.63 -78.14 -19.39
CA ARG D 287 36.08 -77.33 -18.27
C ARG D 287 34.95 -77.08 -17.30
N GLN D 288 33.77 -76.74 -17.82
CA GLN D 288 32.59 -76.62 -16.96
C GLN D 288 32.26 -77.94 -16.29
N LEU D 289 32.36 -79.04 -17.03
CA LEU D 289 32.05 -80.36 -16.45
C LEU D 289 32.97 -80.70 -15.29
N ASP D 290 34.29 -80.62 -15.48
CA ASP D 290 35.15 -81.07 -14.38
C ASP D 290 35.15 -80.04 -13.25
N ARG D 291 34.87 -78.77 -13.53
CA ARG D 291 34.61 -77.83 -12.44
C ARG D 291 33.39 -78.27 -11.64
N ASN D 292 32.34 -78.72 -12.33
CA ASN D 292 31.14 -79.19 -11.63
C ASN D 292 31.47 -80.39 -10.75
N LEU D 293 32.26 -81.34 -11.29
CA LEU D 293 32.62 -82.51 -10.49
C LEU D 293 33.48 -82.12 -9.28
N GLN D 294 34.45 -81.23 -9.49
CA GLN D 294 35.33 -80.84 -8.39
C GLN D 294 34.57 -80.03 -7.33
N ALA D 295 33.50 -79.34 -7.73
CA ALA D 295 32.64 -78.70 -6.75
C ALA D 295 31.74 -79.70 -6.04
N GLY D 296 31.31 -80.74 -6.75
CA GLY D 296 30.45 -81.76 -6.22
C GLY D 296 31.15 -82.89 -5.50
N ILE D 297 32.48 -82.82 -5.34
CA ILE D 297 33.19 -83.80 -4.52
C ILE D 297 32.67 -83.86 -3.09
N ASN D 298 31.90 -82.86 -2.66
CA ASN D 298 31.18 -82.86 -1.39
C ASN D 298 32.12 -82.74 -0.19
N GLN D 299 31.58 -82.31 0.94
CA GLN D 299 32.33 -82.19 2.18
C GLN D 299 32.32 -83.51 2.95
N GLN D 300 33.24 -83.63 3.89
CA GLN D 300 33.41 -84.82 4.70
C GLN D 300 33.24 -84.47 6.18
N LYS D 301 33.55 -85.44 7.04
CA LYS D 301 33.52 -85.29 8.49
C LYS D 301 32.10 -85.18 9.03
N MET D 302 31.90 -85.64 10.27
CA MET D 302 30.60 -85.64 10.93
C MET D 302 30.36 -84.41 11.79
N ALA D 303 31.29 -83.44 11.78
CA ALA D 303 31.15 -82.14 12.45
C ALA D 303 31.13 -82.24 13.97
N ALA D 304 31.60 -83.35 14.53
CA ALA D 304 31.84 -83.47 15.96
C ALA D 304 33.29 -83.72 16.31
N ALA D 305 34.05 -84.36 15.43
CA ALA D 305 35.49 -84.51 15.66
C ALA D 305 36.22 -83.21 15.39
N ALA D 306 35.71 -82.38 14.47
CA ALA D 306 36.32 -81.08 14.22
C ALA D 306 36.27 -80.19 15.45
N ALA D 307 35.16 -80.27 16.20
CA ALA D 307 35.07 -79.53 17.46
C ALA D 307 36.13 -80.00 18.44
N ASP D 308 36.34 -81.32 18.52
CA ASP D 308 37.38 -81.84 19.40
C ASP D 308 38.76 -81.34 18.97
N ARG D 309 39.01 -81.32 17.66
CA ARG D 309 40.30 -80.82 17.17
C ARG D 309 40.49 -79.36 17.53
N GLN D 310 39.46 -78.53 17.33
CA GLN D 310 39.57 -77.11 17.69
C GLN D 310 39.80 -76.94 19.19
N ILE D 311 39.11 -77.74 20.01
CA ILE D 311 39.31 -77.67 21.45
C ILE D 311 40.75 -78.03 21.79
N LYS D 312 41.30 -79.05 21.14
CA LYS D 312 42.67 -79.47 21.43
C LYS D 312 43.67 -78.38 21.05
N GLU D 313 43.49 -77.75 19.89
CA GLU D 313 44.39 -76.68 19.51
C GLU D 313 44.30 -75.50 20.48
N LYS D 314 43.07 -75.14 20.88
CA LYS D 314 42.92 -74.03 21.82
C LYS D 314 43.57 -74.37 23.16
N ASP D 315 43.45 -75.63 23.60
CA ASP D 315 44.10 -76.06 24.82
C ASP D 315 45.61 -75.94 24.71
N LEU D 316 46.17 -76.32 23.56
CA LEU D 316 47.60 -76.13 23.35
C LEU D 316 47.99 -74.67 23.36
N GLU D 317 47.11 -73.78 22.87
CA GLU D 317 47.41 -72.35 22.91
C GLU D 317 47.43 -71.81 24.33
N ARG D 318 46.40 -72.13 25.14
CA ARG D 318 46.41 -71.66 26.52
C ARG D 318 47.54 -72.30 27.31
N LYS D 319 47.89 -73.54 27.00
CA LYS D 319 49.00 -74.20 27.66
C LYS D 319 50.33 -73.61 27.21
N PRO E 174 78.39 -43.95 -19.25
CA PRO E 174 78.31 -42.52 -18.95
C PRO E 174 77.46 -42.22 -17.70
N GLU E 175 76.28 -41.64 -17.92
CA GLU E 175 75.37 -41.31 -16.83
C GLU E 175 74.43 -42.46 -16.48
N VAL E 176 74.81 -43.69 -16.80
CA VAL E 176 73.93 -44.83 -16.56
C VAL E 176 73.70 -45.05 -15.07
N ALA E 177 74.64 -44.62 -14.22
CA ALA E 177 74.47 -44.80 -12.78
C ALA E 177 73.45 -43.82 -12.22
N SER E 178 73.49 -42.57 -12.66
CA SER E 178 72.49 -41.59 -12.22
C SER E 178 71.10 -41.98 -12.70
N GLU E 179 70.98 -42.42 -13.95
CA GLU E 179 69.70 -42.90 -14.46
C GLU E 179 69.25 -44.14 -13.69
N ALA E 180 70.20 -44.99 -13.30
CA ALA E 180 69.87 -46.16 -12.49
C ALA E 180 69.26 -45.76 -11.16
N GLY E 181 69.92 -44.83 -10.45
CA GLY E 181 69.39 -44.36 -9.20
C GLY E 181 68.03 -43.70 -9.35
N ALA E 182 67.85 -42.94 -10.44
CA ALA E 182 66.56 -42.30 -10.68
C ALA E 182 65.46 -43.31 -10.95
N ALA E 183 65.78 -44.38 -11.68
CA ALA E 183 64.79 -45.36 -12.10
C ALA E 183 64.67 -46.54 -11.14
N VAL E 184 65.39 -46.53 -10.01
CA VAL E 184 65.31 -47.60 -9.03
C VAL E 184 64.92 -47.10 -7.65
N ALA E 185 65.57 -46.04 -7.17
CA ALA E 185 65.36 -45.63 -5.79
C ALA E 185 64.41 -44.44 -5.64
N ASP E 186 64.11 -43.72 -6.73
CA ASP E 186 63.36 -42.48 -6.59
C ASP E 186 61.88 -42.73 -6.35
N GLU E 187 61.19 -43.35 -7.31
CA GLU E 187 59.75 -43.52 -7.27
C GLU E 187 59.37 -44.98 -7.47
N GLU E 188 60.14 -45.89 -6.89
CA GLU E 188 59.93 -47.32 -7.06
C GLU E 188 59.68 -48.02 -5.74
N GLU E 189 60.52 -47.78 -4.74
CA GLU E 189 60.21 -48.22 -3.38
C GLU E 189 59.62 -47.10 -2.52
N ALA E 190 59.61 -45.87 -3.01
CA ALA E 190 58.84 -44.83 -2.33
C ALA E 190 57.35 -45.16 -2.37
N ASN E 191 56.84 -45.43 -3.57
CA ASN E 191 55.46 -45.87 -3.69
C ASN E 191 55.25 -47.21 -3.00
N ARG E 192 56.27 -48.07 -2.98
CA ARG E 192 56.13 -49.34 -2.27
C ARG E 192 55.91 -49.12 -0.78
N GLN E 193 56.70 -48.24 -0.17
CA GLN E 193 56.55 -47.99 1.26
C GLN E 193 55.28 -47.22 1.56
N VAL E 194 54.89 -46.30 0.66
CA VAL E 194 53.62 -45.60 0.85
C VAL E 194 52.45 -46.58 0.79
N ILE E 195 52.49 -47.52 -0.15
CA ILE E 195 51.46 -48.55 -0.24
C ILE E 195 51.48 -49.42 1.00
N GLN E 196 52.68 -49.74 1.50
CA GLN E 196 52.78 -50.48 2.76
C GLN E 196 52.03 -49.76 3.88
N GLN E 197 52.31 -48.47 4.05
CA GLN E 197 51.68 -47.70 5.11
C GLN E 197 50.17 -47.66 4.93
N GLY E 198 49.71 -47.42 3.70
CA GLY E 198 48.29 -47.34 3.45
C GLY E 198 47.58 -48.64 3.72
N ALA E 199 48.16 -49.76 3.27
CA ALA E 199 47.55 -51.06 3.51
C ALA E 199 47.52 -51.40 4.99
N ALA E 200 48.61 -51.08 5.71
CA ALA E 200 48.62 -51.34 7.15
C ALA E 200 47.54 -50.54 7.84
N GLU E 201 47.38 -49.26 7.49
CA GLU E 201 46.35 -48.44 8.10
C GLU E 201 44.96 -48.96 7.75
N GLY E 202 44.75 -49.35 6.50
CA GLY E 202 43.44 -49.85 6.10
C GLY E 202 43.05 -51.12 6.82
N LEU E 203 43.99 -52.06 6.96
CA LEU E 203 43.72 -53.25 7.74
C LEU E 203 43.49 -52.93 9.21
N ARG E 204 44.27 -51.99 9.75
CA ARG E 204 44.13 -51.66 11.16
C ARG E 204 42.76 -51.07 11.46
N THR E 205 42.29 -50.17 10.60
CA THR E 205 40.99 -49.53 10.82
C THR E 205 39.84 -50.29 10.17
N GLY E 206 40.12 -51.34 9.42
CA GLY E 206 39.06 -52.09 8.78
C GLY E 206 38.42 -51.40 7.60
N ALA E 207 39.01 -50.32 7.10
CA ALA E 207 38.43 -49.61 5.95
C ALA E 207 38.41 -50.49 4.71
N VAL E 208 39.48 -51.24 4.49
CA VAL E 208 39.59 -52.13 3.34
C VAL E 208 39.79 -53.55 3.84
N SER E 209 38.99 -54.48 3.34
CA SER E 209 39.03 -55.86 3.79
C SER E 209 40.01 -56.67 2.97
N ARG E 210 40.29 -57.88 3.46
CA ARG E 210 41.23 -58.77 2.77
C ARG E 210 40.77 -59.15 1.36
N PRO E 211 39.51 -59.52 1.12
CA PRO E 211 39.13 -59.90 -0.26
C PRO E 211 39.35 -58.80 -1.28
N GLU E 212 39.24 -57.54 -0.88
CA GLU E 212 39.50 -56.45 -1.83
C GLU E 212 40.93 -56.49 -2.32
N MET E 213 41.89 -56.62 -1.41
CA MET E 213 43.28 -56.71 -1.84
C MET E 213 43.58 -58.01 -2.55
N ALA E 214 42.90 -59.10 -2.19
CA ALA E 214 43.08 -60.34 -2.93
C ALA E 214 42.67 -60.17 -4.39
N GLN E 215 41.51 -59.54 -4.61
CA GLN E 215 41.05 -59.29 -5.96
C GLN E 215 41.99 -58.33 -6.69
N ALA E 216 42.47 -57.30 -6.00
CA ALA E 216 43.39 -56.36 -6.63
C ALA E 216 44.68 -57.05 -7.04
N VAL E 217 45.21 -57.93 -6.18
CA VAL E 217 46.43 -58.66 -6.50
C VAL E 217 46.22 -59.56 -7.71
N VAL E 218 45.07 -60.25 -7.74
CA VAL E 218 44.79 -61.14 -8.87
C VAL E 218 44.69 -60.35 -10.16
N GLU E 219 43.99 -59.20 -10.12
CA GLU E 219 43.89 -58.37 -11.33
C GLU E 219 45.25 -57.85 -11.76
N ALA E 220 46.09 -57.44 -10.81
CA ALA E 220 47.42 -56.94 -11.17
C ALA E 220 48.25 -58.03 -11.82
N ASP E 221 48.20 -59.25 -11.26
CA ASP E 221 48.96 -60.35 -11.84
C ASP E 221 48.46 -60.66 -13.25
N ALA E 222 47.13 -60.69 -13.42
CA ALA E 222 46.57 -60.98 -14.74
C ALA E 222 46.97 -59.91 -15.75
N GLN E 223 46.92 -58.63 -15.36
CA GLN E 223 47.34 -57.56 -16.24
C GLN E 223 48.82 -57.68 -16.59
N ARG E 224 49.64 -58.08 -15.62
CA ARG E 224 51.05 -58.32 -15.90
C ARG E 224 51.21 -59.43 -16.94
N GLU E 225 50.42 -60.49 -16.83
CA GLU E 225 50.43 -61.53 -17.84
C GLU E 225 49.69 -61.14 -19.10
N GLY E 226 48.92 -60.06 -19.07
CA GLY E 226 48.22 -59.60 -20.26
C GLY E 226 47.20 -60.56 -20.81
N VAL E 227 46.44 -61.21 -19.92
CA VAL E 227 45.40 -62.15 -20.32
C VAL E 227 44.11 -61.78 -19.62
N GLU E 228 43.02 -61.69 -20.38
CA GLU E 228 41.72 -61.38 -19.81
C GLU E 228 41.24 -62.56 -18.96
N LEU E 229 40.62 -62.25 -17.83
CA LEU E 229 40.25 -63.26 -16.85
C LEU E 229 38.77 -63.59 -16.95
N LYS E 230 38.47 -64.88 -17.08
CA LYS E 230 37.10 -65.34 -17.14
C LYS E 230 36.52 -65.31 -15.73
N PRO E 231 35.21 -65.12 -15.56
CA PRO E 231 34.65 -64.97 -14.20
C PRO E 231 34.93 -66.06 -13.18
N GLN E 232 34.52 -67.32 -13.41
CA GLN E 232 34.59 -68.30 -12.32
C GLN E 232 36.02 -68.60 -11.91
N GLU E 233 36.93 -68.78 -12.87
CA GLU E 233 38.30 -69.03 -12.43
C GLU E 233 38.93 -67.77 -11.85
N LEU E 234 38.44 -66.58 -12.21
CA LEU E 234 38.83 -65.39 -11.46
C LEU E 234 38.46 -65.55 -9.99
N LYS E 235 37.22 -65.97 -9.73
CA LYS E 235 36.83 -66.26 -8.35
C LYS E 235 37.71 -67.35 -7.74
N ASN E 236 38.13 -68.32 -8.55
CA ASN E 236 38.98 -69.40 -8.04
C ASN E 236 40.33 -68.88 -7.59
N ARG E 237 40.95 -68.01 -8.40
CA ARG E 237 42.20 -67.41 -7.97
C ARG E 237 42.00 -66.53 -6.74
N VAL E 238 40.89 -65.80 -6.68
CA VAL E 238 40.62 -64.98 -5.50
C VAL E 238 40.54 -65.88 -4.26
N ASN E 239 39.84 -67.00 -4.37
CA ASN E 239 39.70 -67.89 -3.23
C ASN E 239 41.03 -68.51 -2.82
N GLU E 240 41.83 -68.97 -3.79
CA GLU E 240 43.09 -69.60 -3.39
C GLU E 240 44.05 -68.56 -2.83
N GLU E 241 43.98 -67.33 -3.32
CA GLU E 241 44.80 -66.26 -2.74
C GLU E 241 44.34 -65.93 -1.33
N LEU E 242 43.03 -65.98 -1.08
CA LEU E 242 42.53 -65.78 0.28
C LEU E 242 43.03 -66.89 1.21
N THR E 243 43.03 -68.12 0.73
CA THR E 243 43.58 -69.22 1.53
C THR E 243 45.06 -69.01 1.79
N GLN E 244 45.79 -68.50 0.79
CA GLN E 244 47.20 -68.19 0.99
C GLN E 244 47.40 -67.10 2.02
N MET E 245 46.54 -66.08 2.01
CA MET E 245 46.70 -64.98 2.95
C MET E 245 46.29 -65.35 4.37
N ARG E 246 45.36 -66.29 4.52
CA ARG E 246 44.84 -66.59 5.86
C ARG E 246 45.93 -67.05 6.82
N THR E 247 47.06 -67.54 6.32
CA THR E 247 48.17 -67.93 7.17
C THR E 247 49.17 -66.81 7.39
N MET E 248 48.76 -65.55 7.24
CA MET E 248 49.63 -64.41 7.42
C MET E 248 48.96 -63.37 8.30
N ASP E 249 49.77 -62.64 9.06
CA ASP E 249 49.28 -61.58 9.91
C ASP E 249 49.03 -60.32 9.07
N ASN E 250 48.84 -59.18 9.72
CA ASN E 250 48.53 -57.96 8.99
C ASN E 250 49.77 -57.31 8.40
N ASP E 251 50.86 -57.23 9.16
CA ASP E 251 52.05 -56.52 8.70
C ASP E 251 52.68 -57.23 7.51
N ASP E 252 52.91 -58.54 7.63
CA ASP E 252 53.45 -59.29 6.49
C ASP E 252 52.48 -59.31 5.33
N LEU E 253 51.18 -59.23 5.60
CA LEU E 253 50.21 -59.08 4.51
C LEU E 253 50.44 -57.78 3.76
N SER E 254 50.70 -56.69 4.49
CA SER E 254 51.00 -55.43 3.83
C SER E 254 52.29 -55.53 3.03
N ARG E 255 53.30 -56.21 3.58
CA ARG E 255 54.53 -56.46 2.84
C ARG E 255 54.24 -57.16 1.51
N TYR E 256 53.48 -58.25 1.59
CA TYR E 256 53.16 -59.04 0.39
C TYR E 256 52.38 -58.20 -0.61
N VAL E 257 51.41 -57.42 -0.14
CA VAL E 257 50.60 -56.60 -1.03
C VAL E 257 51.46 -55.56 -1.74
N SER E 258 52.34 -54.90 -0.99
CA SER E 258 53.22 -53.90 -1.59
C SER E 258 54.10 -54.52 -2.64
N TYR E 259 54.68 -55.69 -2.35
CA TYR E 259 55.49 -56.37 -3.34
C TYR E 259 54.67 -56.77 -4.55
N ALA E 260 53.41 -57.17 -4.33
CA ALA E 260 52.59 -57.67 -5.42
C ALA E 260 52.26 -56.57 -6.42
N LEU E 261 51.76 -55.43 -5.93
CA LEU E 261 51.46 -54.33 -6.85
C LEU E 261 52.61 -53.36 -7.03
N ILE E 262 53.83 -53.73 -6.63
CA ILE E 262 55.03 -52.97 -6.98
C ILE E 262 56.02 -53.79 -7.78
N GLY E 263 56.21 -55.06 -7.40
CA GLY E 263 57.21 -55.91 -8.03
C GLY E 263 57.19 -55.94 -9.54
N THR E 264 58.24 -55.43 -10.16
CA THR E 264 58.36 -55.37 -11.61
C THR E 264 59.84 -55.62 -11.95
N GLY E 265 60.22 -55.31 -13.19
CA GLY E 265 61.60 -55.51 -13.59
C GLY E 265 61.77 -56.14 -14.95
N LEU E 266 62.38 -57.31 -14.99
CA LEU E 266 62.69 -58.06 -16.23
C LEU E 266 63.66 -57.18 -17.05
N LEU E 267 63.54 -57.16 -18.37
CA LEU E 267 64.48 -56.45 -19.22
C LEU E 267 63.72 -55.62 -20.25
N ALA E 268 64.34 -54.51 -20.66
CA ALA E 268 63.78 -53.63 -21.68
C ALA E 268 64.87 -53.24 -22.66
N SER E 269 64.48 -53.14 -23.93
CA SER E 269 65.39 -52.78 -25.04
C SER E 269 66.54 -53.80 -25.08
N ALA E 270 67.69 -53.39 -25.60
CA ALA E 270 68.87 -54.24 -25.70
C ALA E 270 70.11 -53.45 -25.27
N ILE E 271 70.02 -52.76 -24.15
CA ILE E 271 71.04 -51.83 -23.69
C ILE E 271 71.42 -52.18 -22.24
N ASP E 272 72.31 -51.37 -21.67
CA ASP E 272 72.79 -51.54 -20.30
C ASP E 272 71.73 -51.06 -19.31
N LYS E 273 72.15 -50.82 -18.06
CA LYS E 273 71.33 -50.39 -16.93
C LYS E 273 70.60 -51.58 -16.29
N THR E 274 70.62 -52.77 -16.91
CA THR E 274 69.98 -53.92 -16.29
C THR E 274 70.74 -54.40 -15.07
N GLY E 275 72.08 -54.46 -15.15
CA GLY E 275 72.86 -55.02 -14.06
C GLY E 275 72.78 -54.20 -12.79
N LYS E 276 72.89 -52.87 -12.91
CA LYS E 276 72.77 -52.01 -11.74
C LYS E 276 71.38 -52.11 -11.12
N ALA E 277 70.35 -52.11 -11.96
CA ALA E 277 68.99 -52.31 -11.48
C ALA E 277 68.88 -53.58 -10.67
N GLY E 278 69.36 -54.70 -11.22
CA GLY E 278 69.27 -55.96 -10.50
C GLY E 278 70.04 -55.95 -9.19
N ASP E 279 71.28 -55.48 -9.22
CA ASP E 279 72.12 -55.56 -8.03
C ASP E 279 71.59 -54.69 -6.91
N MET E 280 71.10 -53.48 -7.22
CA MET E 280 70.63 -52.65 -6.12
C MET E 280 69.16 -52.89 -5.76
N PHE E 281 68.37 -53.51 -6.66
CA PHE E 281 67.16 -54.20 -6.21
C PHE E 281 67.50 -55.21 -5.12
N ALA E 282 68.48 -56.07 -5.39
CA ALA E 282 68.88 -57.07 -4.41
C ALA E 282 69.42 -56.41 -3.15
N ALA E 283 70.09 -55.27 -3.30
CA ALA E 283 70.61 -54.54 -2.15
C ALA E 283 69.48 -54.08 -1.24
N SER E 284 68.49 -53.38 -1.80
CA SER E 284 67.35 -52.95 -1.00
C SER E 284 66.63 -54.15 -0.40
N TYR E 285 66.55 -55.25 -1.16
CA TYR E 285 65.86 -56.44 -0.68
C TYR E 285 66.54 -57.01 0.57
N GLU E 286 67.86 -57.26 0.49
CA GLU E 286 68.52 -57.85 1.65
C GLU E 286 68.52 -56.87 2.80
N ARG E 287 68.54 -55.57 2.49
CA ARG E 287 68.39 -54.57 3.54
C ARG E 287 67.08 -54.75 4.28
N GLN E 288 66.00 -55.00 3.53
CA GLN E 288 64.71 -55.22 4.17
C GLN E 288 64.73 -56.46 5.07
N LEU E 289 65.26 -57.57 4.57
CA LEU E 289 65.29 -58.76 5.45
C LEU E 289 66.19 -58.54 6.66
N ASP E 290 67.36 -57.93 6.49
CA ASP E 290 68.26 -57.81 7.64
C ASP E 290 67.70 -56.86 8.68
N ARG E 291 67.04 -55.79 8.25
CA ARG E 291 66.36 -54.94 9.24
C ARG E 291 65.19 -55.66 9.87
N ASN E 292 64.53 -56.56 9.14
CA ASN E 292 63.47 -57.37 9.72
C ASN E 292 64.04 -58.23 10.86
N LEU E 293 65.17 -58.90 10.60
CA LEU E 293 65.79 -59.71 11.63
C LEU E 293 66.26 -58.87 12.81
N GLN E 294 66.83 -57.69 12.54
CA GLN E 294 67.31 -56.85 13.63
C GLN E 294 66.18 -56.29 14.46
N ALA E 295 65.00 -56.07 13.87
CA ALA E 295 63.84 -55.64 14.63
C ALA E 295 63.16 -56.80 15.35
N GLY E 296 63.33 -58.03 14.84
CA GLY E 296 62.75 -59.20 15.47
C GLY E 296 63.53 -59.80 16.61
N ILE E 297 64.57 -59.10 17.08
CA ILE E 297 65.35 -59.61 18.20
C ILE E 297 64.55 -59.62 19.49
N ASN E 298 63.39 -58.97 19.52
CA ASN E 298 62.45 -59.00 20.64
C ASN E 298 63.03 -58.29 21.85
N GLN E 299 62.19 -58.02 22.85
CA GLN E 299 62.61 -57.39 24.10
C GLN E 299 62.98 -58.47 25.12
N GLN E 300 63.75 -58.05 26.12
CA GLN E 300 64.23 -58.93 27.17
C GLN E 300 63.66 -58.48 28.52
N LYS E 301 64.17 -59.09 29.59
CA LYS E 301 63.80 -58.81 30.97
C LYS E 301 62.37 -59.26 31.28
N MET E 302 62.14 -59.62 32.53
CA MET E 302 60.84 -60.10 32.99
C MET E 302 59.93 -58.99 33.52
N ALA E 303 60.36 -57.74 33.43
CA ALA E 303 59.56 -56.56 33.75
C ALA E 303 59.28 -56.41 35.24
N ALA E 304 60.03 -57.12 36.09
CA ALA E 304 60.00 -56.88 37.53
C ALA E 304 61.33 -56.40 38.08
N ALA E 305 62.45 -56.84 37.49
CA ALA E 305 63.75 -56.31 37.88
C ALA E 305 63.93 -54.87 37.43
N ALA E 306 63.35 -54.50 36.28
CA ALA E 306 63.43 -53.13 35.82
C ALA E 306 62.74 -52.18 36.79
N ALA E 307 61.62 -52.60 37.37
CA ALA E 307 60.97 -51.79 38.39
C ALA E 307 61.88 -51.61 39.60
N ASP E 308 62.59 -52.66 40.00
CA ASP E 308 63.53 -52.55 41.11
C ASP E 308 64.65 -51.57 40.79
N ARG E 309 65.18 -51.63 39.57
CA ARG E 309 66.23 -50.69 39.18
C ARG E 309 65.72 -49.25 39.20
N GLN E 310 64.53 -49.02 38.66
CA GLN E 310 63.97 -47.67 38.68
C GLN E 310 63.74 -47.18 40.10
N ILE E 311 63.25 -48.05 40.97
CA ILE E 311 63.05 -47.69 42.37
C ILE E 311 64.38 -47.31 43.00
N LYS E 312 65.43 -48.09 42.74
CA LYS E 312 66.74 -47.79 43.30
C LYS E 312 67.27 -46.45 42.80
N GLU E 313 67.11 -46.16 41.51
CA GLU E 313 67.56 -44.87 40.99
C GLU E 313 66.81 -43.73 41.64
N LYS E 314 65.48 -43.84 41.76
CA LYS E 314 64.73 -42.76 42.40
C LYS E 314 65.10 -42.62 43.87
N ASP E 315 65.41 -43.72 44.55
CA ASP E 315 65.88 -43.64 45.93
C ASP E 315 67.19 -42.88 46.01
N LEU E 316 68.11 -43.14 45.07
CA LEU E 316 69.34 -42.37 45.02
C LEU E 316 69.07 -40.90 44.74
N GLU E 317 68.05 -40.60 43.95
CA GLU E 317 67.71 -39.19 43.69
C GLU E 317 67.20 -38.50 44.96
N ARG E 318 66.26 -39.13 45.67
CA ARG E 318 65.77 -38.50 46.91
C ARG E 318 66.89 -38.42 47.95
N LYS E 319 67.73 -39.44 48.03
CA LYS E 319 68.88 -39.42 48.93
C LYS E 319 69.89 -38.36 48.50
N PRO F 174 91.74 -5.71 0.69
CA PRO F 174 90.97 -4.47 0.80
C PRO F 174 89.85 -4.56 1.83
N GLU F 175 88.60 -4.63 1.36
CA GLU F 175 87.44 -4.73 2.22
C GLU F 175 87.11 -6.17 2.61
N VAL F 176 88.09 -7.07 2.53
CA VAL F 176 87.84 -8.49 2.79
C VAL F 176 87.33 -8.69 4.21
N ALA F 177 87.97 -8.05 5.18
CA ALA F 177 87.56 -8.20 6.57
C ALA F 177 86.16 -7.63 6.79
N SER F 178 85.87 -6.46 6.22
CA SER F 178 84.57 -5.85 6.40
C SER F 178 83.47 -6.69 5.75
N GLU F 179 83.72 -7.18 4.54
CA GLU F 179 82.74 -8.05 3.88
C GLU F 179 82.53 -9.33 4.68
N ALA F 180 83.60 -9.90 5.21
CA ALA F 180 83.48 -11.11 6.03
C ALA F 180 82.64 -10.85 7.26
N GLY F 181 82.90 -9.74 7.95
CA GLY F 181 82.11 -9.41 9.13
C GLY F 181 80.65 -9.18 8.80
N ALA F 182 80.38 -8.49 7.70
CA ALA F 182 79.00 -8.24 7.30
C ALA F 182 78.28 -9.52 6.91
N ALA F 183 78.98 -10.47 6.32
CA ALA F 183 78.37 -11.73 5.91
C ALA F 183 78.42 -12.80 7.00
N VAL F 184 79.06 -12.51 8.14
CA VAL F 184 79.17 -13.49 9.21
C VAL F 184 78.49 -12.99 10.47
N ALA F 185 78.97 -11.88 11.02
CA ALA F 185 78.47 -11.40 12.30
C ALA F 185 77.03 -10.92 12.21
N ASP F 186 76.60 -10.45 11.03
CA ASP F 186 75.27 -9.85 10.91
C ASP F 186 74.19 -10.91 10.88
N GLU F 187 74.24 -11.82 9.90
CA GLU F 187 73.12 -12.70 9.61
C GLU F 187 73.45 -14.18 9.83
N GLU F 188 74.38 -14.48 10.74
CA GLU F 188 74.61 -15.86 11.15
C GLU F 188 74.27 -16.08 12.60
N GLU F 189 74.85 -15.32 13.52
CA GLU F 189 74.56 -15.53 14.93
C GLU F 189 73.25 -14.87 15.34
N ALA F 190 72.81 -13.82 14.63
CA ALA F 190 71.56 -13.16 15.01
C ALA F 190 70.38 -14.09 14.80
N ASN F 191 70.28 -14.68 13.62
CA ASN F 191 69.24 -15.66 13.37
C ASN F 191 69.41 -16.87 14.29
N ARG F 192 70.66 -17.21 14.63
CA ARG F 192 70.90 -18.31 15.54
C ARG F 192 70.28 -18.04 16.91
N GLN F 193 70.48 -16.83 17.44
CA GLN F 193 69.94 -16.49 18.74
C GLN F 193 68.43 -16.36 18.69
N VAL F 194 67.89 -15.82 17.60
CA VAL F 194 66.44 -15.74 17.44
C VAL F 194 65.84 -17.14 17.44
N ILE F 195 66.45 -18.06 16.70
CA ILE F 195 66.00 -19.44 16.66
C ILE F 195 66.11 -20.06 18.05
N GLN F 196 67.18 -19.76 18.77
CA GLN F 196 67.35 -20.29 20.12
C GLN F 196 66.21 -19.86 21.03
N GLN F 197 65.90 -18.56 21.04
CA GLN F 197 64.84 -18.09 21.92
C GLN F 197 63.48 -18.63 21.49
N GLY F 198 63.26 -18.74 20.17
CA GLY F 198 62.01 -19.31 19.70
C GLY F 198 61.85 -20.77 20.11
N ALA F 199 62.92 -21.55 19.99
CA ALA F 199 62.86 -22.95 20.40
C ALA F 199 62.65 -23.08 21.90
N ALA F 200 63.30 -22.21 22.68
CA ALA F 200 63.11 -22.23 24.12
C ALA F 200 61.65 -21.95 24.47
N GLU F 201 61.06 -20.95 23.83
CA GLU F 201 59.66 -20.65 24.09
C GLU F 201 58.76 -21.80 23.66
N GLY F 202 59.05 -22.41 22.52
CA GLY F 202 58.24 -23.53 22.06
C GLY F 202 58.31 -24.72 23.00
N LEU F 203 59.49 -25.02 23.51
CA LEU F 203 59.61 -26.05 24.54
C LEU F 203 58.83 -25.67 25.79
N ARG F 204 58.94 -24.41 26.21
CA ARG F 204 58.34 -24.00 27.48
C ARG F 204 56.83 -24.08 27.42
N THR F 205 56.22 -23.59 26.34
CA THR F 205 54.77 -23.57 26.25
C THR F 205 54.20 -24.86 25.67
N GLY F 206 55.03 -25.76 25.18
CA GLY F 206 54.53 -27.00 24.61
C GLY F 206 53.88 -26.86 23.27
N ALA F 207 54.00 -25.70 22.61
CA ALA F 207 53.39 -25.52 21.30
C ALA F 207 54.00 -26.45 20.28
N VAL F 208 55.31 -26.63 20.31
CA VAL F 208 56.03 -27.50 19.39
C VAL F 208 56.81 -28.53 20.21
N SER F 209 56.66 -29.80 19.84
CA SER F 209 57.21 -30.90 20.62
C SER F 209 58.57 -31.32 20.10
N ARG F 210 59.23 -32.19 20.87
CA ARG F 210 60.56 -32.67 20.51
C ARG F 210 60.61 -33.42 19.18
N PRO F 211 59.71 -34.36 18.88
CA PRO F 211 59.83 -35.09 17.61
C PRO F 211 59.78 -34.19 16.39
N GLU F 212 59.05 -33.07 16.44
CA GLU F 212 59.03 -32.15 15.31
C GLU F 212 60.43 -31.60 15.05
N MET F 213 61.12 -31.16 16.10
CA MET F 213 62.48 -30.67 15.92
C MET F 213 63.45 -31.78 15.52
N ALA F 214 63.26 -32.99 16.04
CA ALA F 214 64.11 -34.08 15.61
C ALA F 214 63.98 -34.32 14.10
N GLN F 215 62.74 -34.35 13.61
CA GLN F 215 62.51 -34.54 12.19
C GLN F 215 63.07 -33.37 11.38
N ALA F 216 62.89 -32.14 11.88
CA ALA F 216 63.42 -30.98 11.17
C ALA F 216 64.94 -31.05 11.07
N VAL F 217 65.61 -31.44 12.17
CA VAL F 217 67.05 -31.57 12.14
C VAL F 217 67.48 -32.64 11.14
N VAL F 218 66.76 -33.75 11.11
CA VAL F 218 67.11 -34.82 10.18
C VAL F 218 66.99 -34.35 8.75
N GLU F 219 65.88 -33.66 8.42
CA GLU F 219 65.73 -33.14 7.07
C GLU F 219 66.80 -32.11 6.74
N ALA F 220 67.15 -31.25 7.69
CA ALA F 220 68.17 -30.25 7.44
C ALA F 220 69.51 -30.90 7.15
N ASP F 221 69.87 -31.92 7.92
CA ASP F 221 71.13 -32.62 7.68
C ASP F 221 71.11 -33.33 6.32
N ALA F 222 69.98 -33.95 5.98
CA ALA F 222 69.89 -34.63 4.69
C ALA F 222 70.03 -33.64 3.53
N GLN F 223 69.37 -32.48 3.64
CA GLN F 223 69.51 -31.46 2.60
C GLN F 223 70.93 -30.95 2.53
N ARG F 224 71.60 -30.83 3.69
CA ARG F 224 73.00 -30.43 3.69
C ARG F 224 73.85 -31.44 2.95
N GLU F 225 73.58 -32.74 3.13
CA GLU F 225 74.27 -33.77 2.38
C GLU F 225 73.74 -33.92 0.95
N GLY F 226 72.63 -33.27 0.63
CA GLY F 226 72.10 -33.32 -0.72
C GLY F 226 71.70 -34.70 -1.18
N VAL F 227 71.15 -35.51 -0.28
CA VAL F 227 70.70 -36.87 -0.61
C VAL F 227 69.24 -37.00 -0.22
N GLU F 228 68.43 -37.51 -1.13
CA GLU F 228 67.03 -37.72 -0.83
C GLU F 228 66.89 -38.82 0.22
N LEU F 229 66.05 -38.58 1.21
CA LEU F 229 65.91 -39.48 2.35
C LEU F 229 64.79 -40.48 2.11
N LYS F 230 65.12 -41.75 2.32
CA LYS F 230 64.16 -42.81 2.05
C LYS F 230 63.24 -42.92 3.28
N PRO F 231 61.93 -43.04 3.10
CA PRO F 231 61.01 -42.83 4.23
C PRO F 231 61.26 -43.70 5.46
N GLN F 232 61.54 -45.00 5.27
CA GLN F 232 61.59 -45.90 6.42
C GLN F 232 62.82 -45.63 7.28
N GLU F 233 64.00 -45.61 6.68
CA GLU F 233 65.15 -45.24 7.49
C GLU F 233 65.13 -43.76 7.85
N LEU F 234 64.31 -42.95 7.18
CA LEU F 234 64.05 -41.60 7.69
C LEU F 234 63.43 -41.67 9.07
N LYS F 235 62.42 -42.53 9.22
CA LYS F 235 61.88 -42.78 10.56
C LYS F 235 62.96 -43.30 11.49
N ASN F 236 63.86 -44.14 10.96
CA ASN F 236 64.96 -44.65 11.78
C ASN F 236 65.85 -43.53 12.31
N ARG F 237 66.23 -42.59 11.44
CA ARG F 237 67.05 -41.46 11.89
C ARG F 237 66.28 -40.60 12.88
N VAL F 238 64.99 -40.40 12.65
CA VAL F 238 64.20 -39.64 13.62
C VAL F 238 64.25 -40.32 14.98
N ASN F 239 64.15 -41.65 15.00
CA ASN F 239 64.18 -42.38 16.26
C ASN F 239 65.54 -42.24 16.94
N GLU F 240 66.63 -42.40 16.18
CA GLU F 240 67.92 -42.39 16.86
C GLU F 240 68.26 -40.98 17.33
N GLU F 241 67.81 -39.97 16.58
CA GLU F 241 67.96 -38.59 17.01
C GLU F 241 67.15 -38.34 18.28
N LEU F 242 65.96 -38.91 18.38
CA LEU F 242 65.14 -38.74 19.58
C LEU F 242 65.82 -39.35 20.80
N THR F 243 66.35 -40.57 20.65
CA THR F 243 66.99 -41.18 21.82
C THR F 243 68.33 -40.51 22.12
N GLN F 244 68.94 -39.87 21.13
CA GLN F 244 70.11 -39.04 21.40
C GLN F 244 69.72 -37.79 22.19
N MET F 245 68.61 -37.17 21.82
CA MET F 245 68.19 -35.91 22.43
C MET F 245 67.58 -36.10 23.81
N ARG F 246 67.10 -37.31 24.14
CA ARG F 246 66.44 -37.51 25.43
C ARG F 246 67.35 -37.19 26.60
N THR F 247 68.67 -37.26 26.40
CA THR F 247 69.62 -37.02 27.48
C THR F 247 70.01 -35.55 27.63
N MET F 248 69.19 -34.63 27.13
CA MET F 248 69.47 -33.21 27.23
C MET F 248 68.24 -32.47 27.71
N ASP F 249 68.47 -31.36 28.42
CA ASP F 249 67.39 -30.54 28.95
C ASP F 249 66.88 -29.59 27.86
N ASN F 250 65.94 -28.74 28.25
CA ASN F 250 65.28 -27.86 27.28
C ASN F 250 66.24 -26.84 26.70
N ASP F 251 67.03 -26.18 27.55
CA ASP F 251 67.94 -25.16 27.05
C ASP F 251 69.07 -25.77 26.23
N ASP F 252 69.61 -26.92 26.64
CA ASP F 252 70.59 -27.60 25.79
C ASP F 252 69.94 -28.02 24.48
N LEU F 253 68.67 -28.41 24.52
CA LEU F 253 67.97 -28.75 23.28
C LEU F 253 67.88 -27.53 22.36
N SER F 254 67.61 -26.36 22.93
CA SER F 254 67.55 -25.16 22.10
C SER F 254 68.92 -24.85 21.49
N ARG F 255 69.99 -24.98 22.29
CA ARG F 255 71.34 -24.79 21.75
C ARG F 255 71.60 -25.74 20.58
N TYR F 256 71.31 -27.02 20.79
CA TYR F 256 71.55 -28.02 19.75
C TYR F 256 70.75 -27.72 18.50
N VAL F 257 69.46 -27.38 18.66
CA VAL F 257 68.60 -27.15 17.51
C VAL F 257 69.09 -25.93 16.73
N SER F 258 69.43 -24.85 17.44
CA SER F 258 69.93 -23.66 16.76
C SER F 258 71.21 -23.98 15.97
N TYR F 259 72.15 -24.67 16.61
CA TYR F 259 73.41 -24.98 15.94
C TYR F 259 73.18 -25.87 14.73
N ALA F 260 72.31 -26.86 14.86
CA ALA F 260 72.07 -27.78 13.74
C ALA F 260 71.37 -27.08 12.59
N LEU F 261 70.35 -26.27 12.87
CA LEU F 261 69.61 -25.62 11.80
C LEU F 261 70.36 -24.45 11.18
N ILE F 262 71.39 -23.93 11.86
CA ILE F 262 72.16 -22.82 11.30
C ILE F 262 73.58 -23.21 10.94
N GLY F 263 74.07 -24.37 11.37
CA GLY F 263 75.44 -24.77 11.11
C GLY F 263 75.80 -24.82 9.65
N THR F 264 76.69 -23.93 9.23
CA THR F 264 77.13 -23.85 7.83
C THR F 264 78.62 -23.49 7.85
N GLY F 265 79.17 -23.18 6.69
CA GLY F 265 80.58 -22.81 6.61
C GLY F 265 81.30 -23.43 5.43
N LEU F 266 82.35 -24.19 5.72
CA LEU F 266 83.20 -24.84 4.70
C LEU F 266 83.82 -23.74 3.84
N LEU F 267 83.96 -23.94 2.54
CA LEU F 267 84.60 -22.98 1.65
C LEU F 267 83.77 -22.80 0.39
N ALA F 268 83.86 -21.60 -0.18
CA ALA F 268 83.17 -21.27 -1.42
C ALA F 268 84.15 -20.57 -2.36
N SER F 269 83.98 -20.82 -3.66
CA SER F 269 84.81 -20.23 -4.71
C SER F 269 86.27 -20.61 -4.46
N ALA F 270 87.21 -19.79 -4.91
CA ALA F 270 88.64 -20.02 -4.71
C ALA F 270 89.32 -18.72 -4.32
N ILE F 271 88.72 -18.00 -3.39
CA ILE F 271 89.19 -16.67 -3.01
C ILE F 271 89.45 -16.62 -1.50
N ASP F 272 89.85 -15.45 -1.00
CA ASP F 272 90.13 -15.24 0.42
C ASP F 272 88.83 -15.06 1.19
N LYS F 273 88.92 -14.50 2.40
CA LYS F 273 87.83 -14.20 3.32
C LYS F 273 87.43 -15.43 4.13
N THR F 274 88.04 -16.60 3.88
CA THR F 274 87.70 -17.78 4.66
C THR F 274 88.32 -17.72 6.06
N GLY F 275 89.58 -17.29 6.15
CA GLY F 275 90.26 -17.30 7.44
C GLY F 275 89.64 -16.37 8.46
N LYS F 276 89.28 -15.16 8.03
CA LYS F 276 88.63 -14.22 8.94
C LYS F 276 87.29 -14.76 9.43
N ALA F 277 86.51 -15.34 8.51
CA ALA F 277 85.24 -15.94 8.91
C ALA F 277 85.46 -17.05 9.93
N GLY F 278 86.46 -17.90 9.69
CA GLY F 278 86.73 -18.98 10.62
C GLY F 278 87.14 -18.47 11.99
N ASP F 279 87.99 -17.44 12.03
CA ASP F 279 88.45 -16.96 13.33
C ASP F 279 87.32 -16.27 14.10
N MET F 280 86.40 -15.59 13.42
CA MET F 280 85.30 -15.02 14.19
C MET F 280 84.25 -16.06 14.57
N PHE F 281 84.06 -17.11 13.75
CA PHE F 281 83.33 -18.28 14.22
C PHE F 281 83.90 -18.78 15.53
N ALA F 282 85.22 -18.96 15.59
CA ALA F 282 85.85 -19.37 16.84
C ALA F 282 85.54 -18.37 17.95
N ALA F 283 85.82 -17.08 17.70
CA ALA F 283 85.63 -16.06 18.72
C ALA F 283 84.24 -16.17 19.33
N SER F 284 83.21 -16.22 18.48
CA SER F 284 81.84 -16.38 18.98
C SER F 284 81.66 -17.71 19.71
N TYR F 285 82.28 -18.78 19.24
CA TYR F 285 82.11 -20.09 19.86
C TYR F 285 82.63 -20.09 21.29
N GLU F 286 83.94 -19.94 21.48
CA GLU F 286 84.34 -19.95 22.89
C GLU F 286 83.87 -18.73 23.66
N ARG F 287 83.34 -17.69 23.00
CA ARG F 287 82.65 -16.64 23.75
C ARG F 287 81.36 -17.19 24.35
N GLN F 288 80.64 -18.02 23.60
CA GLN F 288 79.47 -18.70 24.14
C GLN F 288 79.85 -19.65 25.27
N LEU F 289 80.89 -20.46 25.07
CA LEU F 289 81.29 -21.35 26.17
C LEU F 289 81.77 -20.58 27.40
N ASP F 290 82.46 -19.45 27.22
CA ASP F 290 82.91 -18.74 28.41
C ASP F 290 81.73 -18.10 29.15
N ARG F 291 80.70 -17.61 28.45
CA ARG F 291 79.54 -17.19 29.23
C ARG F 291 78.88 -18.38 29.90
N ASN F 292 78.93 -19.56 29.28
CA ASN F 292 78.36 -20.74 29.92
C ASN F 292 79.06 -21.03 31.24
N LEU F 293 80.40 -20.97 31.24
CA LEU F 293 81.15 -21.17 32.47
C LEU F 293 80.85 -20.06 33.48
N GLN F 294 80.73 -18.81 33.02
CA GLN F 294 80.51 -17.72 33.95
C GLN F 294 79.11 -17.75 34.55
N ALA F 295 78.14 -18.31 33.82
CA ALA F 295 76.78 -18.45 34.34
C ALA F 295 76.58 -19.73 35.14
N GLY F 296 77.46 -20.72 34.97
CA GLY F 296 77.38 -21.92 35.76
C GLY F 296 78.01 -21.84 37.13
N ILE F 297 78.49 -20.66 37.53
CA ILE F 297 79.10 -20.48 38.84
C ILE F 297 78.08 -20.69 39.95
N ASN F 298 76.79 -20.62 39.64
CA ASN F 298 75.71 -20.91 40.57
C ASN F 298 75.63 -19.87 41.68
N GLN F 299 74.55 -19.88 42.45
CA GLN F 299 74.37 -18.99 43.58
C GLN F 299 74.94 -19.62 44.85
N GLN F 300 75.24 -18.75 45.82
CA GLN F 300 75.83 -19.16 47.09
C GLN F 300 74.85 -18.84 48.22
N LYS F 301 75.34 -19.01 49.45
CA LYS F 301 74.59 -18.73 50.69
C LYS F 301 73.46 -19.72 50.90
N MET F 302 73.13 -19.97 52.16
CA MET F 302 72.08 -20.91 52.54
C MET F 302 70.71 -20.26 52.68
N ALA F 303 70.59 -18.97 52.37
CA ALA F 303 69.34 -18.23 52.32
C ALA F 303 68.69 -18.05 53.69
N ALA F 304 69.45 -18.22 54.76
CA ALA F 304 69.00 -17.86 56.10
C ALA F 304 69.85 -16.77 56.74
N ALA F 305 71.14 -16.69 56.41
CA ALA F 305 71.96 -15.60 56.89
C ALA F 305 71.63 -14.29 56.17
N ALA F 306 71.24 -14.37 54.89
CA ALA F 306 70.86 -13.17 54.16
C ALA F 306 69.64 -12.50 54.79
N ALA F 307 68.71 -13.32 55.30
CA ALA F 307 67.58 -12.77 56.03
C ALA F 307 68.05 -12.02 57.28
N ASP F 308 69.04 -12.58 57.97
CA ASP F 308 69.59 -11.90 59.14
C ASP F 308 70.23 -10.56 58.76
N ARG F 309 70.97 -10.54 57.66
CA ARG F 309 71.57 -9.28 57.21
C ARG F 309 70.50 -8.25 56.86
N GLN F 310 69.45 -8.68 56.14
CA GLN F 310 68.37 -7.75 55.81
C GLN F 310 67.69 -7.22 57.06
N ILE F 311 67.46 -8.09 58.04
CA ILE F 311 66.87 -7.66 59.30
C ILE F 311 67.76 -6.63 59.98
N LYS F 312 69.07 -6.86 59.97
CA LYS F 312 70.00 -5.92 60.59
C LYS F 312 69.97 -4.56 59.90
N GLU F 313 69.98 -4.54 58.56
CA GLU F 313 69.90 -3.26 57.86
C GLU F 313 68.59 -2.55 58.15
N LYS F 314 67.47 -3.28 58.17
CA LYS F 314 66.20 -2.65 58.48
C LYS F 314 66.20 -2.09 59.90
N ASP F 315 66.83 -2.80 60.84
CA ASP F 315 66.96 -2.31 62.20
C ASP F 315 67.75 -1.02 62.25
N LEU F 316 68.86 -0.95 61.48
CA LEU F 316 69.60 0.30 61.40
C LEU F 316 68.76 1.41 60.78
N GLU F 317 67.86 1.07 59.86
CA GLU F 317 66.99 2.10 59.27
C GLU F 317 66.00 2.64 60.29
N ARG F 318 65.30 1.77 61.02
CA ARG F 318 64.35 2.26 62.01
C ARG F 318 65.06 3.03 63.12
N LYS F 319 66.22 2.56 63.56
CA LYS F 319 66.98 3.25 64.58
C LYS F 319 67.60 4.52 64.02
N PRO G 174 83.21 36.58 13.29
CA PRO G 174 81.99 37.34 13.05
C PRO G 174 80.83 36.91 13.94
N GLU G 175 79.88 36.16 13.38
CA GLU G 175 78.72 35.66 14.11
C GLU G 175 79.00 34.31 14.79
N VAL G 176 80.27 34.01 15.06
CA VAL G 176 80.62 32.69 15.61
C VAL G 176 79.96 32.48 16.96
N ALA G 177 80.02 33.49 17.83
CA ALA G 177 79.39 33.37 19.14
C ALA G 177 77.88 33.24 19.03
N SER G 178 77.26 34.02 18.15
CA SER G 178 75.81 33.94 17.97
C SER G 178 75.41 32.57 17.43
N GLU G 179 76.16 32.06 16.46
CA GLU G 179 75.87 30.73 15.93
C GLU G 179 76.02 29.66 17.00
N ALA G 180 77.08 29.77 17.82
CA ALA G 180 77.27 28.81 18.90
C ALA G 180 76.12 28.85 19.89
N GLY G 181 75.68 30.05 20.27
CA GLY G 181 74.57 30.16 21.19
C GLY G 181 73.28 29.60 20.62
N ALA G 182 73.00 29.91 19.34
CA ALA G 182 71.78 29.42 18.71
C ALA G 182 71.82 27.91 18.52
N ALA G 183 73.00 27.33 18.33
CA ALA G 183 73.13 25.89 18.15
C ALA G 183 73.44 25.16 19.44
N VAL G 184 73.49 25.85 20.58
CA VAL G 184 73.70 25.19 21.85
C VAL G 184 72.57 25.52 22.81
N ALA G 185 72.45 26.81 23.17
CA ALA G 185 71.50 27.18 24.23
C ALA G 185 70.06 27.00 23.78
N ASP G 186 69.81 27.10 22.48
CA ASP G 186 68.43 27.09 21.99
C ASP G 186 67.80 25.71 22.10
N GLU G 187 68.36 24.73 21.40
CA GLU G 187 67.70 23.44 21.22
C GLU G 187 68.61 22.29 21.58
N GLU G 188 69.42 22.44 22.63
CA GLU G 188 70.20 21.31 23.14
C GLU G 188 69.78 20.95 24.57
N GLU G 189 69.82 21.89 25.50
CA GLU G 189 69.33 21.61 26.84
C GLU G 189 67.85 21.90 27.00
N ALA G 190 67.21 22.58 26.05
CA ALA G 190 65.76 22.74 26.13
C ALA G 190 65.08 21.39 25.94
N ASN G 191 65.44 20.68 24.87
CA ASN G 191 64.90 19.34 24.68
C ASN G 191 65.32 18.41 25.81
N ARG G 192 66.58 18.50 26.25
CA ARG G 192 67.02 17.69 27.38
C ARG G 192 66.15 17.92 28.60
N GLN G 193 65.80 19.17 28.86
CA GLN G 193 64.99 19.54 30.01
C GLN G 193 63.57 19.02 29.86
N VAL G 194 63.04 19.06 28.64
CA VAL G 194 61.72 18.50 28.37
C VAL G 194 61.72 16.99 28.64
N ILE G 195 62.76 16.29 28.18
CA ILE G 195 62.84 14.85 28.44
C ILE G 195 63.00 14.58 29.93
N GLN G 196 63.73 15.44 30.64
CA GLN G 196 63.84 15.26 32.08
C GLN G 196 62.47 15.35 32.74
N GLN G 197 61.69 16.37 32.39
CA GLN G 197 60.35 16.51 32.95
C GLN G 197 59.48 15.31 32.60
N GLY G 198 59.52 14.88 31.34
CA GLY G 198 58.69 13.76 30.92
C GLY G 198 59.06 12.47 31.61
N ALA G 199 60.37 12.21 31.75
CA ALA G 199 60.81 11.01 32.44
C ALA G 199 60.41 11.04 33.90
N ALA G 200 60.53 12.20 34.54
CA ALA G 200 60.10 12.31 35.93
C ALA G 200 58.61 11.99 36.06
N GLU G 201 57.79 12.57 35.18
CA GLU G 201 56.36 12.31 35.24
C GLU G 201 56.05 10.84 34.98
N GLY G 202 56.70 10.25 33.99
CA GLY G 202 56.43 8.86 33.66
C GLY G 202 56.83 7.91 34.78
N LEU G 203 57.99 8.16 35.40
CA LEU G 203 58.38 7.35 36.55
C LEU G 203 57.42 7.54 37.71
N ARG G 204 56.96 8.78 37.94
CA ARG G 204 56.04 9.04 39.03
C ARG G 204 54.73 8.29 38.84
N THR G 205 54.18 8.32 37.63
CA THR G 205 52.90 7.68 37.37
C THR G 205 53.04 6.20 37.00
N GLY G 206 54.25 5.70 36.83
CA GLY G 206 54.43 4.31 36.47
C GLY G 206 54.11 3.99 35.02
N ALA G 207 53.90 4.99 34.17
CA ALA G 207 53.60 4.73 32.77
C ALA G 207 54.77 4.05 32.07
N VAL G 208 55.99 4.50 32.36
CA VAL G 208 57.19 3.93 31.78
C VAL G 208 58.05 3.38 32.90
N SER G 209 58.49 2.13 32.75
CA SER G 209 59.26 1.45 33.78
C SER G 209 60.75 1.63 33.55
N ARG G 210 61.53 1.26 34.56
CA ARG G 210 62.98 1.38 34.48
C ARG G 210 63.60 0.57 33.34
N PRO G 211 63.23 -0.70 33.12
CA PRO G 211 63.88 -1.46 32.03
C PRO G 211 63.72 -0.81 30.66
N GLU G 212 62.59 -0.16 30.40
CA GLU G 212 62.43 0.54 29.13
C GLU G 212 63.48 1.64 28.98
N MET G 213 63.68 2.42 30.03
CA MET G 213 64.71 3.47 29.98
C MET G 213 66.10 2.87 29.84
N ALA G 214 66.36 1.75 30.52
CA ALA G 214 67.66 1.11 30.39
C ALA G 214 67.91 0.66 28.95
N GLN G 215 66.91 0.05 28.33
CA GLN G 215 67.05 -0.39 26.95
C GLN G 215 67.24 0.80 26.02
N ALA G 216 66.50 1.89 26.24
CA ALA G 216 66.66 3.07 25.41
C ALA G 216 68.05 3.65 25.54
N VAL G 217 68.57 3.72 26.76
CA VAL G 217 69.91 4.25 26.97
C VAL G 217 70.95 3.38 26.28
N VAL G 218 70.80 2.06 26.40
CA VAL G 218 71.76 1.15 25.78
C VAL G 218 71.73 1.31 24.26
N GLU G 219 70.53 1.38 23.67
CA GLU G 219 70.44 1.57 22.22
C GLU G 219 71.03 2.90 21.80
N ALA G 220 70.79 3.96 22.57
CA ALA G 220 71.35 5.27 22.22
C ALA G 220 72.87 5.24 22.26
N ASP G 221 73.44 4.60 23.29
CA ASP G 221 74.90 4.50 23.38
C ASP G 221 75.45 3.71 22.21
N ALA G 222 74.79 2.60 21.86
CA ALA G 222 75.26 1.78 20.74
C ALA G 222 75.21 2.56 19.44
N GLN G 223 74.12 3.31 19.21
CA GLN G 223 74.03 4.13 18.01
C GLN G 223 75.10 5.20 17.99
N ARG G 224 75.42 5.77 19.16
CA ARG G 224 76.50 6.74 19.23
C ARG G 224 77.83 6.09 18.84
N GLU G 225 78.07 4.87 19.30
CA GLU G 225 79.25 4.14 18.88
C GLU G 225 79.14 3.57 17.47
N GLY G 226 77.93 3.57 16.89
CA GLY G 226 77.76 3.10 15.52
C GLY G 226 78.09 1.64 15.33
N VAL G 227 77.74 0.79 16.29
CA VAL G 227 77.98 -0.64 16.20
C VAL G 227 76.64 -1.36 16.39
N GLU G 228 76.34 -2.28 15.49
CA GLU G 228 75.11 -3.05 15.60
C GLU G 228 75.21 -3.96 16.82
N LEU G 229 74.16 -3.99 17.63
CA LEU G 229 74.20 -4.65 18.93
C LEU G 229 73.72 -6.08 18.82
N LYS G 230 74.58 -7.02 19.19
CA LYS G 230 74.21 -8.42 19.19
C LYS G 230 73.22 -8.68 20.33
N PRO G 231 72.10 -9.37 20.06
CA PRO G 231 70.99 -9.36 21.03
C PRO G 231 71.34 -9.85 22.42
N GLN G 232 72.18 -10.87 22.54
CA GLN G 232 72.31 -11.56 23.82
C GLN G 232 73.13 -10.70 24.78
N GLU G 233 74.35 -10.33 24.40
CA GLU G 233 75.08 -9.41 25.27
C GLU G 233 74.41 -8.05 25.32
N LEU G 234 73.51 -7.74 24.39
CA LEU G 234 72.66 -6.56 24.56
C LEU G 234 71.81 -6.71 25.81
N LYS G 235 71.22 -7.90 26.00
CA LYS G 235 70.52 -8.17 27.25
C LYS G 235 71.46 -8.03 28.44
N ASN G 236 72.71 -8.47 28.28
CA ASN G 236 73.68 -8.26 29.35
C ASN G 236 73.91 -6.78 29.66
N ARG G 237 74.00 -5.95 28.62
CA ARG G 237 74.14 -4.51 28.86
C ARG G 237 72.93 -3.95 29.59
N VAL G 238 71.73 -4.35 29.19
CA VAL G 238 70.55 -3.88 29.90
C VAL G 238 70.59 -4.32 31.36
N ASN G 239 71.04 -5.55 31.61
CA ASN G 239 71.08 -6.07 32.97
C ASN G 239 72.05 -5.27 33.83
N GLU G 240 73.27 -5.07 33.34
CA GLU G 240 74.25 -4.34 34.13
C GLU G 240 73.87 -2.88 34.27
N GLU G 241 73.18 -2.31 33.27
CA GLU G 241 72.74 -0.93 33.36
C GLU G 241 71.65 -0.81 34.42
N LEU G 242 70.76 -1.80 34.49
CA LEU G 242 69.75 -1.81 35.54
C LEU G 242 70.37 -1.93 36.92
N THR G 243 71.41 -2.77 37.05
CA THR G 243 72.12 -2.86 38.32
C THR G 243 72.75 -1.53 38.67
N GLN G 244 73.26 -0.82 37.67
CA GLN G 244 73.81 0.52 37.90
C GLN G 244 72.72 1.47 38.39
N MET G 245 71.53 1.42 37.78
CA MET G 245 70.47 2.36 38.14
C MET G 245 69.82 2.05 39.47
N ARG G 246 69.92 0.81 39.96
CA ARG G 246 69.22 0.47 41.19
C ARG G 246 69.69 1.29 42.39
N THR G 247 70.86 1.92 42.30
CA THR G 247 71.39 2.72 43.39
C THR G 247 71.07 4.20 43.26
N MET G 248 70.09 4.56 42.44
CA MET G 248 69.72 5.96 42.25
C MET G 248 68.21 6.12 42.40
N ASP G 249 67.81 7.29 42.87
CA ASP G 249 66.40 7.59 43.07
C ASP G 249 65.77 8.05 41.76
N ASN G 250 64.50 8.47 41.84
CA ASN G 250 63.76 8.79 40.63
C ASN G 250 64.28 10.06 39.97
N ASP G 251 64.49 11.12 40.74
CA ASP G 251 64.95 12.38 40.15
C ASP G 251 66.38 12.25 39.62
N ASP G 252 67.27 11.59 40.35
CA ASP G 252 68.60 11.32 39.81
C ASP G 252 68.50 10.48 38.54
N LEU G 253 67.56 9.54 38.52
CA LEU G 253 67.36 8.75 37.32
C LEU G 253 66.94 9.62 36.14
N SER G 254 66.05 10.58 36.37
CA SER G 254 65.64 11.47 35.30
C SER G 254 66.81 12.29 34.78
N ARG G 255 67.63 12.81 35.71
CA ARG G 255 68.85 13.51 35.31
C ARG G 255 69.72 12.63 34.42
N TYR G 256 69.95 11.39 34.85
CA TYR G 256 70.83 10.49 34.14
C TYR G 256 70.28 10.21 32.74
N VAL G 257 68.98 9.90 32.64
CA VAL G 257 68.40 9.58 31.34
C VAL G 257 68.46 10.78 30.41
N SER G 258 68.16 11.98 30.93
CA SER G 258 68.23 13.16 30.09
C SER G 258 69.64 13.36 29.55
N TYR G 259 70.64 13.29 30.42
CA TYR G 259 72.02 13.47 29.99
C TYR G 259 72.43 12.42 28.98
N ALA G 260 72.08 11.16 29.23
CA ALA G 260 72.48 10.08 28.34
C ALA G 260 71.82 10.22 26.97
N LEU G 261 70.53 10.56 26.94
CA LEU G 261 69.82 10.65 25.68
C LEU G 261 70.15 11.91 24.89
N ILE G 262 70.69 12.95 25.55
CA ILE G 262 71.03 14.17 24.85
C ILE G 262 72.54 14.38 24.74
N GLY G 263 73.34 13.76 25.62
CA GLY G 263 74.77 13.97 25.64
C GLY G 263 75.45 13.82 24.30
N THR G 264 75.96 14.91 23.75
CA THR G 264 76.62 14.92 22.45
C THR G 264 77.74 15.96 22.53
N GLY G 265 78.33 16.30 21.39
CA GLY G 265 79.41 17.27 21.36
C GLY G 265 80.55 16.88 20.46
N LEU G 266 81.75 16.77 21.01
CA LEU G 266 82.99 16.45 20.28
C LEU G 266 83.20 17.58 19.26
N LEU G 267 83.69 17.28 18.06
CA LEU G 267 84.00 18.29 17.06
C LEU G 267 83.44 17.88 15.72
N ALA G 268 83.07 18.88 14.91
CA ALA G 268 82.57 18.67 13.57
C ALA G 268 83.27 19.64 12.62
N SER G 269 83.49 19.18 11.39
CA SER G 269 84.15 19.95 10.32
C SER G 269 85.55 20.34 10.81
N ALA G 270 86.08 21.45 10.32
CA ALA G 270 87.40 21.94 10.70
C ALA G 270 87.35 23.45 10.90
N ILE G 271 86.32 23.92 11.60
CA ILE G 271 86.09 25.36 11.74
C ILE G 271 86.01 25.72 13.22
N ASP G 272 85.78 27.00 13.51
CA ASP G 272 85.69 27.51 14.88
C ASP G 272 84.31 27.19 15.46
N LYS G 273 83.95 27.89 16.54
CA LYS G 273 82.68 27.79 17.28
C LYS G 273 82.71 26.61 18.25
N THR G 274 83.77 25.80 18.25
CA THR G 274 83.84 24.68 19.19
C THR G 274 84.16 25.16 20.60
N GLY G 275 85.07 26.12 20.74
CA GLY G 275 85.47 26.57 22.07
C GLY G 275 84.34 27.26 22.82
N LYS G 276 83.61 28.14 22.14
CA LYS G 276 82.47 28.80 22.78
C LYS G 276 81.40 27.81 23.18
N ALA G 277 81.11 26.84 22.30
CA ALA G 277 80.15 25.80 22.64
C ALA G 277 80.60 25.03 23.87
N GLY G 278 81.88 24.66 23.92
CA GLY G 278 82.37 23.92 25.07
C GLY G 278 82.30 24.71 26.37
N ASP G 279 82.68 25.99 26.31
CA ASP G 279 82.67 26.78 27.54
C ASP G 279 81.24 27.02 28.03
N MET G 280 80.29 27.18 27.12
CA MET G 280 78.91 27.35 27.61
C MET G 280 78.29 26.02 28.03
N PHE G 281 78.70 24.89 27.45
CA PHE G 281 78.40 23.60 28.07
C PHE G 281 78.85 23.58 29.51
N ALA G 282 80.11 23.95 29.75
CA ALA G 282 80.63 23.94 31.12
C ALA G 282 79.85 24.90 32.02
N ALA G 283 79.50 26.06 31.48
CA ALA G 283 78.74 27.05 32.24
C ALA G 283 77.38 26.48 32.65
N SER G 284 76.63 25.93 31.70
CA SER G 284 75.35 25.33 32.03
C SER G 284 75.51 24.17 32.99
N TYR G 285 76.61 23.43 32.89
CA TYR G 285 76.85 22.29 33.77
C TYR G 285 77.02 22.75 35.22
N GLU G 286 77.94 23.70 35.45
CA GLU G 286 78.13 24.17 36.83
C GLU G 286 76.91 24.93 37.31
N ARG G 287 76.14 25.51 36.38
CA ARG G 287 74.84 26.07 36.71
C ARG G 287 73.88 25.03 37.27
N GLN G 288 73.81 23.86 36.64
CA GLN G 288 72.97 22.79 37.17
C GLN G 288 73.47 22.33 38.54
N LEU G 289 74.78 22.13 38.68
CA LEU G 289 75.30 21.71 39.98
C LEU G 289 75.05 22.75 41.07
N ASP G 290 75.18 24.04 40.75
CA ASP G 290 74.95 25.03 41.82
C ASP G 290 73.49 25.09 42.22
N ARG G 291 72.55 24.89 41.28
CA ARG G 291 71.17 24.75 41.73
C ARG G 291 70.96 23.50 42.56
N ASN G 292 71.64 22.39 42.23
CA ASN G 292 71.54 21.22 43.10
C ASN G 292 72.02 21.55 44.52
N LEU G 293 73.17 22.22 44.66
CA LEU G 293 73.66 22.55 45.99
C LEU G 293 72.72 23.51 46.71
N GLN G 294 72.19 24.50 45.99
CA GLN G 294 71.31 25.48 46.63
C GLN G 294 69.97 24.87 47.02
N ALA G 295 69.52 23.85 46.29
CA ALA G 295 68.28 23.17 46.66
C ALA G 295 68.51 22.14 47.76
N GLY G 296 69.74 21.65 47.90
CA GLY G 296 70.05 20.68 48.93
C GLY G 296 70.18 21.24 50.33
N ILE G 297 70.07 22.56 50.50
CA ILE G 297 70.11 23.14 51.84
C ILE G 297 68.92 22.73 52.67
N ASN G 298 67.82 22.30 52.01
CA ASN G 298 66.65 21.76 52.68
C ASN G 298 66.01 22.76 53.64
N GLN G 299 65.24 22.25 54.60
CA GLN G 299 64.50 23.08 55.54
C GLN G 299 65.07 22.91 56.95
N GLN G 300 64.80 23.90 57.78
CA GLN G 300 65.26 23.93 59.17
C GLN G 300 64.05 23.93 60.10
N LYS G 301 64.32 24.15 61.39
CA LYS G 301 63.32 24.24 62.44
C LYS G 301 62.67 22.90 62.74
N MET G 302 62.19 22.73 63.97
CA MET G 302 61.58 21.50 64.44
C MET G 302 60.08 21.45 64.23
N ALA G 303 59.49 22.47 63.60
CA ALA G 303 58.07 22.55 63.25
C ALA G 303 57.16 22.63 64.46
N ALA G 304 57.69 23.02 65.61
CA ALA G 304 56.88 23.32 66.78
C ALA G 304 57.02 24.76 67.24
N ALA G 305 58.17 25.39 67.01
CA ALA G 305 58.31 26.81 67.31
C ALA G 305 57.59 27.67 66.28
N ALA G 306 57.47 27.19 65.04
CA ALA G 306 56.73 27.92 64.02
C ALA G 306 55.26 28.04 64.40
N ALA G 307 54.69 26.98 64.99
CA ALA G 307 53.31 27.05 65.46
C ALA G 307 53.17 28.11 66.55
N ASP G 308 54.14 28.19 67.47
CA ASP G 308 54.11 29.21 68.50
C ASP G 308 54.20 30.61 67.90
N ARG G 309 55.05 30.78 66.88
CA ARG G 309 55.15 32.07 66.21
C ARG G 309 53.84 32.47 65.55
N GLN G 310 53.20 31.53 64.85
CA GLN G 310 51.93 31.82 64.21
C GLN G 310 50.86 32.16 65.25
N ILE G 311 50.85 31.44 66.36
CA ILE G 311 49.90 31.73 67.43
C ILE G 311 50.13 33.14 67.96
N LYS G 312 51.39 33.52 68.14
CA LYS G 312 51.70 34.86 68.66
C LYS G 312 51.25 35.95 67.70
N GLU G 313 51.50 35.77 66.39
CA GLU G 313 51.03 36.76 65.43
C GLU G 313 49.51 36.85 65.42
N LYS G 314 48.82 35.71 65.46
CA LYS G 314 47.36 35.75 65.46
C LYS G 314 46.84 36.44 66.73
N ASP G 315 47.48 36.19 67.86
CA ASP G 315 47.11 36.87 69.10
C ASP G 315 47.30 38.37 68.97
N LEU G 316 48.40 38.80 68.34
CA LEU G 316 48.60 40.22 68.09
C LEU G 316 47.51 40.79 67.18
N GLU G 317 47.05 40.00 66.21
CA GLU G 317 45.98 40.48 65.33
C GLU G 317 44.67 40.65 66.07
N ARG G 318 44.25 39.64 66.85
CA ARG G 318 43.00 39.78 67.60
C ARG G 318 43.12 40.88 68.65
N LYS G 319 44.31 41.06 69.21
CA LYS G 319 44.54 42.13 70.18
C LYS G 319 44.54 43.49 69.48
N PRO H 174 55.45 71.81 15.52
CA PRO H 174 54.16 71.79 14.83
C PRO H 174 53.11 70.97 15.58
N GLU H 175 52.62 69.90 14.96
CA GLU H 175 51.62 69.02 15.56
C GLU H 175 52.23 67.96 16.46
N VAL H 176 53.49 68.15 16.88
CA VAL H 176 54.17 67.13 17.67
C VAL H 176 53.52 66.95 19.03
N ALA H 177 53.01 68.03 19.64
CA ALA H 177 52.32 67.91 20.91
C ALA H 177 51.02 67.14 20.76
N SER H 178 50.30 67.35 19.65
CA SER H 178 49.08 66.60 19.40
C SER H 178 49.37 65.11 19.25
N GLU H 179 50.45 64.77 18.55
CA GLU H 179 50.84 63.37 18.42
C GLU H 179 51.21 62.78 19.78
N ALA H 180 51.94 63.56 20.59
CA ALA H 180 52.28 63.11 21.94
C ALA H 180 51.02 62.78 22.74
N GLY H 181 50.06 63.69 22.74
CA GLY H 181 48.83 63.45 23.46
C GLY H 181 48.05 62.27 22.93
N ALA H 182 47.96 62.15 21.61
CA ALA H 182 47.15 61.10 21.01
C ALA H 182 47.74 59.71 21.28
N ALA H 183 49.03 59.53 21.00
CA ALA H 183 49.65 58.22 21.10
C ALA H 183 50.31 57.96 22.44
N VAL H 184 50.22 58.91 23.38
CA VAL H 184 50.92 58.77 24.65
C VAL H 184 50.04 59.08 25.85
N ALA H 185 48.89 59.73 25.69
CA ALA H 185 47.99 59.97 26.81
C ALA H 185 46.69 59.18 26.72
N ASP H 186 46.39 58.56 25.59
CA ASP H 186 45.08 57.97 25.37
C ASP H 186 45.14 56.45 25.20
N GLU H 187 45.94 55.96 24.27
CA GLU H 187 45.81 54.61 23.76
C GLU H 187 46.52 53.56 24.60
N GLU H 188 46.97 53.92 25.79
CA GLU H 188 47.38 52.85 26.69
C GLU H 188 46.75 52.96 28.07
N GLU H 189 46.57 54.19 28.59
CA GLU H 189 45.92 54.33 29.88
C GLU H 189 44.48 53.83 29.84
N ALA H 190 43.83 53.93 28.68
CA ALA H 190 42.55 53.26 28.51
C ALA H 190 42.72 51.76 28.65
N ASN H 191 43.69 51.21 27.92
CA ASN H 191 43.99 49.79 28.05
C ASN H 191 44.50 49.46 29.43
N ARG H 192 45.27 50.37 30.04
CA ARG H 192 45.77 50.13 31.39
C ARG H 192 44.62 49.99 32.38
N GLN H 193 43.65 50.90 32.30
CA GLN H 193 42.52 50.83 33.23
C GLN H 193 41.59 49.66 32.91
N VAL H 194 41.44 49.32 31.63
CA VAL H 194 40.65 48.15 31.29
C VAL H 194 41.29 46.89 31.85
N ILE H 195 42.62 46.79 31.73
CA ILE H 195 43.34 45.67 32.32
C ILE H 195 43.19 45.67 33.84
N GLN H 196 43.23 46.85 34.45
CA GLN H 196 42.99 46.95 35.88
C GLN H 196 41.65 46.35 36.25
N GLN H 197 40.60 46.76 35.56
CA GLN H 197 39.26 46.27 35.86
C GLN H 197 39.16 44.77 35.65
N GLY H 198 39.72 44.28 34.53
CA GLY H 198 39.65 42.86 34.26
C GLY H 198 40.39 42.02 35.28
N ALA H 199 41.58 42.46 35.68
CA ALA H 199 42.34 41.74 36.69
C ALA H 199 41.62 41.76 38.03
N ALA H 200 41.04 42.90 38.40
CA ALA H 200 40.30 42.98 39.65
C ALA H 200 39.12 42.01 39.64
N GLU H 201 38.36 41.99 38.55
CA GLU H 201 37.22 41.10 38.46
C GLU H 201 37.65 39.64 38.49
N GLY H 202 38.72 39.30 37.77
CA GLY H 202 39.17 37.93 37.74
C GLY H 202 39.65 37.45 39.09
N LEU H 203 40.41 38.30 39.80
CA LEU H 203 40.82 37.94 41.15
C LEU H 203 39.63 37.82 42.09
N ARG H 204 38.65 38.72 41.95
CA ARG H 204 37.50 38.69 42.83
C ARG H 204 36.69 37.41 42.65
N THR H 205 36.46 37.01 41.41
CA THR H 205 35.67 35.82 41.13
C THR H 205 36.51 34.54 41.08
N GLY H 206 37.83 34.64 41.19
CA GLY H 206 38.66 33.47 41.14
C GLY H 206 38.82 32.85 39.77
N ALA H 207 38.39 33.55 38.71
CA ALA H 207 38.52 33.00 37.36
C ALA H 207 39.99 32.82 36.99
N VAL H 208 40.83 33.78 37.34
CA VAL H 208 42.26 33.72 37.05
C VAL H 208 43.02 33.78 38.36
N SER H 209 43.94 32.85 38.56
CA SER H 209 44.69 32.75 39.80
C SER H 209 45.97 33.59 39.73
N ARG H 210 46.60 33.76 40.88
CA ARG H 210 47.83 34.53 40.96
C ARG H 210 48.96 33.95 40.12
N PRO H 211 49.24 32.64 40.15
CA PRO H 211 50.35 32.14 39.33
C PRO H 211 50.20 32.43 37.85
N GLU H 212 48.98 32.45 37.32
CA GLU H 212 48.79 32.79 35.92
C GLU H 212 49.30 34.20 35.63
N MET H 213 48.92 35.17 36.47
CA MET H 213 49.40 36.53 36.27
C MET H 213 50.90 36.64 36.49
N ALA H 214 51.45 35.90 37.46
CA ALA H 214 52.89 35.93 37.66
C ALA H 214 53.62 35.44 36.43
N GLN H 215 53.15 34.33 35.84
CA GLN H 215 53.77 33.79 34.65
C GLN H 215 53.64 34.75 33.48
N ALA H 216 52.46 35.38 33.33
CA ALA H 216 52.28 36.35 32.25
C ALA H 216 53.22 37.53 32.41
N VAL H 217 53.38 38.02 33.64
CA VAL H 217 54.29 39.13 33.89
C VAL H 217 55.72 38.74 33.56
N VAL H 218 56.12 37.53 33.94
CA VAL H 218 57.48 37.08 33.67
C VAL H 218 57.73 36.99 32.17
N GLU H 219 56.77 36.43 31.43
CA GLU H 219 56.93 36.35 29.98
C GLU H 219 56.98 37.73 29.36
N ALA H 220 56.15 38.66 29.84
CA ALA H 220 56.17 40.02 29.29
C ALA H 220 57.51 40.67 29.53
N ASP H 221 58.08 40.52 30.73
CA ASP H 221 59.37 41.11 31.02
C ASP H 221 60.44 40.49 30.13
N ALA H 222 60.41 39.16 29.97
CA ALA H 222 61.40 38.50 29.13
C ALA H 222 61.31 38.97 27.68
N GLN H 223 60.09 39.10 27.16
CA GLN H 223 59.91 39.58 25.79
C GLN H 223 60.41 41.01 25.67
N ARG H 224 60.19 41.83 26.71
CA ARG H 224 60.74 43.18 26.70
C ARG H 224 62.25 43.16 26.63
N GLU H 225 62.89 42.25 27.36
CA GLU H 225 64.33 42.07 27.26
C GLU H 225 64.75 41.31 26.01
N GLY H 226 63.81 40.69 25.32
CA GLY H 226 64.13 40.00 24.07
C GLY H 226 65.08 38.83 24.23
N VAL H 227 64.91 38.03 25.29
CA VAL H 227 65.75 36.87 25.54
C VAL H 227 64.85 35.66 25.76
N GLU H 228 65.17 34.56 25.09
CA GLU H 228 64.40 33.33 25.26
C GLU H 228 64.64 32.76 26.65
N LEU H 229 63.60 32.21 27.26
CA LEU H 229 63.61 31.86 28.67
C LEU H 229 63.75 30.36 28.84
N LYS H 230 64.75 29.94 29.62
CA LYS H 230 65.05 28.56 29.94
C LYS H 230 64.06 28.08 31.01
N PRO H 231 63.64 26.80 30.98
CA PRO H 231 62.56 26.36 31.88
C PRO H 231 62.76 26.45 33.40
N GLN H 232 63.76 25.82 34.03
CA GLN H 232 63.70 25.86 35.50
C GLN H 232 63.92 27.27 36.06
N GLU H 233 64.83 28.06 35.51
CA GLU H 233 64.92 29.41 36.05
C GLU H 233 63.72 30.26 35.66
N LEU H 234 63.00 29.90 34.59
CA LEU H 234 61.68 30.50 34.39
C LEU H 234 60.76 30.21 35.56
N LYS H 235 60.74 28.95 36.01
CA LYS H 235 59.99 28.63 37.22
C LYS H 235 60.52 29.41 38.42
N ASN H 236 61.83 29.63 38.45
CA ASN H 236 62.41 30.39 39.56
C ASN H 236 61.92 31.82 39.57
N ARG H 237 61.85 32.46 38.41
CA ARG H 237 61.27 33.80 38.35
C ARG H 237 59.80 33.77 38.75
N VAL H 238 59.06 32.76 38.30
CA VAL H 238 57.66 32.65 38.69
C VAL H 238 57.54 32.59 40.20
N ASN H 239 58.36 31.77 40.85
CA ASN H 239 58.29 31.64 42.30
C ASN H 239 58.70 32.93 43.01
N GLU H 240 59.76 33.60 42.56
CA GLU H 240 60.14 34.79 43.31
C GLU H 240 59.13 35.91 43.11
N GLU H 241 58.51 35.95 41.92
CA GLU H 241 57.43 36.90 41.70
C GLU H 241 56.22 36.58 42.56
N LEU H 242 55.93 35.30 42.76
CA LEU H 242 54.85 34.92 43.66
C LEU H 242 55.14 35.35 45.09
N THR H 243 56.39 35.18 45.53
CA THR H 243 56.76 35.65 46.86
C THR H 243 56.62 37.16 46.94
N GLN H 244 56.98 37.87 45.88
CA GLN H 244 56.81 39.32 45.86
C GLN H 244 55.34 39.70 45.95
N MET H 245 54.47 38.96 45.26
CA MET H 245 53.05 39.30 45.25
C MET H 245 52.35 38.94 46.56
N ARG H 246 52.86 37.93 47.27
CA ARG H 246 52.16 37.47 48.47
C ARG H 246 52.00 38.58 49.52
N THR H 247 52.85 39.61 49.48
CA THR H 247 52.72 40.74 50.38
C THR H 247 51.88 41.88 49.81
N MET H 248 51.03 41.59 48.83
CA MET H 248 50.19 42.59 48.19
C MET H 248 48.75 42.10 48.14
N ASP H 249 47.80 43.03 48.30
CA ASP H 249 46.40 42.69 48.26
C ASP H 249 45.90 42.68 46.80
N ASN H 250 44.62 42.37 46.63
CA ASN H 250 44.08 42.18 45.30
C ASN H 250 44.12 43.47 44.48
N ASP H 251 43.74 44.59 45.07
CA ASP H 251 43.73 45.86 44.34
C ASP H 251 45.15 46.27 43.95
N ASP H 252 46.08 46.20 44.91
CA ASP H 252 47.46 46.52 44.59
C ASP H 252 48.04 45.53 43.59
N LEU H 253 47.64 44.26 43.67
CA LEU H 253 48.06 43.29 42.68
C LEU H 253 47.58 43.68 41.30
N SER H 254 46.33 44.14 41.18
CA SER H 254 45.81 44.56 39.88
C SER H 254 46.58 45.77 39.36
N ARG H 255 46.87 46.73 40.24
CA ARG H 255 47.66 47.89 39.81
C ARG H 255 49.02 47.46 39.29
N TYR H 256 49.71 46.61 40.05
CA TYR H 256 51.04 46.15 39.66
C TYR H 256 50.97 45.39 38.34
N VAL H 257 49.98 44.51 38.18
CA VAL H 257 49.86 43.72 36.96
C VAL H 257 49.63 44.63 35.76
N SER H 258 48.74 45.61 35.91
CA SER H 258 48.48 46.53 34.80
C SER H 258 49.74 47.29 34.43
N TYR H 259 50.45 47.82 35.42
CA TYR H 259 51.67 48.58 35.13
C TYR H 259 52.71 47.70 34.44
N ALA H 260 52.90 46.47 34.93
CA ALA H 260 53.90 45.59 34.34
C ALA H 260 53.52 45.21 32.91
N LEU H 261 52.23 44.93 32.67
CA LEU H 261 51.82 44.47 31.36
C LEU H 261 51.81 45.59 30.34
N ILE H 262 51.59 46.83 30.77
CA ILE H 262 51.54 47.95 29.83
C ILE H 262 52.76 48.85 29.89
N GLY H 263 53.61 48.70 30.91
CA GLY H 263 54.78 49.57 31.06
C GLY H 263 55.70 49.58 29.85
N THR H 264 55.80 50.73 29.20
CA THR H 264 56.63 50.89 28.02
C THR H 264 57.23 52.31 28.08
N GLY H 265 57.85 52.74 27.00
CA GLY H 265 58.44 54.07 26.96
C GLY H 265 59.81 54.12 26.33
N LEU H 266 60.81 54.57 27.09
CA LEU H 266 62.19 54.73 26.63
C LEU H 266 62.17 55.73 25.46
N LEU H 267 62.99 55.53 24.43
CA LEU H 267 63.05 56.46 23.31
C LEU H 267 63.03 55.69 22.00
N ALA H 268 62.51 56.33 20.95
CA ALA H 268 62.47 55.75 19.62
C ALA H 268 62.95 56.77 18.61
N SER H 269 63.65 56.29 17.59
CA SER H 269 64.20 57.13 16.51
C SER H 269 65.15 58.16 17.14
N ALA H 270 65.29 59.32 16.50
CA ALA H 270 66.14 60.40 16.99
C ALA H 270 65.42 61.73 16.86
N ILE H 271 64.14 61.77 17.24
CA ILE H 271 63.31 62.93 17.03
C ILE H 271 62.76 63.43 18.37
N ASP H 272 61.95 64.49 18.33
CA ASP H 272 61.35 65.09 19.51
C ASP H 272 60.15 64.28 19.98
N LYS H 273 59.31 64.87 20.81
CA LYS H 273 58.06 64.34 21.37
C LYS H 273 58.32 63.46 22.59
N THR H 274 59.57 63.23 22.97
CA THR H 274 59.84 62.43 24.17
C THR H 274 59.63 63.23 25.44
N GLY H 275 60.00 64.51 25.44
CA GLY H 275 59.93 65.30 26.67
C GLY H 275 58.51 65.48 27.19
N LYS H 276 57.60 65.87 26.30
CA LYS H 276 56.22 66.04 26.70
C LYS H 276 55.58 64.70 27.08
N ALA H 277 55.92 63.64 26.35
CA ALA H 277 55.46 62.30 26.71
C ALA H 277 55.86 61.98 28.14
N GLY H 278 57.13 62.20 28.48
CA GLY H 278 57.58 61.90 29.83
C GLY H 278 56.95 62.77 30.88
N ASP H 279 56.84 64.08 30.63
CA ASP H 279 56.31 64.96 31.66
C ASP H 279 54.82 64.69 31.92
N MET H 280 54.06 64.40 30.86
CA MET H 280 52.65 64.07 31.04
C MET H 280 52.44 62.66 31.57
N PHE H 281 53.36 61.73 31.30
CA PHE H 281 53.39 60.47 32.03
C PHE H 281 53.53 60.72 33.53
N ALA H 282 54.47 61.59 33.89
CA ALA H 282 54.66 61.93 35.31
C ALA H 282 53.42 62.59 35.89
N ALA H 283 52.76 63.44 35.10
CA ALA H 283 51.54 64.09 35.55
C ALA H 283 50.45 63.06 35.84
N SER H 284 50.26 62.11 34.92
CA SER H 284 49.25 61.07 35.12
C SER H 284 49.60 60.21 36.33
N TYR H 285 50.87 59.86 36.50
CA TYR H 285 51.28 59.07 37.65
C TYR H 285 51.00 59.81 38.95
N GLU H 286 51.37 61.10 39.01
CA GLU H 286 51.15 61.90 40.20
C GLU H 286 49.65 61.99 40.49
N ARG H 287 48.84 62.13 39.43
CA ARG H 287 47.39 62.11 39.62
C ARG H 287 46.94 60.80 40.24
N GLN H 288 47.51 59.69 39.78
CA GLN H 288 47.11 58.39 40.32
C GLN H 288 47.43 58.28 41.80
N LEU H 289 48.66 58.64 42.21
CA LEU H 289 48.98 58.57 43.64
C LEU H 289 48.16 59.56 44.46
N ASP H 290 47.94 60.78 43.97
CA ASP H 290 47.21 61.73 44.80
C ASP H 290 45.75 61.33 44.96
N ARG H 291 45.14 60.79 43.90
CA ARG H 291 43.78 60.28 44.06
C ARG H 291 43.76 59.03 44.92
N ASN H 292 44.84 58.24 44.91
CA ASN H 292 44.93 57.10 45.81
C ASN H 292 44.88 57.57 47.26
N LEU H 293 45.68 58.59 47.58
CA LEU H 293 45.64 59.14 48.94
C LEU H 293 44.27 59.74 49.27
N GLN H 294 43.68 60.47 48.31
CA GLN H 294 42.40 61.11 48.58
C GLN H 294 41.29 60.08 48.79
N ALA H 295 41.40 58.91 48.16
CA ALA H 295 40.48 57.82 48.45
C ALA H 295 40.82 57.14 49.77
N GLY H 296 42.10 57.09 50.12
CA GLY H 296 42.55 56.48 51.36
C GLY H 296 42.48 57.35 52.59
N ILE H 297 41.94 58.57 52.46
CA ILE H 297 41.73 59.42 53.63
C ILE H 297 40.83 58.75 54.66
N ASN H 298 40.09 57.71 54.26
CA ASN H 298 39.31 56.86 55.15
C ASN H 298 38.09 57.59 55.71
N GLN H 299 37.08 56.83 56.12
CA GLN H 299 35.87 57.38 56.70
C GLN H 299 36.07 57.63 58.20
N GLN H 300 35.20 58.47 58.74
CA GLN H 300 35.25 58.87 60.15
C GLN H 300 33.97 58.44 60.85
N LYS H 301 33.80 58.92 62.09
CA LYS H 301 32.62 58.68 62.92
C LYS H 301 32.56 57.23 63.41
N MET H 302 31.99 57.04 64.60
CA MET H 302 31.87 55.73 65.24
C MET H 302 30.57 55.00 64.91
N ALA H 303 29.73 55.57 64.04
CA ALA H 303 28.52 54.95 63.52
C ALA H 303 27.44 54.77 64.57
N ALA H 304 27.54 55.48 65.68
CA ALA H 304 26.45 55.55 66.66
C ALA H 304 25.89 56.95 66.82
N ALA H 305 26.72 57.99 66.66
CA ALA H 305 26.20 59.36 66.68
C ALA H 305 25.43 59.67 65.40
N ALA H 306 25.82 59.08 64.27
CA ALA H 306 25.08 59.30 63.03
C ALA H 306 23.66 58.78 63.15
N ALA H 307 23.46 57.66 63.83
CA ALA H 307 22.12 57.16 64.08
C ALA H 307 21.31 58.16 64.90
N ASP H 308 21.94 58.78 65.90
CA ASP H 308 21.25 59.79 66.70
C ASP H 308 20.86 60.99 65.84
N ARG H 309 21.77 61.43 64.95
CA ARG H 309 21.46 62.55 64.08
C ARG H 309 20.29 62.22 63.15
N GLN H 310 20.30 61.02 62.56
CA GLN H 310 19.20 60.62 61.69
C GLN H 310 17.89 60.56 62.46
N ILE H 311 17.93 60.03 63.68
CA ILE H 311 16.72 59.97 64.51
C ILE H 311 16.20 61.38 64.79
N LYS H 312 17.10 62.31 65.10
CA LYS H 312 16.68 63.68 65.37
C LYS H 312 16.05 64.33 64.14
N GLU H 313 16.66 64.13 62.97
CA GLU H 313 16.08 64.70 61.75
C GLU H 313 14.70 64.12 61.47
N LYS H 314 14.55 62.79 61.60
CA LYS H 314 13.24 62.19 61.38
C LYS H 314 12.22 62.66 62.40
N ASP H 315 12.64 62.89 63.64
CA ASP H 315 11.75 63.45 64.65
C ASP H 315 11.29 64.84 64.25
N LEU H 316 12.20 65.67 63.73
CA LEU H 316 11.81 66.98 63.23
C LEU H 316 10.86 66.86 62.05
N GLU H 317 11.00 65.82 61.24
CA GLU H 317 10.07 65.61 60.13
C GLU H 317 8.67 65.27 60.63
N ARG H 318 8.56 64.31 61.55
CA ARG H 318 7.24 63.98 62.09
C ARG H 318 6.64 65.16 62.84
N LYS H 319 7.46 65.89 63.59
CA LYS H 319 7.00 67.08 64.29
C LYS H 319 6.62 68.18 63.30
N PRO I 174 15.63 90.35 6.41
CA PRO I 174 14.55 89.78 5.58
C PRO I 174 13.74 88.73 6.33
N GLU I 175 13.87 87.47 5.91
CA GLU I 175 13.17 86.36 6.54
C GLU I 175 13.93 85.79 7.74
N VAL I 176 14.85 86.56 8.31
CA VAL I 176 15.68 86.04 9.39
C VAL I 176 14.84 85.71 10.63
N ALA I 177 13.78 86.48 10.88
CA ALA I 177 12.94 86.21 12.05
C ALA I 177 12.15 84.93 11.87
N SER I 178 11.57 84.72 10.69
CA SER I 178 10.81 83.50 10.44
C SER I 178 11.70 82.27 10.48
N GLU I 179 12.90 82.35 9.87
CA GLU I 179 13.84 81.25 9.93
C GLU I 179 14.28 80.98 11.36
N ALA I 180 14.49 82.05 12.14
CA ALA I 180 14.86 81.90 13.54
C ALA I 180 13.78 81.17 14.32
N GLY I 181 12.52 81.58 14.15
CA GLY I 181 11.43 80.92 14.83
C GLY I 181 11.30 79.46 14.42
N ALA I 182 11.44 79.18 13.13
CA ALA I 182 11.34 77.79 12.66
C ALA I 182 12.50 76.94 13.15
N ALA I 183 13.66 77.55 13.38
CA ALA I 183 14.82 76.81 13.87
C ALA I 183 14.91 76.76 15.39
N VAL I 184 14.05 77.50 16.10
CA VAL I 184 14.10 77.48 17.55
C VAL I 184 12.78 76.97 18.13
N ALA I 185 11.68 77.68 17.86
CA ALA I 185 10.41 77.33 18.47
C ALA I 185 9.90 75.97 18.00
N ASP I 186 10.35 75.50 16.84
CA ASP I 186 9.83 74.25 16.29
C ASP I 186 10.52 73.04 16.90
N GLU I 187 11.84 72.93 16.74
CA GLU I 187 12.55 71.71 17.06
C GLU I 187 13.62 71.92 18.14
N GLU I 188 13.40 72.86 19.05
CA GLU I 188 14.26 72.98 20.22
C GLU I 188 13.50 72.68 21.50
N GLU I 189 12.40 73.39 21.77
CA GLU I 189 11.64 73.09 22.99
C GLU I 189 10.80 71.83 22.83
N ALA I 190 10.37 71.50 21.61
CA ALA I 190 9.50 70.34 21.45
C ALA I 190 10.20 69.06 21.87
N ASN I 191 11.40 68.83 21.35
CA ASN I 191 12.17 67.66 21.77
C ASN I 191 12.49 67.74 23.25
N ARG I 192 12.80 68.94 23.75
CA ARG I 192 13.12 69.09 25.16
C ARG I 192 11.98 68.61 26.04
N GLN I 193 10.75 69.00 25.71
CA GLN I 193 9.59 68.63 26.51
C GLN I 193 9.22 67.17 26.32
N VAL I 194 9.44 66.63 25.11
CA VAL I 194 9.24 65.20 24.92
C VAL I 194 10.18 64.41 25.83
N ILE I 195 11.45 64.81 25.87
CA ILE I 195 12.40 64.14 26.77
C ILE I 195 12.01 64.37 28.23
N GLN I 196 11.48 65.55 28.54
CA GLN I 196 11.01 65.79 29.91
C GLN I 196 9.94 64.78 30.31
N GLN I 197 8.92 64.63 29.49
CA GLN I 197 7.84 63.71 29.84
C GLN I 197 8.32 62.27 29.85
N GLY I 198 9.22 61.92 28.92
CA GLY I 198 9.77 60.58 28.91
C GLY I 198 10.58 60.27 30.15
N ALA I 199 11.41 61.22 30.59
CA ALA I 199 12.19 61.02 31.80
C ALA I 199 11.29 60.94 33.02
N ALA I 200 10.23 61.75 33.06
CA ALA I 200 9.29 61.68 34.17
C ALA I 200 8.65 60.28 34.24
N GLU I 201 8.22 59.76 33.08
CA GLU I 201 7.64 58.43 33.06
C GLU I 201 8.65 57.37 33.47
N GLY I 202 9.89 57.50 33.00
CA GLY I 202 10.91 56.53 33.35
C GLY I 202 11.22 56.52 34.84
N LEU I 203 11.28 57.71 35.45
CA LEU I 203 11.42 57.78 36.89
C LEU I 203 10.23 57.15 37.60
N ARG I 204 9.02 57.43 37.10
CA ARG I 204 7.82 56.97 37.78
C ARG I 204 7.71 55.45 37.76
N THR I 205 7.98 54.83 36.62
CA THR I 205 7.85 53.39 36.51
C THR I 205 9.13 52.64 36.87
N GLY I 206 10.23 53.34 37.11
CA GLY I 206 11.46 52.67 37.45
C GLY I 206 12.14 51.94 36.31
N ALA I 207 11.69 52.16 35.07
CA ALA I 207 12.32 51.49 33.94
C ALA I 207 13.76 51.92 33.77
N VAL I 208 14.04 53.21 33.94
CA VAL I 208 15.38 53.75 33.81
C VAL I 208 15.73 54.48 35.11
N SER I 209 16.90 54.16 35.65
CA SER I 209 17.31 54.63 36.96
C SER I 209 18.13 55.91 36.87
N ARG I 210 18.38 56.50 38.03
CA ARG I 210 19.15 57.75 38.10
C ARG I 210 20.57 57.63 37.56
N PRO I 211 21.35 56.61 37.92
CA PRO I 211 22.74 56.56 37.42
C PRO I 211 22.84 56.54 35.91
N GLU I 212 21.87 55.94 35.22
CA GLU I 212 21.89 55.97 33.76
C GLU I 212 21.82 57.39 33.23
N MET I 213 20.91 58.19 33.77
CA MET I 213 20.83 59.58 33.34
C MET I 213 22.03 60.39 33.78
N ALA I 214 22.60 60.11 34.95
CA ALA I 214 23.81 60.80 35.35
C ALA I 214 24.93 60.54 34.35
N GLN I 215 25.11 59.27 33.96
CA GLN I 215 26.15 58.94 32.99
C GLN I 215 25.85 59.57 31.64
N ALA I 216 24.59 59.57 31.21
CA ALA I 216 24.23 60.18 29.94
C ALA I 216 24.52 61.67 29.94
N VAL I 217 24.21 62.35 31.05
CA VAL I 217 24.50 63.78 31.15
C VAL I 217 26.00 64.01 31.09
N VAL I 218 26.78 63.18 31.78
CA VAL I 218 28.23 63.35 31.76
C VAL I 218 28.78 63.18 30.35
N GLU I 219 28.33 62.14 29.64
CA GLU I 219 28.78 61.96 28.27
C GLU I 219 28.37 63.12 27.37
N ALA I 220 27.14 63.62 27.54
CA ALA I 220 26.69 64.73 26.73
C ALA I 220 27.55 65.97 26.97
N ASP I 221 27.86 66.26 28.22
CA ASP I 221 28.71 67.40 28.53
C ASP I 221 30.09 67.22 27.94
N ALA I 222 30.65 66.01 28.06
CA ALA I 222 31.98 65.76 27.51
C ALA I 222 32.00 65.93 25.99
N GLN I 223 30.97 65.41 25.31
CA GLN I 223 30.88 65.58 23.87
C GLN I 223 30.72 67.05 23.50
N ARG I 224 29.97 67.81 24.30
CA ARG I 224 29.85 69.24 24.08
C ARG I 224 31.21 69.92 24.18
N GLU I 225 32.02 69.52 25.16
CA GLU I 225 33.38 70.05 25.26
C GLU I 225 34.34 69.41 24.26
N GLY I 226 33.92 68.36 23.58
CA GLY I 226 34.77 67.74 22.56
C GLY I 226 36.05 67.15 23.10
N VAL I 227 36.02 66.60 24.31
CA VAL I 227 37.18 65.98 24.92
C VAL I 227 36.82 64.55 25.29
N GLU I 228 37.68 63.60 24.91
CA GLU I 228 37.45 62.21 25.26
C GLU I 228 37.60 62.03 26.76
N LEU I 229 36.67 61.29 27.36
CA LEU I 229 36.63 61.14 28.81
C LEU I 229 37.42 59.91 29.23
N LYS I 230 38.30 60.11 30.18
CA LYS I 230 39.17 59.02 30.62
C LYS I 230 38.38 58.19 31.65
N PRO I 231 38.39 56.85 31.53
CA PRO I 231 37.37 56.06 32.24
C PRO I 231 37.29 56.28 33.75
N GLN I 232 38.43 56.40 34.44
CA GLN I 232 38.39 56.45 35.90
C GLN I 232 37.75 57.75 36.40
N GLU I 233 38.29 58.89 35.96
CA GLU I 233 37.60 60.10 36.36
C GLU I 233 36.25 60.24 35.67
N LEU I 234 35.97 59.47 34.61
CA LEU I 234 34.60 59.40 34.12
C LEU I 234 33.68 58.85 35.21
N LYS I 235 34.09 57.77 35.87
CA LYS I 235 33.36 57.30 37.03
C LYS I 235 33.30 58.37 38.11
N ASN I 236 34.37 59.14 38.26
CA ASN I 236 34.37 60.22 39.24
C ASN I 236 33.30 61.27 38.94
N ARG I 237 33.20 61.70 37.68
CA ARG I 237 32.15 62.66 37.32
C ARG I 237 30.77 62.05 37.50
N VAL I 238 30.60 60.78 37.15
CA VAL I 238 29.32 60.14 37.40
C VAL I 238 28.96 60.21 38.87
N ASN I 239 29.93 59.95 39.74
CA ASN I 239 29.68 59.98 41.18
C ASN I 239 29.31 61.39 41.64
N GLU I 240 30.04 62.41 41.20
CA GLU I 240 29.76 63.74 41.74
C GLU I 240 28.44 64.24 41.19
N GLU I 241 28.11 63.87 39.95
CA GLU I 241 26.80 64.19 39.39
C GLU I 241 25.70 63.52 40.19
N LEU I 242 25.91 62.26 40.59
CA LEU I 242 24.90 61.57 41.38
C LEU I 242 24.67 62.24 42.73
N THR I 243 25.76 62.60 43.42
CA THR I 243 25.56 63.26 44.71
C THR I 243 25.05 64.67 44.56
N GLN I 244 25.23 65.29 43.39
CA GLN I 244 24.59 66.57 43.12
C GLN I 244 23.09 66.38 42.88
N MET I 245 22.72 65.30 42.17
CA MET I 245 21.33 65.08 41.82
C MET I 245 20.50 64.54 42.97
N ARG I 246 21.14 63.94 43.98
CA ARG I 246 20.38 63.35 45.08
C ARG I 246 19.50 64.38 45.80
N THR I 247 19.85 65.67 45.74
CA THR I 247 19.09 66.70 46.44
C THR I 247 17.94 67.27 45.61
N MET I 248 17.46 66.53 44.61
CA MET I 248 16.36 66.98 43.78
C MET I 248 15.33 65.87 43.63
N ASP I 249 14.08 66.28 43.45
CA ASP I 249 12.98 65.33 43.30
C ASP I 249 12.89 64.85 41.85
N ASN I 250 11.89 64.01 41.57
CA ASN I 250 11.78 63.39 40.26
C ASN I 250 11.49 64.42 39.17
N ASP I 251 10.55 65.33 39.42
CA ASP I 251 10.22 66.32 38.41
C ASP I 251 11.35 67.33 38.19
N ASP I 252 12.01 67.76 39.26
CA ASP I 252 13.19 68.60 39.08
C ASP I 252 14.28 67.83 38.32
N LEU I 253 14.38 66.52 38.58
CA LEU I 253 15.32 65.71 37.82
C LEU I 253 14.99 65.70 36.35
N SER I 254 13.70 65.60 36.00
CA SER I 254 13.31 65.63 34.61
C SER I 254 13.65 66.97 33.96
N ARG I 255 13.37 68.07 34.68
CA ARG I 255 13.75 69.39 34.17
C ARG I 255 15.25 69.46 33.90
N TYR I 256 16.05 69.06 34.88
CA TYR I 256 17.50 69.14 34.76
C TYR I 256 17.98 68.28 33.60
N VAL I 257 17.47 67.05 33.47
CA VAL I 257 17.92 66.15 32.43
C VAL I 257 17.57 66.71 31.06
N SER I 258 16.35 67.22 30.91
CA SER I 258 15.95 67.80 29.63
C SER I 258 16.85 68.97 29.26
N TYR I 259 17.09 69.87 30.20
CA TYR I 259 17.93 71.03 29.92
C TYR I 259 19.34 70.61 29.56
N ALA I 260 19.90 69.65 30.30
CA ALA I 260 21.27 69.22 30.04
C ALA I 260 21.41 68.54 28.69
N LEU I 261 20.47 67.65 28.35
CA LEU I 261 20.57 66.92 27.09
C LEU I 261 20.18 67.76 25.88
N ILE I 262 19.49 68.89 26.08
CA ILE I 262 19.12 69.74 24.96
C ILE I 262 19.86 71.07 24.96
N GLY I 263 20.51 71.45 26.06
CA GLY I 263 21.17 72.74 26.15
C GLY I 263 22.18 73.01 25.06
N THR I 264 21.88 73.97 24.20
CA THR I 264 22.74 74.33 23.08
C THR I 264 22.65 75.85 22.92
N GLY I 265 23.23 76.38 21.85
CA GLY I 265 23.20 77.81 21.60
C GLY I 265 24.51 78.38 21.12
N LEU I 266 25.05 79.33 21.87
CA LEU I 266 26.31 80.04 21.55
C LEU I 266 26.09 80.76 20.22
N LEU I 267 27.11 80.82 19.35
CA LEU I 267 27.02 81.55 18.10
C LEU I 267 27.59 80.71 16.96
N ALA I 268 27.06 80.95 15.76
CA ALA I 268 27.52 80.26 14.56
C ALA I 268 27.68 81.28 13.44
N SER I 269 28.69 81.06 12.61
CA SER I 269 29.01 81.90 11.45
C SER I 269 29.27 83.32 11.94
N ALA I 270 29.04 84.32 11.08
CA ALA I 270 29.24 85.73 11.43
C ALA I 270 28.08 86.56 10.88
N ILE I 271 26.85 86.08 11.11
CA ILE I 271 25.65 86.65 10.53
C ILE I 271 24.66 86.93 11.65
N ASP I 272 23.46 87.39 11.26
CA ASP I 272 22.38 87.71 12.19
C ASP I 272 21.71 86.42 12.66
N LYS I 273 20.51 86.54 13.22
CA LYS I 273 19.68 85.48 13.78
C LYS I 273 20.10 85.14 15.21
N THR I 274 21.19 85.69 15.73
CA THR I 274 21.60 85.40 17.10
C THR I 274 20.70 86.10 18.11
N GLY I 275 20.40 87.38 17.87
CA GLY I 275 19.63 88.14 18.84
C GLY I 275 18.21 87.64 19.00
N LYS I 276 17.54 87.33 17.89
CA LYS I 276 16.20 86.77 17.97
C LYS I 276 16.19 85.45 18.70
N ALA I 277 17.16 84.58 18.40
CA ALA I 277 17.28 83.32 19.11
C ALA I 277 17.43 83.55 20.61
N GLY I 278 18.31 84.48 20.99
CA GLY I 278 18.50 84.76 22.40
C GLY I 278 17.23 85.25 23.08
N ASP I 279 16.49 86.16 22.41
CA ASP I 279 15.31 86.69 23.06
C ASP I 279 14.20 85.65 23.18
N MET I 280 14.06 84.74 22.20
CA MET I 280 13.03 83.73 22.39
C MET I 280 13.45 82.65 23.38
N PHE I 281 14.75 82.31 23.45
CA PHE I 281 15.22 81.50 24.57
C PHE I 281 14.83 82.13 25.90
N ALA I 282 15.08 83.43 26.04
CA ALA I 282 14.64 84.13 27.25
C ALA I 282 13.14 83.95 27.47
N ALA I 283 12.34 84.39 26.50
CA ALA I 283 10.88 84.36 26.64
C ALA I 283 10.41 82.99 27.09
N SER I 284 10.91 81.93 26.45
CA SER I 284 10.55 80.58 26.87
C SER I 284 11.02 80.29 28.30
N TYR I 285 12.20 80.76 28.68
CA TYR I 285 12.69 80.56 30.03
C TYR I 285 11.74 81.17 31.06
N GLU I 286 11.62 82.51 31.06
CA GLU I 286 10.76 83.12 32.08
C GLU I 286 9.32 82.66 31.95
N ARG I 287 8.93 82.18 30.77
CA ARG I 287 7.61 81.55 30.65
C ARG I 287 7.55 80.29 31.50
N GLN I 288 8.61 79.47 31.45
CA GLN I 288 8.67 78.27 32.29
C GLN I 288 8.69 78.63 33.77
N LEU I 289 9.50 79.62 34.16
CA LEU I 289 9.53 80.01 35.57
C LEU I 289 8.19 80.56 36.04
N ASP I 290 7.51 81.39 35.24
CA ASP I 290 6.24 81.93 35.70
C ASP I 290 5.18 80.83 35.77
N ARG I 291 5.22 79.85 34.86
CA ARG I 291 4.33 78.71 35.00
C ARG I 291 4.62 77.95 36.28
N ASN I 292 5.90 77.80 36.63
CA ASN I 292 6.26 77.12 37.87
C ASN I 292 5.70 77.85 39.07
N LEU I 293 5.85 79.18 39.10
CA LEU I 293 5.31 79.94 40.23
C LEU I 293 3.79 79.87 40.29
N GLN I 294 3.12 79.93 39.14
CA GLN I 294 1.66 79.89 39.15
C GLN I 294 1.14 78.51 39.53
N ALA I 295 1.89 77.45 39.22
CA ALA I 295 1.51 76.12 39.66
C ALA I 295 1.89 75.84 41.11
N GLY I 296 2.85 76.59 41.66
CA GLY I 296 3.25 76.41 43.03
C GLY I 296 2.36 77.07 44.07
N ILE I 297 1.30 77.74 43.65
CA ILE I 297 0.37 78.33 44.61
C ILE I 297 -0.39 77.26 45.38
N ASN I 298 -0.39 76.02 44.87
CA ASN I 298 -0.99 74.88 45.56
C ASN I 298 -2.47 75.06 45.83
N GLN I 299 -2.99 74.34 46.82
CA GLN I 299 -4.40 74.37 47.16
C GLN I 299 -4.59 74.97 48.55
N GLN I 300 -5.80 75.44 48.80
CA GLN I 300 -6.18 76.05 50.06
C GLN I 300 -7.29 75.23 50.71
N LYS I 301 -7.86 75.77 51.78
CA LYS I 301 -8.96 75.17 52.54
C LYS I 301 -8.51 73.94 53.30
N MET I 302 -9.19 73.66 54.42
CA MET I 302 -8.88 72.53 55.29
C MET I 302 -9.62 71.26 54.91
N ALA I 303 -10.40 71.28 53.82
CA ALA I 303 -11.08 70.11 53.26
C ALA I 303 -12.19 69.58 54.17
N ALA I 304 -12.67 70.38 55.10
CA ALA I 304 -13.86 70.05 55.87
C ALA I 304 -14.99 71.06 55.67
N ALA I 305 -14.66 72.33 55.42
CA ALA I 305 -15.70 73.30 55.09
C ALA I 305 -16.27 73.05 53.70
N ALA I 306 -15.44 72.59 52.76
CA ALA I 306 -15.93 72.30 51.42
C ALA I 306 -16.98 71.19 51.45
N ALA I 307 -16.81 70.21 52.34
CA ALA I 307 -17.84 69.20 52.53
C ALA I 307 -19.14 69.82 53.00
N ASP I 308 -19.05 70.79 53.91
CA ASP I 308 -20.25 71.48 54.38
C ASP I 308 -20.94 72.23 53.24
N ARG I 309 -20.15 72.90 52.39
CA ARG I 309 -20.74 73.60 51.25
C ARG I 309 -21.41 72.63 50.29
N GLN I 310 -20.76 71.50 50.01
CA GLN I 310 -21.39 70.50 49.12
C GLN I 310 -22.68 69.98 49.72
N ILE I 311 -22.69 69.71 51.04
CA ILE I 311 -23.90 69.26 51.70
C ILE I 311 -25.00 70.31 51.58
N LYS I 312 -24.65 71.58 51.74
CA LYS I 312 -25.65 72.64 51.63
C LYS I 312 -26.23 72.71 50.23
N GLU I 313 -25.38 72.65 49.20
CA GLU I 313 -25.91 72.68 47.83
C GLU I 313 -26.81 71.48 47.57
N LYS I 314 -26.40 70.29 48.01
CA LYS I 314 -27.25 69.12 47.82
C LYS I 314 -28.58 69.26 48.55
N ASP I 315 -28.55 69.90 49.73
CA ASP I 315 -29.79 70.15 50.46
C ASP I 315 -30.72 71.07 49.68
N LEU I 316 -30.16 72.14 49.10
CA LEU I 316 -30.99 72.99 48.23
C LEU I 316 -31.49 72.23 47.00
N GLU I 317 -30.73 71.24 46.52
CA GLU I 317 -31.21 70.46 45.39
C GLU I 317 -32.40 69.58 45.77
N ARG I 318 -32.30 68.86 46.90
CA ARG I 318 -33.43 68.03 47.32
C ARG I 318 -34.65 68.89 47.66
N LYS I 319 -34.42 70.02 48.32
CA LYS I 319 -35.51 70.92 48.68
C LYS I 319 -36.03 71.64 47.44
N PRO J 174 -25.69 87.43 -11.51
CA PRO J 174 -26.29 86.29 -12.22
C PRO J 174 -26.68 85.15 -11.29
N GLU J 175 -25.87 84.09 -11.28
CA GLU J 175 -26.11 82.93 -10.44
C GLU J 175 -25.48 83.07 -9.06
N VAL J 176 -25.26 84.30 -8.59
CA VAL J 176 -24.55 84.52 -7.34
C VAL J 176 -25.34 83.91 -6.17
N ALA J 177 -26.65 84.15 -6.13
CA ALA J 177 -27.47 83.60 -5.06
C ALA J 177 -27.50 82.07 -5.11
N SER J 178 -27.61 81.50 -6.31
CA SER J 178 -27.62 80.04 -6.43
C SER J 178 -26.29 79.45 -5.98
N GLU J 179 -25.18 80.07 -6.37
CA GLU J 179 -23.87 79.59 -5.93
C GLU J 179 -23.72 79.68 -4.42
N ALA J 180 -24.17 80.79 -3.83
CA ALA J 180 -24.09 80.94 -2.38
C ALA J 180 -24.92 79.87 -1.67
N GLY J 181 -26.15 79.64 -2.15
CA GLY J 181 -26.98 78.62 -1.54
C GLY J 181 -26.39 77.22 -1.66
N ALA J 182 -25.85 76.90 -2.84
CA ALA J 182 -25.26 75.58 -3.04
C ALA J 182 -23.97 75.41 -2.25
N ALA J 183 -23.28 76.51 -1.94
CA ALA J 183 -22.06 76.43 -1.16
C ALA J 183 -22.30 76.65 0.33
N VAL J 184 -23.54 76.91 0.75
CA VAL J 184 -23.82 77.11 2.16
C VAL J 184 -24.84 76.11 2.67
N ALA J 185 -26.06 76.16 2.11
CA ALA J 185 -27.12 75.30 2.62
C ALA J 185 -26.85 73.83 2.33
N ASP J 186 -26.12 73.53 1.26
CA ASP J 186 -25.95 72.15 0.83
C ASP J 186 -24.99 71.39 1.75
N GLU J 187 -23.73 71.84 1.81
CA GLU J 187 -22.68 71.04 2.44
C GLU J 187 -21.92 71.87 3.46
N GLU J 188 -22.60 72.78 4.15
CA GLU J 188 -22.01 73.45 5.30
C GLU J 188 -22.73 73.12 6.59
N GLU J 189 -24.06 73.31 6.65
CA GLU J 189 -24.78 72.97 7.84
C GLU J 189 -25.24 71.51 7.87
N ALA J 190 -25.35 70.84 6.72
CA ALA J 190 -25.73 69.43 6.74
C ALA J 190 -24.68 68.61 7.47
N ASN J 191 -23.41 68.82 7.14
CA ASN J 191 -22.34 68.14 7.86
C ASN J 191 -22.36 68.52 9.34
N ARG J 192 -22.63 69.80 9.63
CA ARG J 192 -22.71 70.23 11.03
C ARG J 192 -23.76 69.44 11.79
N GLN J 193 -24.92 69.24 11.18
CA GLN J 193 -26.01 68.52 11.83
C GLN J 193 -25.65 67.05 11.99
N VAL J 194 -24.94 66.48 11.01
CA VAL J 194 -24.48 65.10 11.12
C VAL J 194 -23.52 64.95 12.29
N ILE J 195 -22.56 65.88 12.43
CA ILE J 195 -21.64 65.80 13.57
C ILE J 195 -22.39 66.01 14.88
N GLN J 196 -23.42 66.85 14.88
CA GLN J 196 -24.22 67.02 16.09
C GLN J 196 -24.84 65.69 16.51
N GLN J 197 -25.44 64.99 15.55
CA GLN J 197 -26.03 63.69 15.86
C GLN J 197 -24.97 62.71 16.35
N GLY J 198 -23.82 62.68 15.68
CA GLY J 198 -22.77 61.75 16.07
C GLY J 198 -22.24 62.02 17.46
N ALA J 199 -22.02 63.29 17.78
CA ALA J 199 -21.53 63.65 19.11
C ALA J 199 -22.56 63.32 20.18
N ALA J 200 -23.84 63.59 19.90
CA ALA J 200 -24.87 63.24 20.86
C ALA J 200 -24.88 61.74 21.12
N GLU J 201 -24.81 60.93 20.07
CA GLU J 201 -24.78 59.48 20.26
C GLU J 201 -23.55 59.04 21.02
N GLY J 202 -22.39 59.63 20.69
CA GLY J 202 -21.16 59.23 21.36
C GLY J 202 -21.16 59.53 22.84
N LEU J 203 -21.64 60.73 23.22
CA LEU J 203 -21.79 61.03 24.64
C LEU J 203 -22.82 60.13 25.30
N ARG J 204 -23.91 59.83 24.59
CA ARG J 204 -24.95 59.00 25.18
C ARG J 204 -24.43 57.59 25.48
N THR J 205 -23.69 56.99 24.56
CA THR J 205 -23.17 55.66 24.77
C THR J 205 -21.81 55.63 25.43
N GLY J 206 -21.19 56.79 25.64
CA GLY J 206 -19.88 56.81 26.26
C GLY J 206 -18.74 56.35 25.38
N ALA J 207 -18.98 56.20 24.07
CA ALA J 207 -17.90 55.76 23.18
C ALA J 207 -16.78 56.79 23.11
N VAL J 208 -17.13 58.06 23.07
CA VAL J 208 -16.16 59.16 23.02
C VAL J 208 -16.37 60.04 24.23
N SER J 209 -15.29 60.31 24.96
CA SER J 209 -15.35 61.08 26.19
C SER J 209 -15.15 62.57 25.92
N ARG J 210 -15.43 63.37 26.94
CA ARG J 210 -15.29 64.82 26.82
C ARG J 210 -13.87 65.27 26.49
N PRO J 211 -12.81 64.76 27.14
CA PRO J 211 -11.46 65.25 26.81
C PRO J 211 -11.08 65.07 25.35
N GLU J 212 -11.56 64.01 24.70
CA GLU J 212 -11.27 63.83 23.28
C GLU J 212 -11.82 64.98 22.46
N MET J 213 -13.07 65.36 22.70
CA MET J 213 -13.63 66.51 21.98
C MET J 213 -12.97 67.81 22.38
N ALA J 214 -12.55 67.95 23.64
CA ALA J 214 -11.82 69.16 24.02
C ALA J 214 -10.54 69.28 23.23
N GLN J 215 -9.79 68.18 23.12
CA GLN J 215 -8.55 68.18 22.35
C GLN J 215 -8.84 68.46 20.87
N ALA J 216 -9.90 67.86 20.33
CA ALA J 216 -10.22 68.09 18.92
C ALA J 216 -10.57 69.54 18.67
N VAL J 217 -11.34 70.14 19.57
CA VAL J 217 -11.71 71.55 19.42
C VAL J 217 -10.47 72.44 19.49
N VAL J 218 -9.57 72.15 20.43
CA VAL J 218 -8.36 72.94 20.55
C VAL J 218 -7.52 72.84 19.29
N GLU J 219 -7.35 71.62 18.76
CA GLU J 219 -6.58 71.45 17.54
C GLU J 219 -7.23 72.16 16.36
N ALA J 220 -8.56 72.09 16.26
CA ALA J 220 -9.25 72.77 15.17
C ALA J 220 -9.06 74.28 15.25
N ASP J 221 -9.17 74.84 16.46
CA ASP J 221 -8.96 76.27 16.62
C ASP J 221 -7.54 76.65 16.25
N ALA J 222 -6.56 75.85 16.69
CA ALA J 222 -5.17 76.15 16.37
C ALA J 222 -4.93 76.10 14.87
N GLN J 223 -5.49 75.09 14.19
CA GLN J 223 -5.35 75.00 12.74
C GLN J 223 -6.00 76.19 12.06
N ARG J 224 -7.15 76.65 12.59
CA ARG J 224 -7.78 77.84 12.05
C ARG J 224 -6.87 79.05 12.19
N GLU J 225 -6.20 79.18 13.33
CA GLU J 225 -5.22 80.25 13.50
C GLU J 225 -3.91 79.97 12.79
N GLY J 226 -3.69 78.74 12.33
CA GLY J 226 -2.48 78.42 11.59
C GLY J 226 -1.21 78.57 12.38
N VAL J 227 -1.23 78.22 13.65
CA VAL J 227 -0.06 78.29 14.51
C VAL J 227 0.18 76.92 15.13
N GLU J 228 1.42 76.43 15.05
CA GLU J 228 1.75 75.15 15.65
C GLU J 228 1.69 75.27 17.16
N LEU J 229 1.15 74.25 17.82
CA LEU J 229 0.85 74.30 19.23
C LEU J 229 1.92 73.58 20.03
N LYS J 230 2.43 74.25 21.05
CA LYS J 230 3.45 73.71 21.93
C LYS J 230 2.73 72.69 22.83
N PRO J 231 3.42 71.67 23.36
CA PRO J 231 2.72 70.68 24.20
C PRO J 231 2.02 71.16 25.47
N GLN J 232 2.73 71.73 26.45
CA GLN J 232 2.07 71.86 27.75
C GLN J 232 1.04 72.98 27.77
N GLU J 233 1.31 74.09 27.10
CA GLU J 233 0.28 75.12 27.03
C GLU J 233 -0.94 74.58 26.28
N LEU J 234 -0.73 73.66 25.33
CA LEU J 234 -1.86 72.94 24.74
C LEU J 234 -2.61 72.17 25.80
N LYS J 235 -1.89 71.53 26.73
CA LYS J 235 -2.57 70.85 27.82
C LYS J 235 -3.42 71.81 28.63
N ASN J 236 -2.91 73.03 28.90
CA ASN J 236 -3.73 73.97 29.67
C ASN J 236 -4.89 74.54 28.84
N ARG J 237 -4.74 74.66 27.52
CA ARG J 237 -5.92 75.00 26.72
C ARG J 237 -6.98 73.92 26.84
N VAL J 238 -6.56 72.67 26.75
CA VAL J 238 -7.50 71.57 26.94
C VAL J 238 -8.14 71.66 28.32
N ASN J 239 -7.35 72.04 29.33
CA ASN J 239 -7.85 72.11 30.70
C ASN J 239 -8.92 73.20 30.83
N GLU J 240 -8.65 74.40 30.33
CA GLU J 240 -9.65 75.45 30.54
C GLU J 240 -10.87 75.20 29.67
N GLU J 241 -10.68 74.56 28.51
CA GLU J 241 -11.83 74.17 27.70
C GLU J 241 -12.69 73.15 28.43
N LEU J 242 -12.05 72.20 29.13
CA LEU J 242 -12.81 71.25 29.92
C LEU J 242 -13.57 71.94 31.04
N THR J 243 -12.93 72.91 31.69
CA THR J 243 -13.65 73.68 32.71
C THR J 243 -14.83 74.42 32.10
N GLN J 244 -14.68 74.90 30.87
CA GLN J 244 -15.78 75.56 30.19
C GLN J 244 -16.93 74.61 29.95
N MET J 245 -16.64 73.42 29.42
CA MET J 245 -17.71 72.46 29.12
C MET J 245 -18.31 71.83 30.37
N ARG J 246 -17.63 71.89 31.52
CA ARG J 246 -18.22 71.31 32.71
C ARG J 246 -19.51 72.02 33.13
N THR J 247 -19.76 73.21 32.59
CA THR J 247 -20.98 73.96 32.89
C THR J 247 -22.09 73.72 31.88
N MET J 248 -21.92 72.76 30.96
CA MET J 248 -22.88 72.51 29.92
C MET J 248 -23.28 71.05 29.90
N ASP J 249 -24.53 70.79 29.52
CA ASP J 249 -25.05 69.43 29.45
C ASP J 249 -24.64 68.77 28.13
N ASN J 250 -25.15 67.56 27.91
CA ASN J 250 -24.71 66.77 26.76
C ASN J 250 -25.17 67.40 25.45
N ASP J 251 -26.45 67.76 25.35
CA ASP J 251 -26.95 68.33 24.10
C ASP J 251 -26.34 69.69 23.81
N ASP J 252 -26.20 70.54 24.82
CA ASP J 252 -25.49 71.80 24.61
C ASP J 252 -24.06 71.55 24.18
N LEU J 253 -23.42 70.52 24.76
CA LEU J 253 -22.08 70.16 24.35
C LEU J 253 -22.04 69.77 22.89
N SER J 254 -23.02 69.00 22.43
CA SER J 254 -23.05 68.61 21.02
C SER J 254 -23.21 69.83 20.12
N ARG J 255 -24.09 70.75 20.50
CA ARG J 255 -24.22 72.00 19.76
C ARG J 255 -22.88 72.72 19.67
N TYR J 256 -22.19 72.85 20.81
CA TYR J 256 -20.94 73.59 20.86
C TYR J 256 -19.89 72.92 19.98
N VAL J 257 -19.76 71.61 20.07
CA VAL J 257 -18.76 70.90 19.28
C VAL J 257 -19.07 71.02 17.79
N SER J 258 -20.33 70.88 17.41
CA SER J 258 -20.69 71.03 16.00
C SER J 258 -20.31 72.41 15.49
N TYR J 259 -20.67 73.46 16.23
CA TYR J 259 -20.36 74.81 15.80
C TYR J 259 -18.85 75.02 15.71
N ALA J 260 -18.11 74.55 16.71
CA ALA J 260 -16.66 74.77 16.73
C ALA J 260 -15.98 74.04 15.58
N LEU J 261 -16.37 72.79 15.34
CA LEU J 261 -15.73 72.00 14.30
C LEU J 261 -16.15 72.41 12.89
N ILE J 262 -17.28 73.09 12.75
CA ILE J 262 -17.72 73.53 11.43
C ILE J 262 -17.63 75.05 11.24
N GLY J 263 -17.46 75.81 12.31
CA GLY J 263 -17.43 77.26 12.22
C GLY J 263 -16.41 77.81 11.24
N THR J 264 -16.89 78.41 10.16
CA THR J 264 -16.03 78.99 9.14
C THR J 264 -16.72 80.25 8.63
N GLY J 265 -16.17 80.86 7.58
CA GLY J 265 -16.76 82.06 7.02
C GLY J 265 -15.74 83.09 6.57
N LEU J 266 -15.84 84.29 7.11
CA LEU J 266 -14.96 85.43 6.77
C LEU J 266 -15.15 85.71 5.27
N LEU J 267 -14.09 86.09 4.56
CA LEU J 267 -14.20 86.45 3.14
C LEU J 267 -13.09 85.78 2.35
N ALA J 268 -13.39 85.48 1.08
CA ALA J 268 -12.44 84.89 0.17
C ALA J 268 -12.47 85.64 -1.15
N SER J 269 -11.31 85.74 -1.78
CA SER J 269 -11.12 86.43 -3.07
C SER J 269 -11.57 87.89 -2.89
N ALA J 270 -12.04 88.52 -3.97
CA ALA J 270 -12.51 89.89 -3.94
C ALA J 270 -13.78 90.02 -4.76
N ILE J 271 -14.70 89.08 -4.58
CA ILE J 271 -15.90 88.99 -5.40
C ILE J 271 -17.15 89.05 -4.51
N ASP J 272 -18.32 88.98 -5.13
CA ASP J 272 -19.60 89.02 -4.43
C ASP J 272 -19.91 87.67 -3.78
N LYS J 273 -21.17 87.46 -3.42
CA LYS J 273 -21.73 86.25 -2.80
C LYS J 273 -21.48 86.25 -1.29
N THR J 274 -20.73 87.22 -0.77
CA THR J 274 -20.49 87.25 0.67
C THR J 274 -21.75 87.68 1.43
N GLY J 275 -22.47 88.67 0.92
CA GLY J 275 -23.65 89.16 1.64
C GLY J 275 -24.76 88.14 1.74
N LYS J 276 -25.05 87.45 0.63
CA LYS J 276 -26.07 86.41 0.65
C LYS J 276 -25.68 85.27 1.58
N ALA J 277 -24.41 84.86 1.54
CA ALA J 277 -23.93 83.84 2.47
C ALA J 277 -24.13 84.28 3.90
N GLY J 278 -23.77 85.53 4.21
CA GLY J 278 -23.95 86.02 5.57
C GLY J 278 -25.40 86.03 6.01
N ASP J 279 -26.30 86.49 5.13
CA ASP J 279 -27.69 86.57 5.54
C ASP J 279 -28.32 85.20 5.70
N MET J 280 -27.95 84.21 4.89
CA MET J 280 -28.51 82.89 5.15
C MET J 280 -27.85 82.18 6.32
N PHE J 281 -26.57 82.45 6.60
CA PHE J 281 -26.00 82.07 7.90
C PHE J 281 -26.87 82.60 9.03
N ALA J 282 -27.20 83.89 8.98
CA ALA J 282 -28.09 84.45 9.99
C ALA J 282 -29.40 83.68 10.05
N ALA J 283 -30.09 83.57 8.91
CA ALA J 283 -31.39 82.93 8.87
C ALA J 283 -31.35 81.55 9.52
N SER J 284 -30.36 80.74 9.17
CA SER J 284 -30.21 79.44 9.81
C SER J 284 -29.95 79.58 11.29
N TYR J 285 -29.19 80.61 11.70
CA TYR J 285 -28.90 80.78 13.12
C TYR J 285 -30.18 81.04 13.91
N GLU J 286 -30.91 82.11 13.57
CA GLU J 286 -32.13 82.38 14.33
C GLU J 286 -33.16 81.27 14.15
N ARG J 287 -33.06 80.51 13.05
CA ARG J 287 -33.90 79.31 12.92
C ARG J 287 -33.55 78.30 14.00
N GLN J 288 -32.26 78.13 14.28
CA GLN J 288 -31.86 77.26 15.38
C GLN J 288 -32.36 77.80 16.72
N LEU J 289 -32.24 79.12 16.93
CA LEU J 289 -32.71 79.68 18.20
C LEU J 289 -34.21 79.48 18.41
N ASP J 290 -35.05 79.83 17.41
CA ASP J 290 -36.48 79.75 17.70
C ASP J 290 -36.95 78.30 17.72
N ARG J 291 -36.25 77.40 17.01
CA ARG J 291 -36.51 75.99 17.20
C ARG J 291 -36.19 75.57 18.63
N ASN J 292 -35.08 76.07 19.18
CA ASN J 292 -34.74 75.76 20.57
C ASN J 292 -35.81 76.26 21.52
N LEU J 293 -36.30 77.48 21.31
CA LEU J 293 -37.35 78.01 22.18
C LEU J 293 -38.64 77.21 22.05
N GLN J 294 -39.03 76.87 20.82
CA GLN J 294 -40.28 76.13 20.62
C GLN J 294 -40.17 74.71 21.18
N ALA J 295 -38.96 74.16 21.24
CA ALA J 295 -38.78 72.89 21.93
C ALA J 295 -38.78 73.05 23.44
N GLY J 296 -38.27 74.19 23.93
CA GLY J 296 -38.21 74.49 25.34
C GLY J 296 -39.44 75.12 25.93
N ILE J 297 -40.52 75.26 25.16
CA ILE J 297 -41.79 75.74 25.72
C ILE J 297 -42.28 74.84 26.83
N ASN J 298 -41.75 73.61 26.93
CA ASN J 298 -41.98 72.69 28.04
C ASN J 298 -43.41 72.13 28.04
N GLN J 299 -43.61 71.02 28.72
CA GLN J 299 -44.92 70.40 28.83
C GLN J 299 -45.69 70.98 30.02
N GLN J 300 -46.99 70.76 30.01
CA GLN J 300 -47.89 71.25 31.05
C GLN J 300 -48.59 70.07 31.72
N LYS J 301 -49.59 70.39 32.55
CA LYS J 301 -50.44 69.43 33.25
C LYS J 301 -49.69 68.69 34.35
N MET J 302 -50.41 68.29 35.39
CA MET J 302 -49.84 67.59 36.55
C MET J 302 -49.91 66.07 36.42
N ALA J 303 -50.37 65.55 35.29
CA ALA J 303 -50.37 64.12 34.97
C ALA J 303 -51.31 63.31 35.84
N ALA J 304 -52.28 63.95 36.48
CA ALA J 304 -53.35 63.25 37.18
C ALA J 304 -54.73 63.58 36.60
N ALA J 305 -54.92 64.78 36.07
CA ALA J 305 -56.18 65.09 35.38
C ALA J 305 -56.25 64.41 34.02
N ALA J 306 -55.10 64.17 33.38
CA ALA J 306 -55.09 63.46 32.12
C ALA J 306 -55.60 62.04 32.29
N ALA J 307 -55.26 61.39 33.40
CA ALA J 307 -55.79 60.06 33.69
C ALA J 307 -57.31 60.11 33.84
N ASP J 308 -57.83 61.13 34.52
CA ASP J 308 -59.28 61.28 34.64
C ASP J 308 -59.92 61.48 33.28
N ARG J 309 -59.29 62.28 32.41
CA ARG J 309 -59.83 62.49 31.08
C ARG J 309 -59.87 61.19 30.29
N GLN J 310 -58.78 60.41 30.34
CA GLN J 310 -58.76 59.13 29.63
C GLN J 310 -59.82 58.18 30.18
N ILE J 311 -59.99 58.15 31.50
CA ILE J 311 -61.02 57.31 32.11
C ILE J 311 -62.40 57.74 31.61
N LYS J 312 -62.64 59.05 31.53
CA LYS J 312 -63.95 59.53 31.07
C LYS J 312 -64.20 59.13 29.62
N GLU J 313 -63.20 59.29 28.75
CA GLU J 313 -63.39 58.88 27.36
C GLU J 313 -63.64 57.38 27.26
N LYS J 314 -62.90 56.57 28.01
CA LYS J 314 -63.11 55.13 27.95
C LYS J 314 -64.50 54.76 28.46
N ASP J 315 -64.97 55.45 29.51
CA ASP J 315 -66.33 55.24 30.00
C ASP J 315 -67.36 55.57 28.93
N LEU J 316 -67.13 56.67 28.20
CA LEU J 316 -68.03 57.00 27.10
C LEU J 316 -68.01 55.94 26.01
N GLU J 317 -66.84 55.32 25.77
CA GLU J 317 -66.77 54.26 24.77
C GLU J 317 -67.55 53.02 25.20
N ARG J 318 -67.33 52.56 26.43
CA ARG J 318 -68.08 51.39 26.88
C ARG J 318 -69.57 51.69 27.00
N LYS J 319 -69.93 52.92 27.33
CA LYS J 319 -71.33 53.32 27.38
C LYS J 319 -71.91 53.43 25.98
N PRO K 174 -57.17 64.43 -33.37
CA PRO K 174 -56.94 63.09 -33.90
C PRO K 174 -56.99 62.02 -32.82
N GLU K 175 -55.85 61.40 -32.52
CA GLU K 175 -55.73 60.36 -31.50
C GLU K 175 -55.49 60.93 -30.11
N VAL K 176 -55.85 62.21 -29.87
CA VAL K 176 -55.59 62.83 -28.58
C VAL K 176 -56.37 62.10 -27.48
N ALA K 177 -57.62 61.74 -27.76
CA ALA K 177 -58.41 61.01 -26.77
C ALA K 177 -57.81 59.64 -26.47
N SER K 178 -57.32 58.95 -27.51
CA SER K 178 -56.69 57.65 -27.30
C SER K 178 -55.44 57.77 -26.44
N GLU K 179 -54.61 58.79 -26.71
CA GLU K 179 -53.41 59.00 -25.89
C GLU K 179 -53.79 59.33 -24.45
N ALA K 180 -54.83 60.14 -24.27
CA ALA K 180 -55.28 60.47 -22.92
C ALA K 180 -55.75 59.22 -22.19
N GLY K 181 -56.51 58.36 -22.87
CA GLY K 181 -56.94 57.13 -22.25
C GLY K 181 -55.77 56.21 -21.92
N ALA K 182 -54.76 56.18 -22.79
CA ALA K 182 -53.64 55.27 -22.58
C ALA K 182 -52.75 55.73 -21.42
N ALA K 183 -52.41 57.01 -21.39
CA ALA K 183 -51.41 57.51 -20.46
C ALA K 183 -51.98 58.34 -19.32
N VAL K 184 -53.30 58.39 -19.18
CA VAL K 184 -53.95 59.14 -18.10
C VAL K 184 -55.00 58.26 -17.44
N ALA K 185 -55.10 56.99 -17.87
CA ALA K 185 -56.07 56.07 -17.30
C ALA K 185 -55.57 54.65 -17.04
N ASP K 186 -54.43 54.24 -17.59
CA ASP K 186 -54.06 52.82 -17.57
C ASP K 186 -53.03 52.47 -16.50
N GLU K 187 -51.84 53.05 -16.55
CA GLU K 187 -50.77 52.77 -15.59
C GLU K 187 -50.71 53.84 -14.50
N GLU K 188 -51.85 54.40 -14.15
CA GLU K 188 -51.94 55.56 -13.28
C GLU K 188 -53.01 55.36 -12.21
N GLU K 189 -53.88 54.37 -12.41
CA GLU K 189 -54.69 53.84 -11.31
C GLU K 189 -54.43 52.37 -11.03
N ALA K 190 -53.89 51.64 -12.01
CA ALA K 190 -53.54 50.24 -11.76
C ALA K 190 -52.45 50.14 -10.69
N ASN K 191 -51.36 50.87 -10.88
CA ASN K 191 -50.32 50.91 -9.85
C ASN K 191 -50.83 51.56 -8.57
N ARG K 192 -51.75 52.51 -8.68
CA ARG K 192 -52.33 53.09 -7.47
C ARG K 192 -53.02 52.01 -6.64
N GLN K 193 -53.83 51.17 -7.29
CA GLN K 193 -54.53 50.12 -6.56
C GLN K 193 -53.57 49.04 -6.08
N VAL K 194 -52.52 48.75 -6.85
CA VAL K 194 -51.53 47.77 -6.41
C VAL K 194 -50.83 48.26 -5.15
N ILE K 195 -50.43 49.54 -5.14
CA ILE K 195 -49.82 50.12 -3.95
C ILE K 195 -50.80 50.12 -2.79
N GLN K 196 -52.07 50.40 -3.05
CA GLN K 196 -53.07 50.34 -1.99
C GLN K 196 -53.13 48.96 -1.36
N GLN K 197 -53.23 47.92 -2.19
CA GLN K 197 -53.28 46.56 -1.68
C GLN K 197 -52.02 46.20 -0.90
N GLY K 198 -50.86 46.57 -1.44
CA GLY K 198 -49.61 46.27 -0.74
C GLY K 198 -49.52 46.96 0.60
N ALA K 199 -49.92 48.23 0.66
CA ALA K 199 -49.88 48.95 1.92
C ALA K 199 -50.86 48.37 2.92
N ALA K 200 -52.06 47.99 2.46
CA ALA K 200 -53.04 47.38 3.35
C ALA K 200 -52.48 46.08 3.94
N GLU K 201 -51.85 45.26 3.09
CA GLU K 201 -51.23 44.04 3.59
C GLU K 201 -50.12 44.34 4.58
N GLY K 202 -49.30 45.36 4.29
CA GLY K 202 -48.22 45.71 5.18
C GLY K 202 -48.71 46.14 6.56
N LEU K 203 -49.77 46.94 6.60
CA LEU K 203 -50.38 47.27 7.89
C LEU K 203 -50.94 46.02 8.57
N ARG K 204 -51.66 45.18 7.81
CA ARG K 204 -52.35 44.07 8.44
C ARG K 204 -51.37 43.09 9.08
N THR K 205 -50.25 42.83 8.40
CA THR K 205 -49.25 41.91 8.93
C THR K 205 -48.19 42.60 9.77
N GLY K 206 -48.16 43.93 9.81
CA GLY K 206 -47.18 44.63 10.60
C GLY K 206 -45.77 44.57 10.06
N ALA K 207 -45.58 44.15 8.81
CA ALA K 207 -44.23 44.07 8.26
C ALA K 207 -43.59 45.44 8.14
N VAL K 208 -44.36 46.43 7.69
CA VAL K 208 -43.88 47.80 7.54
C VAL K 208 -44.73 48.72 8.41
N SER K 209 -44.10 49.67 9.08
CA SER K 209 -44.76 50.48 10.08
C SER K 209 -45.15 51.84 9.53
N ARG K 210 -45.92 52.57 10.33
CA ARG K 210 -46.39 53.90 9.94
C ARG K 210 -45.26 54.91 9.72
N PRO K 211 -44.26 55.03 10.60
CA PRO K 211 -43.23 56.05 10.37
C PRO K 211 -42.49 55.88 9.06
N GLU K 212 -42.33 54.65 8.58
CA GLU K 212 -41.68 54.45 7.29
C GLU K 212 -42.46 55.12 6.16
N MET K 213 -43.78 54.94 6.14
CA MET K 213 -44.56 55.63 5.11
C MET K 213 -44.64 57.12 5.35
N ALA K 214 -44.61 57.57 6.61
CA ALA K 214 -44.55 59.00 6.85
C ALA K 214 -43.31 59.59 6.20
N GLN K 215 -42.16 58.94 6.42
CA GLN K 215 -40.92 59.41 5.82
C GLN K 215 -40.97 59.31 4.30
N ALA K 216 -41.54 58.23 3.77
CA ALA K 216 -41.61 58.07 2.32
C ALA K 216 -42.47 59.16 1.70
N VAL K 217 -43.61 59.47 2.31
CA VAL K 217 -44.48 60.52 1.81
C VAL K 217 -43.77 61.87 1.86
N VAL K 218 -43.04 62.13 2.95
CA VAL K 218 -42.33 63.39 3.07
C VAL K 218 -41.28 63.52 1.97
N GLU K 219 -40.51 62.46 1.73
CA GLU K 219 -39.52 62.51 0.66
C GLU K 219 -40.17 62.67 -0.70
N ALA K 220 -41.29 61.99 -0.94
CA ALA K 220 -41.97 62.13 -2.22
C ALA K 220 -42.43 63.56 -2.45
N ASP K 221 -43.01 64.18 -1.42
CA ASP K 221 -43.46 65.56 -1.55
C ASP K 221 -42.27 66.48 -1.79
N ALA K 222 -41.18 66.27 -1.06
CA ALA K 222 -40.00 67.12 -1.24
C ALA K 222 -39.43 66.99 -2.65
N GLN K 223 -39.36 65.76 -3.17
CA GLN K 223 -38.87 65.55 -4.52
C GLN K 223 -39.80 66.20 -5.54
N ARG K 224 -41.11 66.14 -5.29
CA ARG K 224 -42.06 66.83 -6.15
C ARG K 224 -41.78 68.33 -6.15
N GLU K 225 -41.48 68.89 -4.99
CA GLU K 225 -41.10 70.29 -4.92
C GLU K 225 -39.67 70.54 -5.38
N GLY K 226 -38.87 69.48 -5.54
CA GLY K 226 -37.51 69.64 -6.02
C GLY K 226 -36.60 70.44 -5.12
N VAL K 227 -36.72 70.24 -3.80
CA VAL K 227 -35.91 70.95 -2.82
C VAL K 227 -35.25 69.94 -1.90
N GLU K 228 -33.94 70.09 -1.68
CA GLU K 228 -33.23 69.20 -0.76
C GLU K 228 -33.70 69.48 0.66
N LEU K 229 -33.79 68.42 1.46
CA LEU K 229 -34.41 68.47 2.77
C LEU K 229 -33.33 68.48 3.86
N LYS K 230 -33.45 69.43 4.79
CA LYS K 230 -32.51 69.51 5.90
C LYS K 230 -32.97 68.54 7.00
N PRO K 231 -32.05 67.97 7.77
CA PRO K 231 -32.42 66.90 8.72
C PRO K 231 -33.49 67.19 9.78
N GLN K 232 -33.31 68.14 10.69
CA GLN K 232 -34.29 68.28 11.78
C GLN K 232 -35.66 68.72 11.29
N GLU K 233 -35.73 69.67 10.37
CA GLU K 233 -37.08 70.00 9.91
C GLU K 233 -37.66 68.87 9.06
N LEU K 234 -36.83 68.02 8.47
CA LEU K 234 -37.34 66.77 7.90
C LEU K 234 -38.01 65.93 8.98
N LYS K 235 -37.35 65.80 10.14
CA LYS K 235 -37.99 65.12 11.26
C LYS K 235 -39.27 65.81 11.68
N ASN K 236 -39.31 67.15 11.56
CA ASN K 236 -40.49 67.89 11.94
C ASN K 236 -41.66 67.58 11.01
N ARG K 237 -41.41 67.56 9.70
CA ARG K 237 -42.47 67.15 8.78
C ARG K 237 -42.89 65.71 9.02
N VAL K 238 -41.93 64.83 9.32
CA VAL K 238 -42.28 63.45 9.62
C VAL K 238 -43.20 63.37 10.83
N ASN K 239 -42.87 64.12 11.88
CA ASN K 239 -43.68 64.09 13.10
C ASN K 239 -45.07 64.67 12.87
N GLU K 240 -45.16 65.79 12.16
CA GLU K 240 -46.48 66.37 11.93
C GLU K 240 -47.31 65.47 11.02
N GLU K 241 -46.66 64.77 10.07
CA GLU K 241 -47.38 63.81 9.25
C GLU K 241 -47.85 62.62 10.08
N LEU K 242 -47.05 62.21 11.05
CA LEU K 242 -47.47 61.14 11.95
C LEU K 242 -48.68 61.57 12.77
N THR K 243 -48.67 62.80 13.27
CA THR K 243 -49.84 63.31 13.98
C THR K 243 -51.05 63.37 13.08
N GLN K 244 -50.85 63.74 11.81
CA GLN K 244 -51.95 63.74 10.85
C GLN K 244 -52.49 62.34 10.62
N MET K 245 -51.60 61.35 10.58
CA MET K 245 -52.02 59.98 10.31
C MET K 245 -52.71 59.35 11.50
N ARG K 246 -52.34 59.74 12.72
CA ARG K 246 -52.87 59.06 13.91
C ARG K 246 -54.38 59.14 14.00
N THR K 247 -55.01 60.10 13.34
CA THR K 247 -56.47 60.20 13.31
C THR K 247 -57.09 59.47 12.14
N MET K 248 -56.38 58.52 11.54
CA MET K 248 -56.88 57.76 10.41
C MET K 248 -56.66 56.27 10.65
N ASP K 249 -57.58 55.46 10.13
CA ASP K 249 -57.51 54.02 10.27
C ASP K 249 -56.64 53.42 9.18
N ASN K 250 -56.50 52.10 9.20
CA ASN K 250 -55.56 51.41 8.31
C ASN K 250 -55.97 51.56 6.85
N ASP K 251 -57.26 51.33 6.54
CA ASP K 251 -57.72 51.43 5.16
C ASP K 251 -57.59 52.85 4.63
N ASP K 252 -58.02 53.83 5.44
CA ASP K 252 -57.86 55.22 5.05
C ASP K 252 -56.39 55.59 4.92
N LEU K 253 -55.55 55.02 5.77
CA LEU K 253 -54.11 55.25 5.64
C LEU K 253 -53.59 54.73 4.30
N SER K 254 -54.07 53.55 3.88
CA SER K 254 -53.65 53.03 2.58
C SER K 254 -54.14 53.93 1.44
N ARG K 255 -55.38 54.39 1.53
CA ARG K 255 -55.89 55.33 0.52
C ARG K 255 -55.00 56.56 0.43
N TYR K 256 -54.72 57.18 1.58
CA TYR K 256 -53.94 58.41 1.59
C TYR K 256 -52.53 58.17 1.08
N VAL K 257 -51.91 57.05 1.49
CA VAL K 257 -50.56 56.75 1.05
C VAL K 257 -50.51 56.55 -0.45
N SER K 258 -51.47 55.82 -1.01
CA SER K 258 -51.50 55.62 -2.45
C SER K 258 -51.65 56.94 -3.18
N TYR K 259 -52.58 57.78 -2.73
CA TYR K 259 -52.77 59.08 -3.38
C TYR K 259 -51.51 59.92 -3.31
N ALA K 260 -50.86 59.98 -2.14
CA ALA K 260 -49.67 60.79 -1.99
C ALA K 260 -48.53 60.28 -2.85
N LEU K 261 -48.37 58.96 -2.92
CA LEU K 261 -47.24 58.41 -3.66
C LEU K 261 -47.45 58.47 -5.16
N ILE K 262 -48.71 58.49 -5.62
CA ILE K 262 -48.99 58.48 -7.06
C ILE K 262 -49.42 59.84 -7.59
N GLY K 263 -50.14 60.64 -6.81
CA GLY K 263 -50.75 61.87 -7.28
C GLY K 263 -49.85 62.80 -8.07
N THR K 264 -50.19 63.02 -9.33
CA THR K 264 -49.42 63.87 -10.23
C THR K 264 -50.42 64.66 -11.08
N GLY K 265 -49.93 65.31 -12.13
CA GLY K 265 -50.81 66.08 -13.01
C GLY K 265 -50.21 67.37 -13.51
N LEU K 266 -50.90 68.47 -13.23
CA LEU K 266 -50.52 69.83 -13.68
C LEU K 266 -50.52 69.82 -15.21
N LEU K 267 -49.58 70.51 -15.86
CA LEU K 267 -49.56 70.62 -17.31
C LEU K 267 -48.15 70.36 -17.82
N ALA K 268 -48.07 69.87 -19.06
CA ALA K 268 -46.80 69.61 -19.72
C ALA K 268 -46.82 70.18 -21.13
N SER K 269 -45.68 70.71 -21.55
CA SER K 269 -45.50 71.30 -22.89
C SER K 269 -46.51 72.43 -23.06
N ALA K 270 -46.94 72.69 -24.30
CA ALA K 270 -47.91 73.72 -24.60
C ALA K 270 -48.93 73.19 -25.61
N ILE K 271 -49.42 71.97 -25.37
CA ILE K 271 -50.30 71.29 -26.30
C ILE K 271 -51.59 70.90 -25.59
N ASP K 272 -52.50 70.25 -26.32
CA ASP K 272 -53.79 69.81 -25.81
C ASP K 272 -53.64 68.53 -25.00
N LYS K 273 -54.74 67.83 -24.78
CA LYS K 273 -54.90 66.57 -24.05
C LYS K 273 -55.01 66.78 -22.54
N THR K 274 -54.95 68.01 -22.05
CA THR K 274 -55.11 68.23 -20.62
C THR K 274 -56.57 68.15 -20.18
N GLY K 275 -57.50 68.57 -21.05
CA GLY K 275 -58.88 68.72 -20.62
C GLY K 275 -59.57 67.40 -20.30
N LYS K 276 -59.57 66.46 -21.25
CA LYS K 276 -60.25 65.20 -20.98
C LYS K 276 -59.46 64.38 -19.99
N ALA K 277 -58.14 64.57 -19.94
CA ALA K 277 -57.35 63.95 -18.88
C ALA K 277 -57.83 64.40 -17.51
N GLY K 278 -58.04 65.70 -17.34
CA GLY K 278 -58.52 66.20 -16.06
C GLY K 278 -59.92 65.74 -15.73
N ASP K 279 -60.84 65.78 -16.70
CA ASP K 279 -62.20 65.36 -16.40
C ASP K 279 -62.30 63.86 -16.16
N MET K 280 -61.40 63.08 -16.77
CA MET K 280 -61.37 61.65 -16.51
C MET K 280 -60.76 61.33 -15.14
N PHE K 281 -59.71 62.07 -14.74
CA PHE K 281 -59.28 62.03 -13.34
C PHE K 281 -60.44 62.31 -12.40
N ALA K 282 -61.23 63.34 -12.71
CA ALA K 282 -62.41 63.61 -11.90
C ALA K 282 -63.32 62.39 -11.86
N ALA K 283 -63.70 61.88 -13.04
CA ALA K 283 -64.62 60.75 -13.13
C ALA K 283 -64.17 59.61 -12.22
N SER K 284 -62.89 59.25 -12.31
CA SER K 284 -62.35 58.21 -11.45
C SER K 284 -62.45 58.61 -9.98
N TYR K 285 -62.17 59.88 -9.67
CA TYR K 285 -62.19 60.33 -8.28
C TYR K 285 -63.60 60.16 -7.69
N GLU K 286 -64.58 60.85 -8.27
CA GLU K 286 -65.93 60.74 -7.70
C GLU K 286 -66.49 59.33 -7.84
N ARG K 287 -65.96 58.50 -8.75
CA ARG K 287 -66.45 57.13 -8.77
C ARG K 287 -65.90 56.35 -7.58
N GLN K 288 -64.66 56.66 -7.16
CA GLN K 288 -64.19 56.14 -5.88
C GLN K 288 -65.06 56.61 -4.72
N LEU K 289 -65.41 57.90 -4.69
CA LEU K 289 -66.25 58.36 -3.57
C LEU K 289 -67.62 57.69 -3.60
N ASP K 290 -68.24 57.54 -4.77
CA ASP K 290 -69.59 56.97 -4.78
C ASP K 290 -69.57 55.49 -4.42
N ARG K 291 -68.54 54.74 -4.88
CA ARG K 291 -68.46 53.37 -4.42
C ARG K 291 -68.14 53.30 -2.93
N ASN K 292 -67.41 54.28 -2.39
CA ASN K 292 -67.19 54.33 -0.96
C ASN K 292 -68.49 54.52 -0.20
N LEU K 293 -69.33 55.46 -0.65
CA LEU K 293 -70.62 55.67 0.01
C LEU K 293 -71.52 54.45 -0.13
N GLN K 294 -71.51 53.81 -1.30
CA GLN K 294 -72.37 52.64 -1.49
C GLN K 294 -71.89 51.45 -0.66
N ALA K 295 -70.59 51.35 -0.39
CA ALA K 295 -70.07 50.31 0.48
C ALA K 295 -70.22 50.65 1.96
N GLY K 296 -70.35 51.93 2.29
CA GLY K 296 -70.52 52.35 3.67
C GLY K 296 -71.92 52.23 4.22
N ILE K 297 -72.87 51.74 3.42
CA ILE K 297 -74.22 51.50 3.91
C ILE K 297 -74.27 50.39 4.95
N ASN K 298 -73.20 49.59 5.05
CA ASN K 298 -73.04 48.58 6.08
C ASN K 298 -74.16 47.54 6.01
N GLN K 299 -74.41 46.85 7.12
CA GLN K 299 -75.39 45.78 7.19
C GLN K 299 -76.53 46.19 8.12
N GLN K 300 -77.66 45.51 7.96
CA GLN K 300 -78.87 45.75 8.74
C GLN K 300 -79.20 44.48 9.53
N LYS K 301 -80.38 44.50 10.15
CA LYS K 301 -80.92 43.38 10.93
C LYS K 301 -80.15 43.18 12.23
N MET K 302 -80.82 42.65 13.24
CA MET K 302 -80.26 42.42 14.56
C MET K 302 -79.63 41.03 14.71
N ALA K 303 -79.60 40.23 13.64
CA ALA K 303 -78.93 38.94 13.58
C ALA K 303 -79.60 37.88 14.45
N ALA K 304 -80.85 38.08 14.83
CA ALA K 304 -81.66 37.05 15.46
C ALA K 304 -82.90 36.68 14.67
N ALA K 305 -83.49 37.64 13.96
CA ALA K 305 -84.61 37.31 13.06
C ALA K 305 -84.14 36.52 11.85
N ALA K 306 -82.90 36.74 11.41
CA ALA K 306 -82.36 35.95 10.31
C ALA K 306 -82.27 34.48 10.68
N ALA K 307 -81.87 34.19 11.92
CA ALA K 307 -81.85 32.81 12.37
C ALA K 307 -83.24 32.19 12.34
N ASP K 308 -84.26 32.95 12.77
CA ASP K 308 -85.63 32.45 12.72
C ASP K 308 -86.07 32.19 11.28
N ARG K 309 -85.74 33.09 10.36
CA ARG K 309 -86.10 32.90 8.97
C ARG K 309 -85.43 31.65 8.40
N GLN K 310 -84.15 31.45 8.68
CA GLN K 310 -83.44 30.29 8.17
C GLN K 310 -84.00 29.00 8.77
N ILE K 311 -84.36 29.04 10.06
CA ILE K 311 -85.00 27.90 10.69
C ILE K 311 -86.31 27.58 10.00
N LYS K 312 -87.10 28.60 9.66
CA LYS K 312 -88.36 28.37 8.97
C LYS K 312 -88.13 27.75 7.60
N GLU K 313 -87.12 28.22 6.86
CA GLU K 313 -86.83 27.62 5.56
C GLU K 313 -86.41 26.16 5.70
N LYS K 314 -85.57 25.85 6.69
CA LYS K 314 -85.16 24.47 6.90
C LYS K 314 -86.34 23.60 7.33
N ASP K 315 -87.25 24.14 8.14
CA ASP K 315 -88.45 23.40 8.53
C ASP K 315 -89.32 23.11 7.31
N LEU K 316 -89.49 24.09 6.43
CA LEU K 316 -90.22 23.86 5.19
C LEU K 316 -89.51 22.81 4.34
N GLU K 317 -88.18 22.78 4.39
CA GLU K 317 -87.43 21.78 3.63
C GLU K 317 -87.70 20.37 4.15
N ARG K 318 -87.56 20.16 5.47
CA ARG K 318 -87.83 18.84 6.02
C ARG K 318 -89.28 18.43 5.84
N LYS K 319 -90.20 19.37 6.01
CA LYS K 319 -91.62 19.11 5.80
C LYS K 319 -91.92 18.77 4.35
N PRO L 174 -70.43 25.92 -53.07
CA PRO L 174 -69.60 24.75 -53.37
C PRO L 174 -69.38 23.85 -52.16
N GLU L 175 -68.15 23.82 -51.63
CA GLU L 175 -67.80 22.99 -50.49
C GLU L 175 -68.08 23.67 -49.16
N VAL L 176 -68.98 24.66 -49.14
CA VAL L 176 -69.23 25.43 -47.94
C VAL L 176 -69.85 24.56 -46.84
N ALA L 177 -70.69 23.59 -47.20
CA ALA L 177 -71.26 22.70 -46.19
C ALA L 177 -70.19 21.78 -45.60
N SER L 178 -69.29 21.27 -46.45
CA SER L 178 -68.21 20.43 -45.96
C SER L 178 -67.27 21.21 -45.04
N GLU L 179 -66.94 22.44 -45.41
CA GLU L 179 -66.09 23.26 -44.55
C GLU L 179 -66.78 23.58 -43.24
N ALA L 180 -68.09 23.83 -43.29
CA ALA L 180 -68.86 24.02 -42.06
C ALA L 180 -68.77 22.80 -41.16
N GLY L 181 -68.97 21.61 -41.74
CA GLY L 181 -68.86 20.40 -40.95
C GLY L 181 -67.48 20.22 -40.35
N ALA L 182 -66.44 20.51 -41.14
CA ALA L 182 -65.08 20.27 -40.68
C ALA L 182 -64.68 21.23 -39.57
N ALA L 183 -64.94 22.53 -39.75
CA ALA L 183 -64.44 23.54 -38.83
C ALA L 183 -65.47 24.02 -37.82
N VAL L 184 -66.69 23.49 -37.84
CA VAL L 184 -67.73 23.97 -36.94
C VAL L 184 -68.35 22.79 -36.21
N ALA L 185 -68.87 21.82 -36.95
CA ALA L 185 -69.56 20.70 -36.33
C ALA L 185 -68.66 19.90 -35.41
N ASP L 186 -67.34 20.00 -35.58
CA ASP L 186 -66.38 19.19 -34.84
C ASP L 186 -65.70 19.96 -33.72
N GLU L 187 -65.07 21.09 -34.04
CA GLU L 187 -63.96 21.60 -33.25
C GLU L 187 -64.35 22.63 -32.21
N GLU L 188 -65.61 22.69 -31.83
CA GLU L 188 -65.82 23.29 -30.51
C GLU L 188 -66.72 22.44 -29.63
N GLU L 189 -67.74 21.78 -30.20
CA GLU L 189 -68.60 20.93 -29.40
C GLU L 189 -67.84 19.78 -28.76
N ALA L 190 -66.85 19.23 -29.46
CA ALA L 190 -66.00 18.21 -28.85
C ALA L 190 -65.19 18.80 -27.70
N ASN L 191 -64.54 19.95 -27.95
CA ASN L 191 -63.83 20.63 -26.88
C ASN L 191 -64.80 21.11 -25.80
N ARG L 192 -66.02 21.50 -26.19
CA ARG L 192 -67.00 21.89 -25.19
C ARG L 192 -67.33 20.74 -24.26
N GLN L 193 -67.52 19.53 -24.81
CA GLN L 193 -67.83 18.39 -23.97
C GLN L 193 -66.64 17.97 -23.12
N VAL L 194 -65.43 18.09 -23.67
CA VAL L 194 -64.23 17.79 -22.89
C VAL L 194 -64.13 18.75 -21.71
N ILE L 195 -64.36 20.04 -21.97
CA ILE L 195 -64.34 21.03 -20.89
C ILE L 195 -65.43 20.73 -19.88
N GLN L 196 -66.60 20.31 -20.35
CA GLN L 196 -67.69 19.93 -19.45
C GLN L 196 -67.26 18.83 -18.49
N GLN L 197 -66.71 17.74 -19.04
CA GLN L 197 -66.33 16.62 -18.18
C GLN L 197 -65.19 17.00 -17.25
N GLY L 198 -64.25 17.82 -17.73
CA GLY L 198 -63.16 18.26 -16.87
C GLY L 198 -63.63 19.10 -15.71
N ALA L 199 -64.55 20.04 -15.99
CA ALA L 199 -65.10 20.86 -14.93
C ALA L 199 -65.91 20.03 -13.94
N ALA L 200 -66.65 19.04 -14.44
CA ALA L 200 -67.40 18.16 -13.55
C ALA L 200 -66.46 17.41 -12.62
N GLU L 201 -65.38 16.87 -13.16
CA GLU L 201 -64.41 16.16 -12.32
C GLU L 201 -63.75 17.10 -11.33
N GLY L 202 -63.41 18.32 -11.76
CA GLY L 202 -62.79 19.26 -10.85
C GLY L 202 -63.70 19.65 -9.71
N LEU L 203 -64.99 19.85 -9.99
CA LEU L 203 -65.95 20.08 -8.92
C LEU L 203 -66.05 18.88 -8.00
N ARG L 204 -66.10 17.68 -8.58
CA ARG L 204 -66.33 16.48 -7.79
C ARG L 204 -65.18 16.23 -6.82
N THR L 205 -63.95 16.34 -7.29
CA THR L 205 -62.80 16.03 -6.45
C THR L 205 -62.30 17.24 -5.66
N GLY L 206 -62.85 18.42 -5.90
CA GLY L 206 -62.40 19.59 -5.18
C GLY L 206 -61.04 20.11 -5.57
N ALA L 207 -60.46 19.62 -6.67
CA ALA L 207 -59.15 20.09 -7.08
C ALA L 207 -59.19 21.56 -7.46
N VAL L 208 -60.23 21.99 -8.15
CA VAL L 208 -60.40 23.37 -8.57
C VAL L 208 -61.73 23.88 -8.03
N SER L 209 -61.69 25.04 -7.39
CA SER L 209 -62.84 25.57 -6.67
C SER L 209 -63.65 26.53 -7.55
N ARG L 210 -64.82 26.92 -7.03
CA ARG L 210 -65.71 27.81 -7.77
C ARG L 210 -65.09 29.17 -8.07
N PRO L 211 -64.45 29.87 -7.12
CA PRO L 211 -63.93 31.20 -7.45
C PRO L 211 -62.93 31.20 -8.59
N GLU L 212 -62.15 30.13 -8.75
CA GLU L 212 -61.22 30.06 -9.89
C GLU L 212 -61.98 30.12 -11.20
N MET L 213 -63.05 29.33 -11.33
CA MET L 213 -63.84 29.37 -12.55
C MET L 213 -64.57 30.69 -12.71
N ALA L 214 -65.04 31.30 -11.62
CA ALA L 214 -65.67 32.61 -11.74
C ALA L 214 -64.69 33.62 -12.31
N GLN L 215 -63.46 33.63 -11.78
CA GLN L 215 -62.45 34.56 -12.29
C GLN L 215 -62.09 34.25 -13.74
N ALA L 216 -61.99 32.97 -14.08
CA ALA L 216 -61.67 32.60 -15.46
C ALA L 216 -62.76 33.07 -16.42
N VAL L 217 -64.02 32.91 -16.02
CA VAL L 217 -65.14 33.36 -16.85
C VAL L 217 -65.09 34.86 -17.01
N VAL L 218 -64.79 35.59 -15.93
CA VAL L 218 -64.73 37.04 -16.01
C VAL L 218 -63.63 37.48 -16.98
N GLU L 219 -62.45 36.86 -16.87
CA GLU L 219 -61.36 37.21 -17.80
C GLU L 219 -61.73 36.86 -19.24
N ALA L 220 -62.37 35.71 -19.44
CA ALA L 220 -62.75 35.33 -20.80
C ALA L 220 -63.73 36.33 -21.40
N ASP L 221 -64.72 36.75 -20.62
CA ASP L 221 -65.67 37.74 -21.11
C ASP L 221 -64.99 39.07 -21.39
N ALA L 222 -64.08 39.49 -20.52
CA ALA L 222 -63.38 40.75 -20.74
C ALA L 222 -62.54 40.69 -22.01
N GLN L 223 -61.84 39.58 -22.23
CA GLN L 223 -61.05 39.42 -23.46
C GLN L 223 -61.96 39.40 -24.68
N ARG L 224 -63.14 38.79 -24.56
CA ARG L 224 -64.10 38.81 -25.65
C ARG L 224 -64.52 40.23 -25.98
N GLU L 225 -64.74 41.05 -24.96
CA GLU L 225 -65.05 42.46 -25.18
C GLU L 225 -63.82 43.28 -25.52
N GLY L 226 -62.62 42.70 -25.38
CA GLY L 226 -61.40 43.41 -25.73
C GLY L 226 -61.14 44.67 -24.93
N VAL L 227 -61.43 44.63 -23.63
CA VAL L 227 -61.22 45.77 -22.75
C VAL L 227 -60.41 45.30 -21.54
N GLU L 228 -59.36 46.05 -21.21
CA GLU L 228 -58.54 45.72 -20.06
C GLU L 228 -59.34 45.95 -18.78
N LEU L 229 -59.21 45.03 -17.82
CA LEU L 229 -59.98 45.08 -16.59
C LEU L 229 -59.16 45.73 -15.48
N LYS L 230 -59.74 46.72 -14.84
CA LYS L 230 -59.11 47.35 -13.68
C LYS L 230 -59.30 46.46 -12.46
N PRO L 231 -58.29 46.27 -11.62
CA PRO L 231 -58.36 45.21 -10.59
C PRO L 231 -59.55 45.30 -9.65
N GLN L 232 -59.93 46.50 -9.21
CA GLN L 232 -60.93 46.60 -8.15
C GLN L 232 -62.31 46.17 -8.65
N GLU L 233 -62.81 46.82 -9.69
CA GLU L 233 -64.07 46.33 -10.23
C GLU L 233 -63.94 44.96 -10.87
N LEU L 234 -62.72 44.50 -11.17
CA LEU L 234 -62.53 43.10 -11.54
C LEU L 234 -62.94 42.20 -10.37
N LYS L 235 -62.50 42.52 -9.17
CA LYS L 235 -62.97 41.81 -7.99
C LYS L 235 -64.49 41.94 -7.86
N ASN L 236 -65.03 43.10 -8.21
CA ASN L 236 -66.48 43.27 -8.17
C ASN L 236 -67.20 42.31 -9.11
N ARG L 237 -66.71 42.18 -10.34
CA ARG L 237 -67.32 41.23 -11.27
C ARG L 237 -67.17 39.81 -10.77
N VAL L 238 -66.01 39.49 -10.18
CA VAL L 238 -65.83 38.15 -9.63
C VAL L 238 -66.88 37.88 -8.55
N ASN L 239 -67.10 38.86 -7.67
CA ASN L 239 -68.07 38.67 -6.59
C ASN L 239 -69.48 38.51 -7.12
N GLU L 240 -69.87 39.34 -8.10
CA GLU L 240 -71.24 39.21 -8.61
C GLU L 240 -71.40 37.92 -9.40
N GLU L 241 -70.36 37.48 -10.09
CA GLU L 241 -70.41 36.18 -10.75
C GLU L 241 -70.58 35.06 -9.74
N LEU L 242 -69.88 35.15 -8.61
CA LEU L 242 -69.99 34.12 -7.58
C LEU L 242 -71.40 34.08 -7.00
N THR L 243 -71.97 35.25 -6.69
CA THR L 243 -73.31 35.24 -6.13
C THR L 243 -74.36 34.88 -7.19
N GLN L 244 -74.04 35.02 -8.47
CA GLN L 244 -74.91 34.50 -9.51
C GLN L 244 -74.82 32.98 -9.60
N MET L 245 -73.61 32.45 -9.47
CA MET L 245 -73.38 31.02 -9.62
C MET L 245 -73.81 30.22 -8.40
N ARG L 246 -73.94 30.85 -7.23
CA ARG L 246 -74.29 30.10 -6.02
C ARG L 246 -75.63 29.38 -6.16
N THR L 247 -76.53 29.85 -7.03
CA THR L 247 -77.84 29.25 -7.18
C THR L 247 -77.89 28.14 -8.21
N MET L 248 -76.75 27.51 -8.51
CA MET L 248 -76.69 26.42 -9.47
C MET L 248 -75.88 25.27 -8.89
N ASP L 249 -76.24 24.05 -9.32
CA ASP L 249 -75.56 22.85 -8.84
C ASP L 249 -74.28 22.62 -9.64
N ASN L 250 -73.59 21.52 -9.32
CA ASN L 250 -72.29 21.26 -9.92
C ASN L 250 -72.40 21.03 -11.43
N ASP L 251 -73.37 20.23 -11.85
CA ASP L 251 -73.49 19.93 -13.27
C ASP L 251 -73.97 21.15 -14.06
N ASP L 252 -74.90 21.92 -13.51
CA ASP L 252 -75.26 23.18 -14.16
C ASP L 252 -74.07 24.12 -14.21
N LEU L 253 -73.23 24.11 -13.17
CA LEU L 253 -72.01 24.91 -13.19
C LEU L 253 -71.10 24.48 -14.33
N SER L 254 -70.96 23.17 -14.54
CA SER L 254 -70.12 22.69 -15.64
C SER L 254 -70.68 23.12 -16.98
N ARG L 255 -72.00 23.01 -17.17
CA ARG L 255 -72.62 23.48 -18.40
C ARG L 255 -72.33 24.95 -18.64
N TYR L 256 -72.56 25.77 -17.60
CA TYR L 256 -72.38 27.22 -17.74
C TYR L 256 -70.92 27.54 -18.05
N VAL L 257 -69.99 26.89 -17.36
CA VAL L 257 -68.57 27.16 -17.57
C VAL L 257 -68.17 26.79 -18.99
N SER L 258 -68.60 25.61 -19.47
CA SER L 258 -68.27 25.20 -20.82
C SER L 258 -68.80 26.21 -21.84
N TYR L 259 -70.06 26.59 -21.69
CA TYR L 259 -70.65 27.54 -22.63
C TYR L 259 -69.92 28.87 -22.61
N ALA L 260 -69.57 29.36 -21.41
CA ALA L 260 -68.92 30.65 -21.30
C ALA L 260 -67.52 30.64 -21.90
N LEU L 261 -66.72 29.61 -21.59
CA LEU L 261 -65.36 29.57 -22.10
C LEU L 261 -65.30 29.17 -23.57
N ILE L 262 -66.36 28.61 -24.14
CA ILE L 262 -66.36 28.23 -25.54
C ILE L 262 -67.27 29.08 -26.40
N GLY L 263 -68.16 29.87 -25.79
CA GLY L 263 -69.11 30.68 -26.55
C GLY L 263 -68.47 31.62 -27.54
N THR L 264 -68.72 31.40 -28.83
CA THR L 264 -68.16 32.22 -29.89
C THR L 264 -69.22 32.31 -30.99
N GLY L 265 -68.85 32.89 -32.14
CA GLY L 265 -69.77 33.00 -33.25
C GLY L 265 -69.73 34.35 -33.95
N LEU L 266 -70.87 35.03 -33.99
CA LEU L 266 -71.04 36.34 -34.65
C LEU L 266 -70.74 36.13 -36.14
N LEU L 267 -70.12 37.11 -36.81
CA LEU L 267 -69.90 37.06 -38.25
C LEU L 267 -68.46 37.41 -38.57
N ALA L 268 -67.97 36.86 -39.68
CA ALA L 268 -66.62 37.15 -40.16
C ALA L 268 -66.66 37.40 -41.66
N SER L 269 -65.81 38.32 -42.10
CA SER L 269 -65.64 38.68 -43.52
C SER L 269 -66.98 39.15 -44.08
N ALA L 270 -67.18 39.02 -45.39
CA ALA L 270 -68.39 39.46 -46.06
C ALA L 270 -68.85 38.38 -47.04
N ILE L 271 -68.83 37.13 -46.58
CA ILE L 271 -69.07 35.95 -47.40
C ILE L 271 -70.07 35.05 -46.68
N ASP L 272 -70.27 33.85 -47.23
CA ASP L 272 -71.13 32.82 -46.66
C ASP L 272 -70.47 32.21 -45.43
N LYS L 273 -70.92 31.02 -45.03
CA LYS L 273 -70.48 30.24 -43.87
C LYS L 273 -71.23 30.69 -42.61
N THR L 274 -72.15 31.67 -42.74
CA THR L 274 -72.84 32.19 -41.56
C THR L 274 -74.11 31.40 -41.25
N GLY L 275 -75.02 31.30 -42.23
CA GLY L 275 -76.36 30.82 -41.92
C GLY L 275 -76.41 29.37 -41.49
N LYS L 276 -75.70 28.49 -42.20
CA LYS L 276 -75.73 27.08 -41.82
C LYS L 276 -74.96 26.85 -40.53
N ALA L 277 -73.91 27.65 -40.28
CA ALA L 277 -73.31 27.65 -38.95
C ALA L 277 -74.36 27.94 -37.89
N GLY L 278 -75.18 28.97 -38.12
CA GLY L 278 -76.21 29.32 -37.16
C GLY L 278 -77.21 28.19 -36.94
N ASP L 279 -77.67 27.58 -38.04
CA ASP L 279 -78.70 26.56 -37.87
C ASP L 279 -78.14 25.30 -37.22
N MET L 280 -76.86 24.97 -37.45
CA MET L 280 -76.33 23.79 -36.79
C MET L 280 -75.98 24.07 -35.33
N PHE L 281 -75.55 25.30 -34.99
CA PHE L 281 -75.54 25.69 -33.59
C PHE L 281 -76.90 25.49 -32.95
N ALA L 282 -77.96 25.93 -33.64
CA ALA L 282 -79.30 25.71 -33.12
C ALA L 282 -79.56 24.22 -32.90
N ALA L 283 -79.38 23.42 -33.95
CA ALA L 283 -79.66 21.99 -33.86
C ALA L 283 -78.95 21.36 -32.67
N SER L 284 -77.66 21.68 -32.50
CA SER L 284 -76.93 21.14 -31.34
C SER L 284 -77.53 21.64 -30.03
N TYR L 285 -77.92 22.91 -29.98
CA TYR L 285 -78.49 23.47 -28.75
C TYR L 285 -79.78 22.74 -28.37
N GLU L 286 -80.78 22.78 -29.26
CA GLU L 286 -82.03 22.07 -28.99
C GLU L 286 -81.83 20.58 -28.78
N ARG L 287 -80.79 20.00 -29.37
CA ARG L 287 -80.48 18.60 -29.08
C ARG L 287 -80.05 18.44 -27.63
N GLN L 288 -79.25 19.39 -27.11
CA GLN L 288 -78.89 19.36 -25.70
C GLN L 288 -80.11 19.53 -24.81
N LEU L 289 -80.97 20.50 -25.11
CA LEU L 289 -82.18 20.67 -24.29
C LEU L 289 -83.08 19.45 -24.34
N ASP L 290 -83.26 18.83 -25.52
CA ASP L 290 -84.15 17.68 -25.57
C ASP L 290 -83.56 16.48 -24.84
N ARG L 291 -82.23 16.30 -24.88
CA ARG L 291 -81.69 15.23 -24.03
C ARG L 291 -81.85 15.57 -22.56
N ASN L 292 -81.81 16.87 -22.21
CA ASN L 292 -82.04 17.25 -20.82
C ASN L 292 -83.44 16.87 -20.39
N LEU L 293 -84.44 17.16 -21.23
CA LEU L 293 -85.81 16.78 -20.90
C LEU L 293 -85.97 15.27 -20.84
N GLN L 294 -85.32 14.55 -21.75
CA GLN L 294 -85.47 13.10 -21.76
C GLN L 294 -84.78 12.45 -20.55
N ALA L 295 -83.71 13.06 -20.05
CA ALA L 295 -83.04 12.55 -18.86
C ALA L 295 -83.68 13.03 -17.57
N GLY L 296 -84.49 14.08 -17.63
CA GLY L 296 -85.18 14.56 -16.45
C GLY L 296 -86.41 13.77 -16.06
N ILE L 297 -86.77 12.74 -16.82
CA ILE L 297 -87.91 11.91 -16.46
C ILE L 297 -87.64 11.09 -15.20
N ASN L 298 -86.36 10.93 -14.84
CA ASN L 298 -85.96 10.25 -13.62
C ASN L 298 -86.45 8.80 -13.58
N GLN L 299 -86.59 8.26 -12.37
CA GLN L 299 -87.00 6.88 -12.17
C GLN L 299 -88.36 6.84 -11.48
N GLN L 300 -89.04 5.71 -11.63
CA GLN L 300 -90.35 5.48 -11.06
C GLN L 300 -90.28 4.32 -10.06
N LYS L 301 -91.46 3.89 -9.60
CA LYS L 301 -91.62 2.77 -8.67
C LYS L 301 -91.11 3.12 -7.27
N MET L 302 -91.70 2.48 -6.26
CA MET L 302 -91.38 2.72 -4.86
C MET L 302 -90.28 1.81 -4.34
N ALA L 303 -89.69 0.97 -5.18
CA ALA L 303 -88.54 0.13 -4.88
C ALA L 303 -88.86 -0.98 -3.87
N ALA L 304 -90.14 -1.30 -3.69
CA ALA L 304 -90.54 -2.48 -2.94
C ALA L 304 -91.31 -3.49 -3.76
N ALA L 305 -92.08 -3.04 -4.76
CA ALA L 305 -92.74 -3.98 -5.67
C ALA L 305 -91.72 -4.65 -6.59
N ALA L 306 -90.68 -3.93 -6.99
CA ALA L 306 -89.64 -4.53 -7.83
C ALA L 306 -88.96 -5.69 -7.11
N ALA L 307 -88.79 -5.58 -5.80
CA ALA L 307 -88.27 -6.69 -5.03
C ALA L 307 -89.20 -7.89 -5.11
N ASP L 308 -90.51 -7.64 -5.04
CA ASP L 308 -91.48 -8.73 -5.17
C ASP L 308 -91.39 -9.40 -6.55
N ARG L 309 -91.24 -8.59 -7.60
CA ARG L 309 -91.10 -9.16 -8.94
C ARG L 309 -89.83 -10.00 -9.05
N GLN L 310 -88.72 -9.50 -8.51
CA GLN L 310 -87.48 -10.27 -8.55
C GLN L 310 -87.61 -11.57 -7.77
N ILE L 311 -88.27 -11.52 -6.62
CA ILE L 311 -88.49 -12.74 -5.83
C ILE L 311 -89.33 -13.73 -6.63
N LYS L 312 -90.37 -13.25 -7.31
CA LYS L 312 -91.21 -14.13 -8.10
C LYS L 312 -90.43 -14.79 -9.24
N GLU L 313 -89.61 -14.01 -9.95
CA GLU L 313 -88.81 -14.59 -11.02
C GLU L 313 -87.83 -15.62 -10.48
N LYS L 314 -87.19 -15.33 -9.35
CA LYS L 314 -86.28 -16.30 -8.76
C LYS L 314 -87.03 -17.56 -8.34
N ASP L 315 -88.27 -17.41 -7.86
CA ASP L 315 -89.08 -18.56 -7.51
C ASP L 315 -89.37 -19.42 -8.72
N LEU L 316 -89.74 -18.80 -9.84
CA LEU L 316 -89.92 -19.57 -11.08
C LEU L 316 -88.60 -20.21 -11.54
N GLU L 317 -87.46 -19.59 -11.23
CA GLU L 317 -86.19 -20.20 -11.59
C GLU L 317 -85.92 -21.47 -10.78
N ARG L 318 -86.07 -21.40 -9.46
CA ARG L 318 -85.85 -22.60 -8.66
C ARG L 318 -86.90 -23.66 -8.95
N LYS L 319 -88.13 -23.25 -9.20
CA LYS L 319 -89.19 -24.19 -9.56
C LYS L 319 -88.98 -24.74 -10.96
#